data_3L8B
#
_entry.id   3L8B
#
_cell.length_a   78.276
_cell.length_b   120.246
_cell.length_c   136.963
_cell.angle_alpha   90.00
_cell.angle_beta   95.96
_cell.angle_gamma   90.00
#
_symmetry.space_group_name_H-M   'P 1 21 1'
#
loop_
_entity.id
_entity.type
_entity.pdbx_description
1 polymer 'DNA polymerase'
2 polymer "DNA (5'-D(*AP*C*TP*(G35)P*TP*TP*AP*AP*GP*CP*AP*GP*TP*CP*CP*GP*CP*G)-3')"
3 polymer "DNA (5'-D(*GP*CP*GP*GP*AP*CP*TP*GP*CP*TP*TP*AP*A)-3')"
4 non-polymer 'SULFATE ION'
5 water water
#
loop_
_entity_poly.entity_id
_entity_poly.type
_entity_poly.pdbx_seq_one_letter_code
_entity_poly.pdbx_strand_id
1 'polypeptide(L)'
;MKEFYLTVEQIGDSIFERYIDSNGRERTREVEYKPSLFAHCPESQATKYFDIYGKPCTRKLFANMRDASQWIKRMEDIGL
EALGMDDFKLAYLSDTYNYEIKYDHTKIRVANFDIEVTSPDGFPEPSQAKHPIDAITHYDSIDDRFYVFDLLNSPYGNVE
EWSIEIAAKLQEQGGDEVPSEIIDKIIYMPFDNEKELLMEYLNFWQQKTPVILTGWNVESFAIPYVYNRIKNIFGESTAK
RLSPHRKTRVKVIENMYGSREIITLFGISVLDYIDLYKKFSFTNQPSYSLDYISEFELNVGKLKYDGPISKLRESNHQRY
ISYNIIAVYRVLQIDAKRQFINLSLDMGYYAKIQIQSVFSPIKTWDAIIFNSLKEQNKVIPQGRSHPVQPYPGAFVKEPI
PNRYKYVMSFDLTSLYPSIIRQVNISPETIAGTFKVAPLHDYINAVAERPSDVYSCSPNGMMYYKDRDGVVPTEITKVFN
QRKEHKGYMLAAQRNGEIIKEALHNPNLSVDEPLDVDYRFDFSDEIKEKIKKLSAKSLNEMLFRAQRTEVAGMTAQINRK
LLINSLYGALGNVWFRYYDLRNATAITTFGQMALQWIERKVNEYLNEVCGTEGEAFVLYGDTDSIYVSADKIIDKVGESK
FRDTNHWVDFLDKFARERMEPAIDRGFREMCEYMNNKQHLMFMDREAIAGPPLGSKGIGGFWTGKKRYALNVWDMEGTRY
AEPKLKIMGLETQKSSTPKAVQKALKECIRRMLQEGEESLQEYFKEFEKEFRQLNYISIASVSSANNIAKYDVGGFPGPK
CPFHIRGILTYNRAIKGNIDAPQVVEGEKVYVLPLREGNPFGDKCIAWPSGTEITDLIKDDVLHWMDYTVLLEKTFIKPL
EGFTSAAKLDYEKKASLFDMFDFHHH
;
A,B
2 'polydeoxyribonucleotide' (DA)(DC)(DT)(G35)(DT)(DT)(DA)(DA)(DG)(DC)(DA)(DG)(DT)(DC)(DC)(DG)(DC)(DG) C,E
3 'polydeoxyribonucleotide' (DG)(DC)(DG)(DG)(DA)(DC)(DT)(DG)(DC)(DT)(DT)(DA)(DA) D,F
#
loop_
_chem_comp.id
_chem_comp.type
_chem_comp.name
_chem_comp.formula
DA DNA linking 2'-DEOXYADENOSINE-5'-MONOPHOSPHATE 'C10 H14 N5 O6 P'
DC DNA linking 2'-DEOXYCYTIDINE-5'-MONOPHOSPHATE 'C9 H14 N3 O7 P'
DG DNA linking 2'-DEOXYGUANOSINE-5'-MONOPHOSPHATE 'C10 H14 N5 O7 P'
DT DNA linking THYMIDINE-5'-MONOPHOSPHATE 'C10 H15 N2 O8 P'
G35 DNA linking (5R)-5-carbamimidamido-1-(2-deoxy-5-O-phosphono-beta-D-erythro-pentofuranosyl)imidazolidine-2,4-dione 'C9 H16 N5 O8 P'
SO4 non-polymer 'SULFATE ION' 'O4 S -2'
#
# COMPACT_ATOMS: atom_id res chain seq x y z
N MET A 1 -39.10 -11.96 -10.69
CA MET A 1 -37.97 -11.03 -10.43
C MET A 1 -38.27 -10.17 -9.20
N LYS A 2 -37.26 -9.38 -8.78
CA LYS A 2 -37.41 -8.49 -7.64
C LYS A 2 -38.34 -7.34 -8.00
N GLU A 3 -39.31 -7.04 -7.15
CA GLU A 3 -40.23 -5.96 -7.42
C GLU A 3 -39.58 -4.60 -7.14
N PHE A 4 -39.99 -3.59 -7.89
CA PHE A 4 -39.48 -2.25 -7.69
C PHE A 4 -40.51 -1.21 -8.10
N TYR A 5 -40.49 -0.07 -7.43
CA TYR A 5 -41.45 0.99 -7.74
C TYR A 5 -41.09 1.78 -8.99
N LEU A 6 -42.09 2.47 -9.53
CA LEU A 6 -41.91 3.33 -10.70
C LEU A 6 -42.13 4.77 -10.23
N THR A 7 -43.27 5.03 -9.62
CA THR A 7 -43.58 6.36 -9.12
C THR A 7 -44.35 6.22 -7.81
N VAL A 8 -44.33 7.28 -7.01
CA VAL A 8 -45.07 7.28 -5.76
C VAL A 8 -45.55 8.69 -5.45
N GLU A 9 -46.80 8.79 -5.00
CA GLU A 9 -47.41 10.06 -4.67
C GLU A 9 -48.18 9.92 -3.38
N GLN A 10 -48.39 11.04 -2.70
CA GLN A 10 -49.17 11.08 -1.48
C GLN A 10 -50.34 12.01 -1.77
N ILE A 11 -51.55 11.47 -1.79
CA ILE A 11 -52.72 12.30 -2.03
C ILE A 11 -53.67 12.09 -0.85
N GLY A 12 -53.65 13.02 0.08
CA GLY A 12 -54.50 12.89 1.26
C GLY A 12 -53.97 11.78 2.13
N ASP A 13 -54.86 10.93 2.63
CA ASP A 13 -54.45 9.83 3.49
C ASP A 13 -54.02 8.61 2.71
N SER A 14 -53.88 8.77 1.40
CA SER A 14 -53.48 7.64 0.58
C SER A 14 -52.21 7.84 -0.23
N ILE A 15 -51.52 6.73 -0.45
CA ILE A 15 -50.32 6.74 -1.25
C ILE A 15 -50.62 6.00 -2.54
N PHE A 16 -50.32 6.63 -3.67
CA PHE A 16 -50.53 6.03 -4.97
C PHE A 16 -49.20 5.59 -5.56
N GLU A 17 -49.05 4.30 -5.79
CA GLU A 17 -47.81 3.77 -6.32
C GLU A 17 -47.98 2.96 -7.60
N ARG A 18 -47.11 3.21 -8.57
CA ARG A 18 -47.08 2.45 -9.81
C ARG A 18 -45.78 1.67 -9.64
N TYR A 19 -45.81 0.37 -9.92
CA TYR A 19 -44.62 -0.45 -9.74
C TYR A 19 -44.58 -1.65 -10.67
N ILE A 20 -43.46 -2.35 -10.65
CA ILE A 20 -43.28 -3.56 -11.47
C ILE A 20 -43.30 -4.75 -10.53
N ASP A 21 -44.28 -5.64 -10.68
CA ASP A 21 -44.38 -6.80 -9.80
C ASP A 21 -43.43 -7.93 -10.14
N SER A 22 -43.52 -9.02 -9.37
CA SER A 22 -42.69 -10.20 -9.54
C SER A 22 -42.61 -10.67 -10.98
N ASN A 23 -43.76 -10.68 -11.66
CA ASN A 23 -43.85 -11.12 -13.04
C ASN A 23 -43.31 -10.11 -14.02
N GLY A 24 -42.92 -8.94 -13.53
CA GLY A 24 -42.37 -7.92 -14.40
C GLY A 24 -43.46 -7.12 -15.08
N ARG A 25 -44.66 -7.15 -14.50
CA ARG A 25 -45.76 -6.41 -15.07
C ARG A 25 -46.05 -5.14 -14.26
N GLU A 26 -46.30 -4.03 -14.95
CA GLU A 26 -46.59 -2.77 -14.29
C GLU A 26 -47.95 -2.82 -13.63
N ARG A 27 -48.00 -2.42 -12.35
CA ARG A 27 -49.24 -2.44 -11.61
C ARG A 27 -49.41 -1.11 -10.89
N THR A 28 -50.60 -0.91 -10.33
CA THR A 28 -50.90 0.30 -9.61
C THR A 28 -51.69 -0.06 -8.37
N ARG A 29 -51.57 0.76 -7.34
CA ARG A 29 -52.30 0.51 -6.10
C ARG A 29 -52.37 1.74 -5.22
N GLU A 30 -53.47 1.85 -4.50
CA GLU A 30 -53.73 2.95 -3.58
C GLU A 30 -53.65 2.36 -2.18
N VAL A 31 -52.74 2.88 -1.36
CA VAL A 31 -52.57 2.36 0.01
C VAL A 31 -52.86 3.37 1.11
N GLU A 32 -53.57 2.92 2.15
CA GLU A 32 -53.91 3.76 3.28
C GLU A 32 -52.72 3.63 4.24
N TYR A 33 -51.58 4.16 3.83
CA TYR A 33 -50.36 4.07 4.61
C TYR A 33 -50.47 4.58 6.05
N LYS A 34 -50.04 3.74 7.00
CA LYS A 34 -50.06 4.10 8.41
C LYS A 34 -48.62 4.36 8.80
N PRO A 35 -48.21 5.64 8.82
CA PRO A 35 -46.85 6.05 9.16
C PRO A 35 -46.53 6.04 10.65
N SER A 36 -45.25 6.05 10.96
CA SER A 36 -44.80 6.08 12.35
C SER A 36 -43.81 7.24 12.51
N LEU A 37 -43.85 7.87 13.68
CA LEU A 37 -42.93 8.95 14.02
C LEU A 37 -42.47 8.60 15.43
N PHE A 38 -41.51 9.35 15.96
CA PHE A 38 -40.99 9.02 17.29
C PHE A 38 -40.83 10.22 18.19
N ALA A 39 -40.80 9.96 19.49
CA ALA A 39 -40.63 10.98 20.51
C ALA A 39 -39.74 10.40 21.60
N HIS A 40 -38.95 11.25 22.24
CA HIS A 40 -38.10 10.76 23.31
C HIS A 40 -38.96 10.20 24.44
N CYS A 41 -38.47 9.16 25.08
CA CYS A 41 -39.19 8.53 26.18
C CYS A 41 -38.21 8.40 27.34
N PRO A 42 -38.73 8.24 28.57
CA PRO A 42 -37.83 8.09 29.71
C PRO A 42 -36.95 6.86 29.56
N GLU A 43 -35.77 6.91 30.17
CA GLU A 43 -34.82 5.81 30.09
C GLU A 43 -35.45 4.52 30.59
N SER A 44 -36.21 4.62 31.69
CA SER A 44 -36.87 3.47 32.28
C SER A 44 -37.61 2.61 31.28
N GLN A 45 -38.15 3.25 30.24
CA GLN A 45 -38.90 2.53 29.22
C GLN A 45 -37.99 1.87 28.21
N ALA A 46 -38.07 0.55 28.14
CA ALA A 46 -37.25 -0.20 27.21
C ALA A 46 -37.88 -0.21 25.82
N THR A 47 -37.04 0.05 24.83
CA THR A 47 -37.48 0.06 23.44
C THR A 47 -36.28 -0.33 22.62
N LYS A 48 -36.48 -0.52 21.32
CA LYS A 48 -35.36 -0.86 20.47
C LYS A 48 -34.93 0.36 19.65
N TYR A 49 -35.71 1.42 19.72
CA TYR A 49 -35.41 2.65 18.96
C TYR A 49 -34.62 3.70 19.73
N PHE A 50 -33.54 4.16 19.13
CA PHE A 50 -32.68 5.19 19.71
C PHE A 50 -32.36 6.25 18.66
N ASP A 51 -32.30 7.52 19.07
CA ASP A 51 -31.97 8.56 18.11
C ASP A 51 -30.46 8.51 17.89
N ILE A 52 -29.93 9.35 17.00
CA ILE A 52 -28.50 9.27 16.74
C ILE A 52 -27.61 9.66 17.91
N TYR A 53 -28.19 10.26 18.95
CA TYR A 53 -27.41 10.65 20.11
C TYR A 53 -27.43 9.57 21.18
N GLY A 54 -28.09 8.45 20.87
CA GLY A 54 -28.17 7.36 21.82
C GLY A 54 -29.33 7.46 22.79
N LYS A 55 -30.25 8.39 22.56
CA LYS A 55 -31.38 8.53 23.47
C LYS A 55 -32.54 7.64 23.04
N PRO A 56 -33.21 7.01 24.00
CA PRO A 56 -34.35 6.13 23.70
C PRO A 56 -35.57 6.87 23.17
N CYS A 57 -36.26 6.24 22.22
CA CYS A 57 -37.45 6.82 21.63
C CYS A 57 -38.57 5.81 21.62
N THR A 58 -39.79 6.33 21.70
CA THR A 58 -40.96 5.50 21.64
C THR A 58 -41.61 5.75 20.27
N ARG A 59 -42.04 4.65 19.63
CA ARG A 59 -42.67 4.73 18.32
C ARG A 59 -44.13 5.13 18.41
N LYS A 60 -44.55 6.03 17.54
CA LYS A 60 -45.93 6.50 17.48
C LYS A 60 -46.50 6.07 16.14
N LEU A 61 -47.38 5.07 16.17
CA LEU A 61 -48.01 4.57 14.95
C LEU A 61 -49.31 5.35 14.73
N PHE A 62 -49.49 5.92 13.55
CA PHE A 62 -50.70 6.68 13.26
C PHE A 62 -51.67 5.99 12.32
N ALA A 63 -52.94 6.33 12.48
CA ALA A 63 -54.01 5.76 11.66
C ALA A 63 -53.84 6.19 10.21
N ASN A 64 -53.46 7.45 9.99
CA ASN A 64 -53.27 7.97 8.65
C ASN A 64 -52.21 9.07 8.63
N MET A 65 -51.81 9.48 7.42
CA MET A 65 -50.77 10.49 7.31
C MET A 65 -51.18 11.86 7.82
N ARG A 66 -52.48 12.12 7.77
CA ARG A 66 -53.06 13.38 8.25
C ARG A 66 -52.78 13.51 9.75
N ASP A 67 -53.13 12.45 10.50
CA ASP A 67 -52.92 12.42 11.95
C ASP A 67 -51.45 12.64 12.32
N ALA A 68 -50.56 12.07 11.52
CA ALA A 68 -49.12 12.20 11.76
C ALA A 68 -48.69 13.66 11.58
N SER A 69 -49.11 14.29 10.48
CA SER A 69 -48.76 15.68 10.22
C SER A 69 -49.25 16.57 11.35
N GLN A 70 -50.51 16.39 11.72
CA GLN A 70 -51.11 17.18 12.79
C GLN A 70 -50.35 16.99 14.10
N TRP A 71 -49.88 15.77 14.34
CA TRP A 71 -49.15 15.49 15.56
C TRP A 71 -47.85 16.30 15.58
N ILE A 72 -47.17 16.34 14.44
CA ILE A 72 -45.93 17.10 14.34
C ILE A 72 -46.17 18.57 14.72
N LYS A 73 -47.24 19.15 14.21
CA LYS A 73 -47.54 20.55 14.50
C LYS A 73 -47.80 20.74 15.99
N ARG A 74 -48.50 19.80 16.61
CA ARG A 74 -48.76 19.90 18.03
C ARG A 74 -47.45 19.80 18.82
N MET A 75 -46.54 18.94 18.36
CA MET A 75 -45.26 18.80 19.04
C MET A 75 -44.46 20.08 18.88
N GLU A 76 -44.58 20.71 17.71
CA GLU A 76 -43.89 21.97 17.46
C GLU A 76 -44.55 23.01 18.36
N ASP A 77 -45.88 22.95 18.45
CA ASP A 77 -46.65 23.87 19.30
C ASP A 77 -46.18 23.74 20.75
N ILE A 78 -46.04 22.50 21.21
CA ILE A 78 -45.61 22.23 22.58
C ILE A 78 -44.13 22.53 22.75
N GLY A 79 -43.35 22.34 21.68
CA GLY A 79 -41.92 22.60 21.76
C GLY A 79 -41.05 21.39 22.08
N LEU A 80 -41.42 20.21 21.56
CA LEU A 80 -40.64 19.00 21.78
C LEU A 80 -40.28 18.40 20.42
N GLU A 81 -39.12 17.76 20.34
CA GLU A 81 -38.70 17.18 19.08
C GLU A 81 -39.60 16.04 18.61
N ALA A 82 -39.95 16.08 17.34
CA ALA A 82 -40.77 15.06 16.72
C ALA A 82 -39.85 14.36 15.73
N LEU A 83 -39.36 13.18 16.10
CA LEU A 83 -38.44 12.45 15.25
C LEU A 83 -39.05 11.53 14.20
N GLY A 84 -38.20 11.10 13.26
CA GLY A 84 -38.62 10.19 12.20
C GLY A 84 -38.75 10.83 10.83
N MET A 85 -39.00 10.00 9.83
CA MET A 85 -39.13 10.49 8.47
C MET A 85 -40.49 11.19 8.26
N ASP A 86 -40.44 12.50 8.16
CA ASP A 86 -41.65 13.29 7.97
C ASP A 86 -42.15 13.27 6.53
N ASP A 87 -41.31 12.83 5.60
CA ASP A 87 -41.75 12.73 4.20
C ASP A 87 -42.27 11.29 4.11
N PHE A 88 -43.58 11.13 4.21
CA PHE A 88 -44.18 9.80 4.20
C PHE A 88 -43.95 8.97 2.94
N LYS A 89 -43.84 9.61 1.79
CA LYS A 89 -43.58 8.87 0.56
C LYS A 89 -42.27 8.11 0.72
N LEU A 90 -41.26 8.78 1.27
CA LEU A 90 -39.96 8.17 1.49
C LEU A 90 -40.05 7.02 2.48
N ALA A 91 -40.82 7.22 3.55
CA ALA A 91 -40.99 6.18 4.56
C ALA A 91 -41.71 5.00 3.92
N TYR A 92 -42.70 5.29 3.10
CA TYR A 92 -43.46 4.24 2.43
C TYR A 92 -42.52 3.42 1.56
N LEU A 93 -41.71 4.10 0.76
CA LEU A 93 -40.77 3.41 -0.10
C LEU A 93 -39.83 2.53 0.71
N SER A 94 -39.32 3.08 1.81
CA SER A 94 -38.41 2.35 2.69
C SER A 94 -39.03 1.07 3.26
N ASP A 95 -40.30 1.15 3.65
CA ASP A 95 -41.00 -0.01 4.22
C ASP A 95 -41.31 -1.07 3.16
N THR A 96 -41.71 -0.61 1.98
CA THR A 96 -42.08 -1.47 0.88
C THR A 96 -40.90 -2.13 0.17
N TYR A 97 -39.78 -1.43 0.10
CA TYR A 97 -38.59 -1.99 -0.55
C TYR A 97 -37.44 -2.00 0.44
N ASN A 98 -37.61 -2.81 1.47
CA ASN A 98 -36.61 -2.94 2.52
C ASN A 98 -35.45 -3.82 2.07
N TYR A 99 -34.82 -3.41 0.98
CA TYR A 99 -33.68 -4.13 0.41
C TYR A 99 -33.04 -3.28 -0.68
N GLU A 100 -31.89 -3.70 -1.16
CA GLU A 100 -31.21 -2.97 -2.22
C GLU A 100 -32.01 -3.18 -3.50
N ILE A 101 -32.49 -2.09 -4.08
CA ILE A 101 -33.28 -2.18 -5.29
C ILE A 101 -32.53 -2.57 -6.55
N LYS A 102 -33.03 -3.59 -7.22
CA LYS A 102 -32.47 -4.07 -8.48
C LYS A 102 -33.56 -3.76 -9.49
N TYR A 103 -33.29 -2.82 -10.39
CA TYR A 103 -34.30 -2.46 -11.37
C TYR A 103 -33.95 -2.89 -12.78
N ASP A 104 -34.98 -3.04 -13.59
CA ASP A 104 -34.84 -3.43 -15.00
C ASP A 104 -35.41 -2.29 -15.84
N HIS A 105 -34.54 -1.45 -16.36
CA HIS A 105 -34.97 -0.31 -17.16
C HIS A 105 -35.86 -0.66 -18.36
N THR A 106 -35.68 -1.86 -18.93
CA THR A 106 -36.49 -2.27 -20.08
C THR A 106 -37.97 -2.33 -19.74
N LYS A 107 -38.30 -2.32 -18.45
CA LYS A 107 -39.69 -2.38 -17.98
C LYS A 107 -40.25 -1.00 -17.62
N ILE A 108 -39.37 0.00 -17.62
CA ILE A 108 -39.76 1.37 -17.28
C ILE A 108 -40.09 2.11 -18.56
N ARG A 109 -41.32 2.62 -18.67
CA ARG A 109 -41.74 3.34 -19.86
C ARG A 109 -41.23 4.77 -19.87
N VAL A 110 -40.17 5.03 -20.65
CA VAL A 110 -39.59 6.37 -20.75
C VAL A 110 -40.16 6.99 -22.03
N ALA A 111 -40.84 8.10 -21.87
CA ALA A 111 -41.46 8.80 -22.99
C ALA A 111 -40.76 10.10 -23.32
N ASN A 112 -40.49 10.27 -24.60
CA ASN A 112 -39.83 11.46 -25.12
C ASN A 112 -40.76 12.05 -26.20
N PHE A 113 -41.32 13.23 -25.95
CA PHE A 113 -42.20 13.81 -26.95
C PHE A 113 -41.95 15.29 -27.19
N ASP A 114 -42.56 15.78 -28.25
CA ASP A 114 -42.42 17.17 -28.65
C ASP A 114 -43.63 17.55 -29.52
N ILE A 115 -44.14 18.76 -29.33
CA ILE A 115 -45.28 19.18 -30.15
C ILE A 115 -44.96 20.43 -30.96
N GLU A 116 -45.84 20.74 -31.91
CA GLU A 116 -45.71 21.94 -32.74
C GLU A 116 -47.06 22.65 -32.69
N VAL A 117 -47.03 23.98 -32.69
CA VAL A 117 -48.24 24.77 -32.65
C VAL A 117 -48.04 25.95 -33.59
N THR A 118 -48.69 25.90 -34.75
CA THR A 118 -48.57 27.01 -35.69
C THR A 118 -49.26 28.20 -35.04
N SER A 119 -48.54 29.29 -34.86
CA SER A 119 -49.09 30.47 -34.22
C SER A 119 -48.63 31.73 -34.93
N PRO A 120 -49.53 32.38 -35.67
CA PRO A 120 -49.18 33.60 -36.40
C PRO A 120 -49.05 34.85 -35.52
N ASP A 121 -49.83 34.92 -34.45
CA ASP A 121 -49.79 36.11 -33.58
C ASP A 121 -48.83 35.99 -32.39
N GLY A 122 -47.60 35.59 -32.65
CA GLY A 122 -46.63 35.48 -31.58
C GLY A 122 -46.53 34.09 -30.97
N PHE A 123 -45.70 33.98 -29.92
CA PHE A 123 -45.48 32.72 -29.23
C PHE A 123 -46.76 32.19 -28.57
N PRO A 124 -47.12 30.92 -28.84
CA PRO A 124 -48.31 30.29 -28.29
C PRO A 124 -48.20 29.95 -26.80
N GLU A 125 -48.68 30.86 -25.94
CA GLU A 125 -48.63 30.67 -24.50
C GLU A 125 -49.40 29.44 -24.03
N PRO A 126 -48.73 28.55 -23.28
CA PRO A 126 -49.32 27.32 -22.75
C PRO A 126 -50.52 27.58 -21.86
N SER A 127 -50.48 28.66 -21.11
CA SER A 127 -51.58 28.99 -20.21
C SER A 127 -52.86 29.30 -20.98
N GLN A 128 -52.73 29.77 -22.22
CA GLN A 128 -53.90 30.09 -23.02
C GLN A 128 -54.23 28.94 -23.99
N ALA A 129 -53.21 28.41 -24.65
CA ALA A 129 -53.40 27.31 -25.59
C ALA A 129 -54.54 27.69 -26.53
N LYS A 130 -54.45 28.87 -27.13
CA LYS A 130 -55.51 29.33 -28.02
C LYS A 130 -55.40 28.86 -29.47
N HIS A 131 -54.33 28.17 -29.79
CA HIS A 131 -54.15 27.69 -31.16
C HIS A 131 -54.03 26.17 -31.18
N PRO A 132 -54.56 25.54 -32.24
CA PRO A 132 -54.50 24.08 -32.34
C PRO A 132 -53.11 23.48 -32.38
N ILE A 133 -53.01 22.26 -31.87
CA ILE A 133 -51.78 21.48 -31.85
C ILE A 133 -51.84 20.77 -33.19
N ASP A 134 -50.87 21.03 -34.05
CA ASP A 134 -50.86 20.42 -35.37
C ASP A 134 -49.81 19.33 -35.63
N ALA A 135 -49.04 18.97 -34.61
CA ALA A 135 -48.05 17.92 -34.76
C ALA A 135 -47.55 17.44 -33.41
N ILE A 136 -47.45 16.13 -33.26
CA ILE A 136 -46.95 15.54 -32.04
C ILE A 136 -46.16 14.28 -32.34
N THR A 137 -44.92 14.23 -31.86
CA THR A 137 -44.09 13.04 -32.01
C THR A 137 -43.82 12.58 -30.58
N HIS A 138 -44.18 11.33 -30.31
CA HIS A 138 -44.06 10.74 -28.99
C HIS A 138 -43.35 9.39 -29.12
N TYR A 139 -42.11 9.33 -28.65
CA TYR A 139 -41.32 8.11 -28.69
C TYR A 139 -41.52 7.35 -27.38
N ASP A 140 -41.77 6.05 -27.48
CA ASP A 140 -41.99 5.20 -26.31
C ASP A 140 -40.85 4.16 -26.26
N SER A 141 -40.14 4.12 -25.12
CA SER A 141 -38.99 3.21 -24.96
C SER A 141 -39.33 1.73 -24.81
N ILE A 142 -40.56 1.42 -24.44
CA ILE A 142 -40.94 0.01 -24.32
C ILE A 142 -41.17 -0.49 -25.75
N ASP A 143 -41.88 0.30 -26.54
CA ASP A 143 -42.15 -0.08 -27.93
C ASP A 143 -41.00 0.24 -28.86
N ASP A 144 -40.16 1.20 -28.46
CA ASP A 144 -39.06 1.66 -29.31
C ASP A 144 -39.64 2.12 -30.66
N ARG A 145 -40.73 2.87 -30.59
CA ARG A 145 -41.39 3.39 -31.79
C ARG A 145 -41.65 4.88 -31.63
N PHE A 146 -41.63 5.59 -32.75
CA PHE A 146 -41.93 7.02 -32.74
C PHE A 146 -43.36 7.17 -33.22
N TYR A 147 -44.26 7.56 -32.34
CA TYR A 147 -45.65 7.75 -32.74
C TYR A 147 -45.82 9.20 -33.15
N VAL A 148 -46.21 9.38 -34.40
CA VAL A 148 -46.39 10.70 -35.00
C VAL A 148 -47.85 11.05 -35.32
N PHE A 149 -48.35 12.11 -34.68
CA PHE A 149 -49.72 12.57 -34.88
C PHE A 149 -49.67 13.84 -35.73
N ASP A 150 -50.29 13.78 -36.91
CA ASP A 150 -50.25 14.89 -37.87
C ASP A 150 -51.62 15.45 -38.23
N LEU A 151 -51.83 16.73 -37.92
CA LEU A 151 -53.10 17.39 -38.23
C LEU A 151 -53.11 17.87 -39.69
N LEU A 152 -54.00 17.31 -40.50
CA LEU A 152 -54.07 17.71 -41.91
C LEU A 152 -54.92 18.94 -42.15
N ASN A 153 -55.93 19.18 -41.32
CA ASN A 153 -56.80 20.32 -41.52
C ASN A 153 -56.90 21.22 -40.30
N SER A 154 -56.59 22.49 -40.49
CA SER A 154 -56.66 23.44 -39.40
C SER A 154 -57.02 24.82 -39.95
N PRO A 155 -57.46 25.71 -39.08
CA PRO A 155 -57.80 27.05 -39.58
C PRO A 155 -56.61 27.76 -40.21
N TYR A 156 -55.41 27.20 -40.02
CA TYR A 156 -54.24 27.82 -40.61
C TYR A 156 -53.80 27.13 -41.89
N GLY A 157 -54.68 26.29 -42.42
CA GLY A 157 -54.35 25.62 -43.67
C GLY A 157 -54.64 24.14 -43.69
N ASN A 158 -54.94 23.64 -44.88
CA ASN A 158 -55.20 22.22 -45.07
C ASN A 158 -54.04 21.71 -45.90
N VAL A 159 -53.36 20.69 -45.40
CA VAL A 159 -52.21 20.13 -46.10
C VAL A 159 -52.38 18.67 -46.44
N GLU A 160 -51.47 18.15 -47.25
CA GLU A 160 -51.50 16.75 -47.66
C GLU A 160 -50.71 15.96 -46.63
N GLU A 161 -50.84 14.63 -46.65
CA GLU A 161 -50.11 13.77 -45.73
C GLU A 161 -48.60 13.86 -45.87
N TRP A 162 -47.91 13.53 -44.79
CA TRP A 162 -46.44 13.54 -44.75
C TRP A 162 -45.96 12.29 -45.47
N SER A 163 -44.88 12.41 -46.22
CA SER A 163 -44.32 11.29 -46.95
C SER A 163 -43.06 10.77 -46.27
N ILE A 164 -43.06 9.49 -45.93
CA ILE A 164 -41.91 8.89 -45.27
C ILE A 164 -40.77 8.63 -46.26
N GLU A 165 -41.13 8.40 -47.52
CA GLU A 165 -40.12 8.16 -48.55
C GLU A 165 -39.32 9.44 -48.78
N ILE A 166 -40.01 10.57 -48.83
CA ILE A 166 -39.32 11.83 -49.02
C ILE A 166 -38.54 12.15 -47.75
N ALA A 167 -39.06 11.72 -46.60
CA ALA A 167 -38.39 11.95 -45.33
C ALA A 167 -37.07 11.19 -45.29
N ALA A 168 -37.06 10.01 -45.89
CA ALA A 168 -35.88 9.17 -45.93
C ALA A 168 -34.77 9.69 -46.85
N LYS A 169 -35.14 10.24 -48.02
CA LYS A 169 -34.16 10.76 -48.97
C LYS A 169 -33.19 11.75 -48.32
N LEU A 170 -31.96 11.77 -48.82
CA LEU A 170 -30.95 12.69 -48.28
C LEU A 170 -31.27 14.14 -48.66
N GLN A 171 -30.71 15.07 -47.90
CA GLN A 171 -30.91 16.50 -48.13
C GLN A 171 -30.58 16.91 -49.57
N GLU A 172 -29.50 16.37 -50.10
CA GLU A 172 -29.06 16.69 -51.45
C GLU A 172 -30.03 16.17 -52.51
N GLN A 173 -31.07 15.49 -52.07
CA GLN A 173 -32.08 14.95 -52.96
C GLN A 173 -33.43 15.58 -52.68
N GLY A 174 -33.44 16.63 -51.87
CA GLY A 174 -34.68 17.30 -51.55
C GLY A 174 -35.45 16.61 -50.44
N GLY A 175 -34.80 15.65 -49.79
CA GLY A 175 -35.44 14.93 -48.71
C GLY A 175 -35.10 15.56 -47.36
N ASP A 176 -35.65 15.00 -46.28
CA ASP A 176 -35.41 15.52 -44.94
C ASP A 176 -34.28 14.77 -44.24
N GLU A 177 -33.87 13.66 -44.83
CA GLU A 177 -32.80 12.83 -44.28
C GLU A 177 -33.06 12.37 -42.84
N VAL A 178 -34.28 11.88 -42.59
CA VAL A 178 -34.62 11.35 -41.28
C VAL A 178 -33.76 10.09 -41.19
N PRO A 179 -32.98 9.96 -40.10
CA PRO A 179 -32.10 8.81 -39.87
C PRO A 179 -32.62 7.45 -40.28
N SER A 180 -31.83 6.78 -41.13
CA SER A 180 -32.16 5.46 -41.62
C SER A 180 -32.58 4.52 -40.47
N GLU A 181 -31.87 4.59 -39.36
CA GLU A 181 -32.16 3.72 -38.23
C GLU A 181 -33.54 3.88 -37.61
N ILE A 182 -34.13 5.08 -37.69
CA ILE A 182 -35.44 5.26 -37.09
C ILE A 182 -36.60 5.24 -38.09
N ILE A 183 -36.30 5.30 -39.39
CA ILE A 183 -37.35 5.28 -40.40
C ILE A 183 -38.35 4.15 -40.23
N ASP A 184 -37.85 2.94 -39.96
CA ASP A 184 -38.74 1.81 -39.79
C ASP A 184 -39.38 1.76 -38.41
N LYS A 185 -39.15 2.79 -37.60
CA LYS A 185 -39.73 2.82 -36.27
C LYS A 185 -40.80 3.90 -36.14
N ILE A 186 -41.17 4.50 -37.26
CA ILE A 186 -42.19 5.54 -37.24
C ILE A 186 -43.59 5.00 -37.50
N ILE A 187 -44.53 5.33 -36.62
CA ILE A 187 -45.92 4.93 -36.80
C ILE A 187 -46.59 6.26 -37.12
N TYR A 188 -46.90 6.49 -38.39
CA TYR A 188 -47.51 7.73 -38.83
C TYR A 188 -49.03 7.67 -38.72
N MET A 189 -49.64 8.75 -38.21
CA MET A 189 -51.09 8.81 -38.05
C MET A 189 -51.68 10.17 -38.40
N PRO A 190 -52.26 10.30 -39.60
CA PRO A 190 -52.85 11.57 -40.06
C PRO A 190 -54.23 11.79 -39.40
N PHE A 191 -54.61 13.04 -39.22
CA PHE A 191 -55.91 13.35 -38.63
C PHE A 191 -56.67 14.43 -39.39
N ASP A 192 -57.95 14.16 -39.64
CA ASP A 192 -58.80 15.09 -40.36
C ASP A 192 -59.06 16.36 -39.55
N ASN A 193 -59.10 16.25 -38.23
CA ASN A 193 -59.34 17.43 -37.38
C ASN A 193 -58.67 17.32 -36.01
N GLU A 194 -58.46 18.46 -35.37
CA GLU A 194 -57.78 18.50 -34.07
C GLU A 194 -58.44 17.71 -32.95
N LYS A 195 -59.76 17.79 -32.81
CA LYS A 195 -60.44 17.05 -31.74
C LYS A 195 -60.13 15.55 -31.85
N GLU A 196 -60.12 15.03 -33.06
CA GLU A 196 -59.82 13.61 -33.27
C GLU A 196 -58.37 13.29 -32.91
N LEU A 197 -57.45 14.16 -33.29
CA LEU A 197 -56.03 13.95 -32.98
C LEU A 197 -55.85 13.87 -31.45
N LEU A 198 -56.38 14.88 -30.74
CA LEU A 198 -56.26 14.92 -29.29
C LEU A 198 -56.92 13.73 -28.60
N MET A 199 -58.14 13.40 -29.02
CA MET A 199 -58.84 12.28 -28.42
C MET A 199 -57.98 11.02 -28.57
N GLU A 200 -57.43 10.81 -29.76
CA GLU A 200 -56.63 9.62 -29.96
C GLU A 200 -55.28 9.68 -29.22
N TYR A 201 -54.71 10.88 -29.11
CA TYR A 201 -53.45 11.00 -28.39
C TYR A 201 -53.67 10.69 -26.91
N LEU A 202 -54.79 11.20 -26.37
CA LEU A 202 -55.14 10.96 -24.98
C LEU A 202 -55.41 9.50 -24.70
N ASN A 203 -56.01 8.79 -25.66
CA ASN A 203 -56.29 7.38 -25.47
C ASN A 203 -54.96 6.64 -25.50
N PHE A 204 -54.12 7.01 -26.47
CA PHE A 204 -52.79 6.45 -26.61
C PHE A 204 -52.04 6.62 -25.28
N TRP A 205 -52.15 7.81 -24.69
CA TRP A 205 -51.47 8.12 -23.43
C TRP A 205 -51.94 7.28 -22.25
N GLN A 206 -53.25 7.04 -22.16
CA GLN A 206 -53.77 6.24 -21.07
C GLN A 206 -53.34 4.80 -21.21
N GLN A 207 -53.14 4.36 -22.45
CA GLN A 207 -52.70 2.99 -22.70
C GLN A 207 -51.21 2.82 -22.44
N LYS A 208 -50.43 3.84 -22.80
CA LYS A 208 -48.98 3.80 -22.61
C LYS A 208 -48.56 5.01 -21.77
N THR A 209 -49.05 5.05 -20.53
CA THR A 209 -48.77 6.16 -19.62
C THR A 209 -47.29 6.26 -19.27
N PRO A 210 -46.65 7.38 -19.61
CA PRO A 210 -45.22 7.51 -19.30
C PRO A 210 -44.93 7.36 -17.81
N VAL A 211 -43.77 6.77 -17.51
CA VAL A 211 -43.33 6.64 -16.13
C VAL A 211 -42.36 7.81 -15.99
N ILE A 212 -41.38 7.87 -16.90
CA ILE A 212 -40.42 8.95 -16.95
C ILE A 212 -40.85 9.72 -18.20
N LEU A 213 -41.10 11.02 -18.04
CA LEU A 213 -41.52 11.85 -19.15
C LEU A 213 -40.45 12.90 -19.41
N THR A 214 -39.87 12.88 -20.60
CA THR A 214 -38.81 13.83 -20.93
C THR A 214 -39.01 14.46 -22.32
N GLY A 215 -38.01 15.21 -22.74
CA GLY A 215 -38.06 15.91 -24.01
C GLY A 215 -37.38 17.25 -23.78
N TRP A 216 -37.47 18.15 -24.75
CA TRP A 216 -36.81 19.45 -24.59
C TRP A 216 -37.76 20.58 -24.22
N ASN A 217 -37.66 21.01 -22.98
CA ASN A 217 -38.49 22.09 -22.47
C ASN A 217 -39.95 21.66 -22.32
N VAL A 218 -40.17 20.37 -22.20
CA VAL A 218 -41.52 19.83 -22.07
C VAL A 218 -42.25 20.31 -20.81
N GLU A 219 -41.50 20.62 -19.76
CA GLU A 219 -42.16 21.04 -18.52
C GLU A 219 -42.76 22.44 -18.61
N SER A 220 -42.09 23.33 -19.34
CA SER A 220 -42.60 24.68 -19.47
C SER A 220 -43.43 24.94 -20.72
N PHE A 221 -43.42 24.00 -21.67
CA PHE A 221 -44.21 24.20 -22.88
C PHE A 221 -45.14 23.04 -23.28
N ALA A 222 -44.57 21.98 -23.85
CA ALA A 222 -45.39 20.84 -24.32
C ALA A 222 -46.45 20.32 -23.33
N ILE A 223 -46.02 19.99 -22.11
CA ILE A 223 -46.93 19.47 -21.10
C ILE A 223 -48.09 20.45 -20.78
N PRO A 224 -47.78 21.70 -20.38
CA PRO A 224 -48.85 22.65 -20.07
C PRO A 224 -49.73 22.97 -21.28
N TYR A 225 -49.12 23.01 -22.46
CA TYR A 225 -49.90 23.32 -23.64
C TYR A 225 -50.89 22.19 -23.92
N VAL A 226 -50.41 20.95 -23.91
CA VAL A 226 -51.30 19.81 -24.16
C VAL A 226 -52.40 19.75 -23.09
N TYR A 227 -52.01 19.93 -21.83
CA TYR A 227 -52.96 19.91 -20.73
C TYR A 227 -54.06 20.96 -20.91
N ASN A 228 -53.67 22.21 -21.15
CA ASN A 228 -54.66 23.27 -21.31
C ASN A 228 -55.47 23.21 -22.60
N ARG A 229 -54.85 22.77 -23.69
CA ARG A 229 -55.56 22.65 -24.95
C ARG A 229 -56.67 21.61 -24.76
N ILE A 230 -56.34 20.47 -24.18
CA ILE A 230 -57.32 19.42 -23.96
C ILE A 230 -58.38 19.86 -22.96
N LYS A 231 -57.99 20.65 -21.96
CA LYS A 231 -58.93 21.14 -20.97
C LYS A 231 -59.96 22.09 -21.59
N ASN A 232 -59.51 22.98 -22.46
CA ASN A 232 -60.40 23.95 -23.09
C ASN A 232 -61.35 23.35 -24.12
N ILE A 233 -60.93 22.25 -24.75
CA ILE A 233 -61.77 21.63 -25.77
C ILE A 233 -62.66 20.51 -25.24
N PHE A 234 -62.14 19.69 -24.34
CA PHE A 234 -62.94 18.58 -23.83
C PHE A 234 -63.39 18.71 -22.37
N GLY A 235 -62.79 19.64 -21.64
CA GLY A 235 -63.15 19.82 -20.25
C GLY A 235 -62.03 19.38 -19.31
N GLU A 236 -61.96 20.01 -18.15
CA GLU A 236 -60.94 19.71 -17.15
C GLU A 236 -60.91 18.24 -16.72
N SER A 237 -62.09 17.63 -16.66
CA SER A 237 -62.19 16.24 -16.27
C SER A 237 -61.40 15.31 -17.20
N THR A 238 -61.43 15.62 -18.50
CA THR A 238 -60.73 14.82 -19.48
C THR A 238 -59.23 15.10 -19.47
N ALA A 239 -58.85 16.36 -19.26
CA ALA A 239 -57.45 16.76 -19.23
C ALA A 239 -56.69 16.07 -18.09
N LYS A 240 -57.38 15.79 -16.99
CA LYS A 240 -56.75 15.14 -15.85
C LYS A 240 -56.44 13.68 -16.11
N ARG A 241 -56.92 13.16 -17.25
CA ARG A 241 -56.63 11.77 -17.61
C ARG A 241 -55.15 11.66 -18.00
N LEU A 242 -54.49 12.80 -18.15
CA LEU A 242 -53.06 12.83 -18.46
C LEU A 242 -52.30 12.28 -17.27
N SER A 243 -52.98 12.23 -16.11
CA SER A 243 -52.40 11.68 -14.90
C SER A 243 -52.99 10.31 -14.69
N PRO A 244 -52.14 9.30 -14.49
CA PRO A 244 -52.63 7.92 -14.29
C PRO A 244 -53.50 7.80 -13.03
N HIS A 245 -53.54 8.83 -12.20
CA HIS A 245 -54.35 8.78 -11.00
C HIS A 245 -55.45 9.83 -11.11
N ARG A 246 -55.53 10.45 -12.28
CA ARG A 246 -56.50 11.49 -12.56
C ARG A 246 -56.45 12.61 -11.53
N LYS A 247 -55.23 12.98 -11.14
CA LYS A 247 -55.01 14.05 -10.18
C LYS A 247 -53.92 14.96 -10.73
N THR A 248 -54.21 16.25 -10.86
CA THR A 248 -53.24 17.20 -11.37
C THR A 248 -53.25 18.41 -10.45
N ARG A 249 -52.31 19.32 -10.69
CA ARG A 249 -52.19 20.52 -9.89
C ARG A 249 -51.56 21.60 -10.72
N VAL A 250 -52.36 22.61 -11.06
CA VAL A 250 -51.89 23.73 -11.87
C VAL A 250 -51.31 24.82 -11.00
N LYS A 251 -50.01 25.11 -11.20
CA LYS A 251 -49.37 26.17 -10.43
C LYS A 251 -49.45 27.46 -11.24
N VAL A 252 -50.38 28.32 -10.83
CA VAL A 252 -50.65 29.61 -11.48
C VAL A 252 -49.43 30.32 -12.08
N ILE A 253 -49.70 31.18 -13.06
CA ILE A 253 -48.66 31.96 -13.75
C ILE A 253 -47.36 32.08 -12.98
N GLU A 261 -47.08 29.12 -15.83
CA GLU A 261 -47.96 28.09 -15.30
C GLU A 261 -47.28 26.72 -15.42
N ILE A 262 -47.07 26.06 -14.28
CA ILE A 262 -46.45 24.74 -14.25
C ILE A 262 -47.47 23.69 -13.80
N ILE A 263 -47.69 22.69 -14.65
CA ILE A 263 -48.66 21.63 -14.39
C ILE A 263 -48.02 20.38 -13.78
N THR A 264 -48.55 19.93 -12.65
CA THR A 264 -48.06 18.73 -12.00
C THR A 264 -49.00 17.55 -12.32
N LEU A 265 -48.44 16.49 -12.89
CA LEU A 265 -49.23 15.31 -13.23
C LEU A 265 -48.85 14.23 -12.22
N PHE A 266 -49.73 13.97 -11.25
CA PHE A 266 -49.40 12.97 -10.24
C PHE A 266 -49.30 11.58 -10.85
N GLY A 267 -48.27 10.84 -10.44
CA GLY A 267 -48.10 9.51 -10.96
C GLY A 267 -47.11 9.46 -12.12
N ILE A 268 -46.51 10.60 -12.42
CA ILE A 268 -45.52 10.66 -13.49
C ILE A 268 -44.30 11.43 -13.00
N SER A 269 -43.12 10.98 -13.37
CA SER A 269 -41.89 11.67 -12.97
C SER A 269 -41.37 12.41 -14.20
N VAL A 270 -41.46 13.73 -14.18
CA VAL A 270 -41.02 14.54 -15.30
C VAL A 270 -39.57 15.00 -15.15
N LEU A 271 -38.74 14.63 -16.11
CA LEU A 271 -37.33 15.02 -16.12
C LEU A 271 -37.08 15.76 -17.42
N ASP A 272 -37.42 17.05 -17.47
CA ASP A 272 -37.20 17.82 -18.68
C ASP A 272 -35.71 17.66 -19.01
N TYR A 273 -35.37 17.33 -20.25
CA TYR A 273 -33.96 17.14 -20.57
C TYR A 273 -33.16 18.41 -20.47
N ILE A 274 -33.81 19.55 -20.63
CA ILE A 274 -33.08 20.80 -20.54
C ILE A 274 -32.57 20.94 -19.10
N ASP A 275 -33.36 20.46 -18.14
CA ASP A 275 -32.94 20.53 -16.73
C ASP A 275 -31.89 19.45 -16.45
N LEU A 276 -32.06 18.27 -17.01
CA LEU A 276 -31.07 17.22 -16.81
C LEU A 276 -29.73 17.70 -17.35
N TYR A 277 -29.77 18.31 -18.53
CA TYR A 277 -28.56 18.78 -19.17
C TYR A 277 -27.86 19.81 -18.30
N LYS A 278 -28.61 20.78 -17.79
CA LYS A 278 -28.03 21.82 -16.94
C LYS A 278 -27.51 21.27 -15.62
N LYS A 279 -28.23 20.31 -15.07
CA LYS A 279 -27.87 19.71 -13.79
C LYS A 279 -26.65 18.79 -13.86
N PHE A 280 -26.50 18.04 -14.94
CA PHE A 280 -25.42 17.09 -15.02
C PHE A 280 -24.29 17.30 -16.05
N SER A 281 -24.42 18.26 -16.96
CA SER A 281 -23.37 18.43 -17.96
C SER A 281 -22.19 19.25 -17.46
N PHE A 282 -22.34 19.93 -16.33
CA PHE A 282 -21.24 20.74 -15.81
C PHE A 282 -20.64 21.67 -16.87
N THR A 283 -21.49 22.34 -17.62
CA THR A 283 -21.06 23.30 -18.63
C THR A 283 -21.90 24.56 -18.41
N ASN A 284 -21.67 25.57 -19.24
CA ASN A 284 -22.46 26.79 -19.19
C ASN A 284 -22.45 27.22 -20.63
N GLN A 285 -23.59 27.01 -21.30
CA GLN A 285 -23.71 27.34 -22.71
C GLN A 285 -24.25 28.74 -22.97
N PRO A 286 -23.89 29.31 -24.13
CA PRO A 286 -24.34 30.65 -24.53
C PRO A 286 -25.84 30.62 -24.83
N SER A 287 -26.35 29.43 -25.14
CA SER A 287 -27.75 29.23 -25.43
C SER A 287 -28.18 27.81 -25.08
N TYR A 288 -29.46 27.63 -24.75
CA TYR A 288 -29.95 26.30 -24.44
C TYR A 288 -31.03 25.80 -25.41
N SER A 289 -31.05 26.37 -26.62
CA SER A 289 -32.00 25.92 -27.62
C SER A 289 -31.54 24.51 -27.99
N LEU A 290 -32.48 23.63 -28.31
CA LEU A 290 -32.11 22.26 -28.65
C LEU A 290 -31.10 22.23 -29.78
N ASP A 291 -31.31 23.08 -30.79
CA ASP A 291 -30.42 23.15 -31.92
C ASP A 291 -28.97 23.41 -31.53
N TYR A 292 -28.79 24.38 -30.63
CA TYR A 292 -27.46 24.74 -30.17
C TYR A 292 -26.83 23.61 -29.37
N ILE A 293 -27.55 23.10 -28.39
CA ILE A 293 -27.03 22.01 -27.57
C ILE A 293 -26.75 20.81 -28.46
N SER A 294 -27.62 20.61 -29.45
CA SER A 294 -27.48 19.50 -30.37
C SER A 294 -26.16 19.59 -31.17
N GLU A 295 -25.82 20.79 -31.65
CA GLU A 295 -24.58 20.99 -32.41
C GLU A 295 -23.36 20.68 -31.52
N PHE A 296 -23.40 21.24 -30.31
CA PHE A 296 -22.31 21.05 -29.37
C PHE A 296 -22.09 19.58 -29.06
N GLU A 297 -23.17 18.88 -28.72
CA GLU A 297 -23.08 17.46 -28.36
C GLU A 297 -22.92 16.49 -29.51
N LEU A 298 -23.66 16.70 -30.59
CA LEU A 298 -23.61 15.75 -31.71
C LEU A 298 -23.01 16.29 -33.00
N ASN A 299 -22.63 17.56 -33.02
CA ASN A 299 -22.06 18.15 -34.23
C ASN A 299 -23.02 18.02 -35.40
N VAL A 300 -24.31 17.88 -35.11
CA VAL A 300 -25.29 17.76 -36.18
C VAL A 300 -25.85 19.12 -36.51
N GLY A 301 -25.71 19.51 -37.78
CA GLY A 301 -26.21 20.78 -38.25
C GLY A 301 -27.64 21.06 -37.79
N LYS A 302 -28.09 22.29 -38.00
CA LYS A 302 -29.44 22.68 -37.60
C LYS A 302 -30.48 22.22 -38.62
N LEU A 303 -31.64 21.81 -38.13
CA LEU A 303 -32.73 21.39 -39.02
C LEU A 303 -33.10 22.63 -39.83
N LYS A 304 -32.52 22.75 -41.01
CA LYS A 304 -32.76 23.91 -41.85
C LYS A 304 -34.13 23.94 -42.53
N TYR A 305 -34.72 25.12 -42.52
CA TYR A 305 -36.00 25.36 -43.17
C TYR A 305 -36.03 26.84 -43.48
N ASP A 306 -36.76 27.21 -44.52
CA ASP A 306 -36.87 28.61 -44.94
C ASP A 306 -38.10 29.30 -44.38
N GLY A 307 -38.00 30.61 -44.18
CA GLY A 307 -39.11 31.38 -43.68
C GLY A 307 -39.34 31.23 -42.18
N PRO A 308 -40.38 31.90 -41.65
CA PRO A 308 -40.71 31.85 -40.22
C PRO A 308 -41.28 30.47 -39.91
N ILE A 309 -41.14 30.02 -38.67
CA ILE A 309 -41.67 28.71 -38.28
C ILE A 309 -43.21 28.78 -38.36
N SER A 310 -43.74 29.96 -38.13
CA SER A 310 -45.18 30.19 -38.14
C SER A 310 -45.80 29.99 -39.52
N LYS A 311 -44.95 29.81 -40.52
CA LYS A 311 -45.44 29.61 -41.88
C LYS A 311 -44.81 28.38 -42.51
N LEU A 312 -44.14 27.56 -41.69
CA LEU A 312 -43.50 26.36 -42.18
C LEU A 312 -44.49 25.26 -42.52
N ARG A 313 -45.49 25.06 -41.66
CA ARG A 313 -46.47 24.02 -41.93
C ARG A 313 -47.17 24.33 -43.25
N GLU A 314 -47.63 25.56 -43.39
CA GLU A 314 -48.32 25.99 -44.59
C GLU A 314 -47.47 25.88 -45.86
N SER A 315 -46.21 26.30 -45.79
CA SER A 315 -45.35 26.25 -46.97
C SER A 315 -44.62 24.93 -47.21
N ASN A 316 -44.21 24.24 -46.15
CA ASN A 316 -43.51 22.98 -46.34
C ASN A 316 -43.90 22.01 -45.23
N HIS A 317 -45.14 21.51 -45.29
CA HIS A 317 -45.65 20.57 -44.30
C HIS A 317 -44.75 19.36 -44.20
N GLN A 318 -44.25 18.90 -45.34
CA GLN A 318 -43.34 17.75 -45.39
C GLN A 318 -42.20 17.97 -44.40
N ARG A 319 -41.52 19.11 -44.53
CA ARG A 319 -40.41 19.45 -43.66
C ARG A 319 -40.86 19.71 -42.21
N TYR A 320 -42.02 20.32 -42.06
CA TYR A 320 -42.58 20.63 -40.74
C TYR A 320 -42.63 19.36 -39.89
N ILE A 321 -43.27 18.32 -40.40
CA ILE A 321 -43.39 17.05 -39.70
C ILE A 321 -42.04 16.37 -39.45
N SER A 322 -41.18 16.30 -40.46
CA SER A 322 -39.87 15.67 -40.30
C SER A 322 -39.07 16.42 -39.24
N TYR A 323 -39.33 17.72 -39.15
CA TYR A 323 -38.67 18.59 -38.19
C TYR A 323 -39.07 18.18 -36.76
N ASN A 324 -40.36 17.90 -36.57
CA ASN A 324 -40.93 17.49 -35.28
C ASN A 324 -40.33 16.16 -34.85
N ILE A 325 -40.18 15.25 -35.81
CA ILE A 325 -39.62 13.93 -35.57
C ILE A 325 -38.15 14.00 -35.19
N ILE A 326 -37.36 14.73 -35.96
CA ILE A 326 -35.94 14.84 -35.68
C ILE A 326 -35.65 15.54 -34.38
N ALA A 327 -36.53 16.45 -33.96
CA ALA A 327 -36.36 17.17 -32.71
C ALA A 327 -36.39 16.17 -31.55
N VAL A 328 -37.29 15.19 -31.63
CA VAL A 328 -37.41 14.17 -30.60
C VAL A 328 -36.19 13.25 -30.66
N TYR A 329 -35.77 12.92 -31.88
CA TYR A 329 -34.62 12.04 -32.04
C TYR A 329 -33.32 12.63 -31.50
N ARG A 330 -33.10 13.92 -31.73
CA ARG A 330 -31.88 14.58 -31.25
C ARG A 330 -31.75 14.44 -29.72
N VAL A 331 -32.84 14.65 -28.99
CA VAL A 331 -32.77 14.53 -27.55
C VAL A 331 -32.34 13.11 -27.22
N LEU A 332 -32.91 12.14 -27.93
CA LEU A 332 -32.55 10.73 -27.71
C LEU A 332 -31.06 10.50 -28.00
N GLN A 333 -30.55 11.15 -29.04
CA GLN A 333 -29.14 11.01 -29.40
C GLN A 333 -28.28 11.62 -28.30
N ILE A 334 -28.71 12.74 -27.75
CA ILE A 334 -27.94 13.36 -26.68
C ILE A 334 -27.89 12.40 -25.49
N ASP A 335 -29.02 11.80 -25.15
CA ASP A 335 -29.07 10.87 -24.02
C ASP A 335 -28.30 9.58 -24.28
N ALA A 336 -28.26 9.13 -25.52
CA ALA A 336 -27.51 7.92 -25.86
C ALA A 336 -26.04 8.18 -25.52
N LYS A 337 -25.63 9.43 -25.63
CA LYS A 337 -24.26 9.81 -25.34
C LYS A 337 -24.04 10.18 -23.87
N ARG A 338 -24.93 10.99 -23.29
CA ARG A 338 -24.78 11.40 -21.89
C ARG A 338 -25.35 10.42 -20.87
N GLN A 339 -26.39 9.69 -21.23
CA GLN A 339 -26.97 8.70 -20.31
C GLN A 339 -27.49 9.35 -19.02
N PHE A 340 -28.00 10.57 -19.12
CA PHE A 340 -28.52 11.27 -17.95
C PHE A 340 -29.80 10.65 -17.41
N ILE A 341 -30.58 9.99 -18.27
CA ILE A 341 -31.81 9.35 -17.83
C ILE A 341 -31.44 8.15 -16.92
N ASN A 342 -30.54 7.30 -17.41
CA ASN A 342 -30.09 6.15 -16.65
C ASN A 342 -29.37 6.56 -15.35
N LEU A 343 -28.67 7.68 -15.40
CA LEU A 343 -27.96 8.17 -14.21
C LEU A 343 -29.01 8.52 -13.15
N SER A 344 -30.07 9.20 -13.58
CA SER A 344 -31.16 9.59 -12.67
C SER A 344 -31.85 8.35 -12.09
N LEU A 345 -32.13 7.35 -12.93
CA LEU A 345 -32.75 6.10 -12.45
C LEU A 345 -31.83 5.43 -11.43
N ASP A 346 -30.57 5.23 -11.81
CA ASP A 346 -29.60 4.62 -10.91
C ASP A 346 -29.52 5.36 -9.57
N MET A 347 -29.46 6.68 -9.62
CA MET A 347 -29.37 7.49 -8.41
C MET A 347 -30.68 7.45 -7.62
N GLY A 348 -31.80 7.58 -8.31
CA GLY A 348 -33.08 7.57 -7.63
C GLY A 348 -33.34 6.28 -6.86
N TYR A 349 -33.06 5.14 -7.50
CA TYR A 349 -33.29 3.86 -6.86
C TYR A 349 -32.30 3.57 -5.74
N TYR A 350 -31.08 4.10 -5.84
CA TYR A 350 -30.08 3.91 -4.79
C TYR A 350 -30.54 4.60 -3.50
N ALA A 351 -31.06 5.81 -3.62
CA ALA A 351 -31.51 6.60 -2.47
C ALA A 351 -32.94 6.24 -2.01
N LYS A 352 -33.71 5.66 -2.94
CA LYS A 352 -35.10 5.27 -2.67
C LYS A 352 -35.96 6.51 -2.54
N ILE A 353 -35.98 7.29 -3.62
CA ILE A 353 -36.75 8.52 -3.68
C ILE A 353 -37.50 8.60 -5.01
N GLN A 354 -38.36 9.59 -5.16
CA GLN A 354 -39.05 9.78 -6.43
C GLN A 354 -37.90 10.11 -7.37
N ILE A 355 -37.91 9.55 -8.57
CA ILE A 355 -36.81 9.81 -9.50
C ILE A 355 -36.51 11.30 -9.73
N GLN A 356 -37.53 12.15 -9.82
CA GLN A 356 -37.28 13.59 -10.05
C GLN A 356 -36.56 14.29 -8.89
N SER A 357 -36.41 13.60 -7.75
CA SER A 357 -35.73 14.19 -6.61
C SER A 357 -34.21 14.20 -6.78
N VAL A 358 -33.72 13.54 -7.83
CA VAL A 358 -32.28 13.52 -8.06
C VAL A 358 -31.74 14.93 -8.26
N PHE A 359 -32.61 15.89 -8.55
CA PHE A 359 -32.18 17.26 -8.75
C PHE A 359 -31.83 17.95 -7.42
N SER A 360 -32.05 17.24 -6.30
CA SER A 360 -31.80 17.81 -4.98
C SER A 360 -30.89 16.98 -4.08
N PRO A 361 -29.66 17.46 -3.85
CA PRO A 361 -28.70 16.74 -2.99
C PRO A 361 -29.27 16.51 -1.59
N ILE A 362 -29.95 17.53 -1.05
CA ILE A 362 -30.54 17.44 0.27
C ILE A 362 -31.52 16.28 0.38
N LYS A 363 -32.47 16.21 -0.55
CA LYS A 363 -33.46 15.16 -0.53
C LYS A 363 -32.82 13.78 -0.74
N THR A 364 -31.86 13.72 -1.66
CA THR A 364 -31.16 12.47 -1.96
C THR A 364 -30.35 11.91 -0.79
N TRP A 365 -29.55 12.75 -0.14
CA TRP A 365 -28.75 12.31 1.00
C TRP A 365 -29.59 12.05 2.25
N ASP A 366 -30.65 12.83 2.43
CA ASP A 366 -31.52 12.62 3.59
C ASP A 366 -32.08 11.19 3.51
N ALA A 367 -32.51 10.80 2.31
CA ALA A 367 -33.08 9.47 2.11
C ALA A 367 -32.02 8.39 2.28
N ILE A 368 -30.81 8.64 1.77
CA ILE A 368 -29.74 7.65 1.90
C ILE A 368 -29.44 7.40 3.39
N ILE A 369 -29.29 8.48 4.15
CA ILE A 369 -28.99 8.38 5.57
C ILE A 369 -30.19 7.80 6.35
N PHE A 370 -31.40 8.17 5.95
CA PHE A 370 -32.59 7.67 6.62
C PHE A 370 -32.67 6.15 6.52
N ASN A 371 -32.57 5.63 5.30
CA ASN A 371 -32.66 4.20 5.08
C ASN A 371 -31.57 3.44 5.82
N SER A 372 -30.36 4.00 5.86
CA SER A 372 -29.25 3.37 6.55
C SER A 372 -29.50 3.31 8.06
N LEU A 373 -29.93 4.44 8.64
CA LEU A 373 -30.21 4.50 10.07
C LEU A 373 -31.38 3.61 10.45
N LYS A 374 -32.40 3.56 9.61
CA LYS A 374 -33.59 2.74 9.90
C LYS A 374 -33.20 1.26 10.04
N GLU A 375 -32.32 0.79 9.16
CA GLU A 375 -31.89 -0.60 9.19
C GLU A 375 -31.29 -0.96 10.55
N GLN A 376 -30.76 0.05 11.24
CA GLN A 376 -30.14 -0.16 12.54
C GLN A 376 -31.13 0.15 13.65
N ASN A 377 -32.38 0.44 13.28
CA ASN A 377 -33.42 0.76 14.24
C ASN A 377 -33.19 2.11 14.91
N LYS A 378 -32.39 2.97 14.28
CA LYS A 378 -32.13 4.30 14.83
C LYS A 378 -33.18 5.27 14.28
N VAL A 379 -33.35 6.40 14.95
CA VAL A 379 -34.35 7.38 14.55
C VAL A 379 -33.73 8.73 14.16
N ILE A 380 -34.04 9.20 12.95
CA ILE A 380 -33.51 10.47 12.46
C ILE A 380 -34.06 11.68 13.23
N PRO A 381 -33.23 12.72 13.39
CA PRO A 381 -33.59 13.96 14.09
C PRO A 381 -34.68 14.70 13.34
N GLN A 382 -35.41 15.56 14.03
CA GLN A 382 -36.43 16.34 13.34
C GLN A 382 -35.70 17.41 12.54
N GLY A 383 -36.23 17.74 11.37
CA GLY A 383 -35.60 18.78 10.57
C GLY A 383 -35.91 20.09 11.26
N ARG A 384 -34.88 20.90 11.50
CA ARG A 384 -35.10 22.18 12.16
C ARG A 384 -34.69 23.35 11.28
N SER A 385 -35.24 24.52 11.57
CA SER A 385 -34.92 25.71 10.80
C SER A 385 -33.74 26.42 11.45
N HIS A 386 -32.84 26.92 10.63
CA HIS A 386 -31.66 27.62 11.11
C HIS A 386 -31.54 28.97 10.41
N PRO A 387 -31.09 30.00 11.12
CA PRO A 387 -30.97 31.29 10.45
C PRO A 387 -29.96 31.13 9.32
N VAL A 388 -30.16 31.84 8.21
CA VAL A 388 -29.23 31.72 7.11
C VAL A 388 -28.00 32.58 7.43
N GLN A 389 -26.86 31.92 7.63
CA GLN A 389 -25.62 32.61 7.94
C GLN A 389 -24.49 32.04 7.09
N PRO A 390 -23.77 32.92 6.38
CA PRO A 390 -22.67 32.41 5.54
C PRO A 390 -21.49 32.04 6.44
N TYR A 391 -20.81 30.95 6.11
CA TYR A 391 -19.64 30.56 6.90
C TYR A 391 -18.43 30.67 5.99
N PRO A 392 -17.23 30.74 6.58
CA PRO A 392 -15.99 30.85 5.80
C PRO A 392 -15.75 29.63 4.93
N GLY A 393 -15.22 29.85 3.73
CA GLY A 393 -14.97 28.76 2.82
C GLY A 393 -13.52 28.41 2.62
N ALA A 394 -13.15 28.13 1.37
CA ALA A 394 -11.80 27.74 1.02
C ALA A 394 -10.77 28.86 1.09
N PHE A 395 -9.51 28.45 1.13
CA PHE A 395 -8.38 29.36 1.16
C PHE A 395 -7.88 29.47 -0.27
N VAL A 396 -7.64 30.69 -0.72
CA VAL A 396 -7.12 30.92 -2.06
C VAL A 396 -5.95 31.90 -1.95
N LYS A 397 -4.77 31.44 -2.33
CA LYS A 397 -3.57 32.25 -2.24
C LYS A 397 -3.53 33.34 -3.31
N GLU A 398 -3.03 34.51 -2.93
CA GLU A 398 -2.91 35.61 -3.87
C GLU A 398 -1.59 35.38 -4.61
N PRO A 399 -1.66 35.05 -5.91
CA PRO A 399 -0.44 34.81 -6.69
C PRO A 399 0.23 36.10 -7.12
N ILE A 400 1.54 36.03 -7.36
CA ILE A 400 2.25 37.20 -7.87
C ILE A 400 2.04 37.08 -9.37
N PRO A 401 1.43 38.10 -10.01
CA PRO A 401 1.20 38.04 -11.46
C PRO A 401 2.53 37.93 -12.18
N ASN A 402 2.67 36.94 -13.05
CA ASN A 402 3.94 36.75 -13.73
C ASN A 402 3.85 35.50 -14.61
N ARG A 403 4.93 35.22 -15.33
CA ARG A 403 5.00 34.02 -16.16
C ARG A 403 5.69 33.03 -15.21
N TYR A 404 5.41 31.74 -15.39
CA TYR A 404 5.99 30.69 -14.56
C TYR A 404 6.43 29.61 -15.52
N LYS A 405 7.73 29.50 -15.71
CA LYS A 405 8.33 28.55 -16.64
C LYS A 405 7.93 27.10 -16.45
N TYR A 406 8.36 26.50 -15.35
CA TYR A 406 8.05 25.11 -15.06
C TYR A 406 7.11 25.05 -13.86
N VAL A 407 6.06 24.25 -13.97
CA VAL A 407 5.13 24.14 -12.87
C VAL A 407 4.67 22.71 -12.64
N MET A 408 4.54 22.34 -11.37
CA MET A 408 4.04 21.03 -10.97
C MET A 408 2.98 21.24 -9.90
N SER A 409 1.79 20.67 -10.09
CA SER A 409 0.70 20.83 -9.13
C SER A 409 0.33 19.52 -8.44
N PHE A 410 -0.23 19.66 -7.25
CA PHE A 410 -0.66 18.54 -6.42
C PHE A 410 -2.06 18.80 -5.89
N ASP A 411 -2.92 17.80 -5.99
CA ASP A 411 -4.30 17.90 -5.53
C ASP A 411 -4.61 16.92 -4.41
N LEU A 412 -5.44 17.35 -3.47
CA LEU A 412 -5.86 16.51 -2.37
C LEU A 412 -7.07 15.71 -2.87
N THR A 413 -7.16 14.44 -2.48
CA THR A 413 -8.25 13.56 -2.88
C THR A 413 -9.57 13.91 -2.18
N SER A 414 -10.62 14.17 -2.95
CA SER A 414 -11.94 14.49 -2.40
C SER A 414 -11.78 15.14 -1.02
N LEU A 415 -11.22 16.34 -1.02
CA LEU A 415 -10.93 17.03 0.22
C LEU A 415 -12.00 17.08 1.30
N TYR A 416 -13.13 17.73 1.03
CA TYR A 416 -14.16 17.84 2.06
C TYR A 416 -14.66 16.50 2.57
N PRO A 417 -14.98 15.57 1.67
CA PRO A 417 -15.45 14.28 2.17
C PRO A 417 -14.33 13.64 3.01
N SER A 418 -13.09 13.76 2.55
CA SER A 418 -11.98 13.18 3.29
C SER A 418 -11.82 13.85 4.67
N ILE A 419 -12.07 15.15 4.74
CA ILE A 419 -11.96 15.87 6.03
C ILE A 419 -13.01 15.35 7.00
N ILE A 420 -14.24 15.18 6.51
CA ILE A 420 -15.33 14.68 7.34
C ILE A 420 -14.95 13.36 7.98
N ARG A 421 -14.34 12.48 7.19
CA ARG A 421 -13.93 11.17 7.67
C ARG A 421 -12.73 11.22 8.60
N GLN A 422 -11.73 12.01 8.25
CA GLN A 422 -10.53 12.10 9.07
C GLN A 422 -10.79 12.67 10.45
N VAL A 423 -11.56 13.75 10.49
CA VAL A 423 -11.87 14.41 11.73
C VAL A 423 -13.08 13.77 12.41
N ASN A 424 -13.85 13.01 11.64
CA ASN A 424 -15.03 12.33 12.14
C ASN A 424 -16.11 13.34 12.52
N ILE A 425 -16.44 14.19 11.56
CA ILE A 425 -17.42 15.25 11.77
C ILE A 425 -18.86 14.84 11.49
N SER A 426 -19.70 15.01 12.49
CA SER A 426 -21.12 14.67 12.37
C SER A 426 -21.84 15.33 13.55
N PRO A 427 -23.16 15.59 13.42
CA PRO A 427 -23.86 16.23 14.53
C PRO A 427 -23.77 15.54 15.90
N GLU A 428 -23.83 14.21 15.92
CA GLU A 428 -23.76 13.50 17.19
C GLU A 428 -22.36 13.20 17.72
N THR A 429 -21.31 13.47 16.93
CA THR A 429 -19.97 13.20 17.44
C THR A 429 -19.31 14.41 18.07
N ILE A 430 -20.03 15.53 18.14
CA ILE A 430 -19.46 16.73 18.75
C ILE A 430 -19.17 16.43 20.22
N ALA A 431 -17.91 16.56 20.63
CA ALA A 431 -17.55 16.26 22.01
C ALA A 431 -17.32 17.50 22.89
N GLY A 432 -17.10 18.64 22.25
CA GLY A 432 -16.86 19.86 22.99
C GLY A 432 -16.00 20.84 22.20
N THR A 433 -15.37 21.78 22.90
CA THR A 433 -14.52 22.76 22.23
C THR A 433 -13.20 22.98 22.98
N PHE A 434 -12.26 23.66 22.33
CA PHE A 434 -10.98 24.00 22.96
C PHE A 434 -10.68 25.47 22.68
N LYS A 435 -9.77 26.07 23.45
CA LYS A 435 -9.44 27.49 23.24
C LYS A 435 -8.63 27.60 21.96
N VAL A 436 -9.11 28.43 21.04
CA VAL A 436 -8.45 28.56 19.77
C VAL A 436 -7.40 29.66 19.68
N ALA A 437 -6.36 29.38 18.91
CA ALA A 437 -5.29 30.33 18.67
C ALA A 437 -5.52 30.80 17.24
N PRO A 438 -4.83 31.86 16.82
CA PRO A 438 -5.00 32.35 15.45
C PRO A 438 -4.69 31.20 14.49
N LEU A 439 -5.40 31.13 13.37
CA LEU A 439 -5.16 30.03 12.43
C LEU A 439 -3.70 29.86 12.05
N HIS A 440 -2.97 30.95 11.84
CA HIS A 440 -1.57 30.82 11.44
C HIS A 440 -0.71 30.10 12.47
N ASP A 441 -1.17 30.08 13.71
CA ASP A 441 -0.41 29.41 14.76
C ASP A 441 -0.49 27.90 14.63
N TYR A 442 -1.57 27.41 14.02
CA TYR A 442 -1.71 25.96 13.84
C TYR A 442 -0.99 25.62 12.53
N ILE A 443 -1.03 26.55 11.59
CA ILE A 443 -0.37 26.34 10.30
C ILE A 443 1.14 26.24 10.48
N ASN A 444 1.66 27.01 11.45
CA ASN A 444 3.08 26.99 11.73
C ASN A 444 3.44 26.08 12.90
N ALA A 445 2.47 25.27 13.34
CA ALA A 445 2.69 24.34 14.44
C ALA A 445 3.21 25.04 15.70
N VAL A 446 2.78 26.27 15.91
CA VAL A 446 3.19 27.04 17.07
C VAL A 446 2.23 26.86 18.23
N ALA A 447 0.93 26.87 17.95
CA ALA A 447 -0.08 26.74 18.99
C ALA A 447 0.03 25.39 19.71
N GLU A 448 -0.51 25.32 20.93
CA GLU A 448 -0.44 24.08 21.67
C GLU A 448 -1.44 23.08 21.11
N ARG A 449 -1.15 21.80 21.32
CA ARG A 449 -2.02 20.75 20.83
C ARG A 449 -3.42 20.91 21.40
N PRO A 450 -4.43 21.10 20.53
CA PRO A 450 -5.80 21.27 21.00
C PRO A 450 -6.32 20.21 21.97
N SER A 451 -6.05 18.94 21.69
CA SER A 451 -6.53 17.88 22.57
C SER A 451 -5.71 16.59 22.50
N ASP A 452 -5.61 15.92 23.65
CA ASP A 452 -4.90 14.66 23.78
C ASP A 452 -5.91 13.51 23.74
N VAL A 453 -7.20 13.83 23.74
CA VAL A 453 -8.20 12.78 23.72
C VAL A 453 -9.20 12.81 22.56
N TYR A 454 -9.58 14.00 22.10
CA TYR A 454 -10.54 14.12 20.99
C TYR A 454 -9.91 14.51 19.65
N SER A 455 -10.67 14.32 18.58
CA SER A 455 -10.23 14.68 17.22
C SER A 455 -10.70 16.12 16.97
N CYS A 456 -9.77 16.98 16.63
CA CYS A 456 -10.08 18.40 16.46
C CYS A 456 -9.93 19.05 15.10
N SER A 457 -10.57 20.21 15.00
CA SER A 457 -10.49 21.06 13.82
C SER A 457 -10.04 22.43 14.34
N PRO A 458 -9.21 23.15 13.58
CA PRO A 458 -8.69 24.46 13.94
C PRO A 458 -9.74 25.51 14.31
N ASN A 459 -11.02 25.23 14.04
CA ASN A 459 -12.05 26.22 14.37
C ASN A 459 -12.48 26.10 15.82
N GLY A 460 -11.84 25.20 16.56
CA GLY A 460 -12.16 25.02 17.97
C GLY A 460 -13.03 23.82 18.33
N MET A 461 -13.47 23.05 17.34
CA MET A 461 -14.34 21.90 17.59
C MET A 461 -13.60 20.60 17.90
N MET A 462 -14.20 19.79 18.78
CA MET A 462 -13.65 18.49 19.16
C MET A 462 -14.71 17.42 18.89
N TYR A 463 -14.27 16.24 18.46
CA TYR A 463 -15.19 15.15 18.14
C TYR A 463 -14.72 13.82 18.71
N TYR A 464 -15.68 12.95 19.00
CA TYR A 464 -15.37 11.63 19.54
C TYR A 464 -14.58 10.81 18.52
N LYS A 465 -13.71 9.93 19.02
CA LYS A 465 -12.88 9.08 18.16
C LYS A 465 -13.21 7.61 18.38
N ASP A 466 -13.92 7.31 19.46
CA ASP A 466 -14.26 5.93 19.77
C ASP A 466 -15.19 5.30 18.73
N ARG A 467 -16.04 6.10 18.13
CA ARG A 467 -16.99 5.63 17.12
C ARG A 467 -16.99 6.48 15.87
N ASP A 468 -17.26 5.87 14.74
CA ASP A 468 -17.34 6.60 13.48
C ASP A 468 -18.75 7.24 13.50
N GLY A 469 -18.82 8.52 13.16
CA GLY A 469 -20.09 9.21 13.15
C GLY A 469 -21.03 8.79 12.03
N VAL A 470 -22.28 9.19 12.16
CA VAL A 470 -23.30 8.89 11.18
C VAL A 470 -22.89 9.37 9.78
N VAL A 471 -22.62 10.66 9.64
CA VAL A 471 -22.23 11.19 8.35
C VAL A 471 -20.94 10.55 7.82
N PRO A 472 -19.90 10.45 8.67
CA PRO A 472 -18.64 9.83 8.21
C PRO A 472 -18.82 8.40 7.70
N THR A 473 -19.62 7.61 8.43
CA THR A 473 -19.89 6.23 8.04
C THR A 473 -20.58 6.17 6.68
N GLU A 474 -21.62 6.97 6.52
CA GLU A 474 -22.35 6.99 5.26
C GLU A 474 -21.49 7.43 4.09
N ILE A 475 -20.73 8.50 4.28
CA ILE A 475 -19.89 8.97 3.19
C ILE A 475 -18.80 7.94 2.87
N THR A 476 -18.27 7.29 3.90
CA THR A 476 -17.24 6.28 3.71
C THR A 476 -17.82 5.12 2.88
N LYS A 477 -19.06 4.75 3.16
CA LYS A 477 -19.72 3.67 2.43
C LYS A 477 -19.79 4.00 0.94
N VAL A 478 -20.29 5.19 0.61
CA VAL A 478 -20.40 5.61 -0.78
C VAL A 478 -19.03 5.75 -1.42
N PHE A 479 -18.05 6.18 -0.64
CA PHE A 479 -16.70 6.34 -1.16
C PHE A 479 -16.18 4.97 -1.62
N ASN A 480 -16.28 3.97 -0.74
CA ASN A 480 -15.82 2.63 -1.07
C ASN A 480 -16.62 1.97 -2.19
N GLN A 481 -17.90 2.27 -2.25
CA GLN A 481 -18.73 1.69 -3.29
C GLN A 481 -18.30 2.20 -4.65
N ARG A 482 -17.94 3.47 -4.74
CA ARG A 482 -17.51 4.00 -6.03
C ARG A 482 -16.29 3.22 -6.51
N LYS A 483 -15.40 2.89 -5.58
CA LYS A 483 -14.18 2.16 -5.90
C LYS A 483 -14.55 0.81 -6.51
N GLU A 484 -15.50 0.13 -5.89
CA GLU A 484 -15.97 -1.18 -6.35
C GLU A 484 -16.54 -1.14 -7.77
N HIS A 485 -17.48 -0.23 -8.00
CA HIS A 485 -18.12 -0.12 -9.30
C HIS A 485 -17.17 0.35 -10.38
N LYS A 486 -16.30 1.30 -10.06
CA LYS A 486 -15.35 1.75 -11.05
C LYS A 486 -14.45 0.56 -11.40
N GLY A 487 -14.23 -0.30 -10.41
CA GLY A 487 -13.43 -1.49 -10.64
C GLY A 487 -14.16 -2.47 -11.54
N TYR A 488 -15.47 -2.61 -11.36
CA TYR A 488 -16.26 -3.51 -12.19
C TYR A 488 -16.25 -2.99 -13.61
N MET A 489 -16.38 -1.67 -13.75
CA MET A 489 -16.39 -1.05 -15.05
C MET A 489 -15.11 -1.39 -15.83
N LEU A 490 -13.96 -1.21 -15.19
CA LEU A 490 -12.68 -1.47 -15.84
C LEU A 490 -12.47 -2.94 -16.20
N ALA A 491 -12.82 -3.83 -15.27
CA ALA A 491 -12.68 -5.27 -15.52
C ALA A 491 -13.58 -5.67 -16.69
N ALA A 492 -14.83 -5.21 -16.69
CA ALA A 492 -15.77 -5.53 -17.77
C ALA A 492 -15.18 -5.06 -19.09
N GLN A 493 -14.55 -3.90 -19.05
CA GLN A 493 -13.93 -3.30 -20.22
C GLN A 493 -12.82 -4.24 -20.73
N ARG A 494 -11.94 -4.67 -19.83
CA ARG A 494 -10.85 -5.56 -20.20
C ARG A 494 -11.41 -6.90 -20.65
N ASN A 495 -12.39 -7.42 -19.90
CA ASN A 495 -13.00 -8.68 -20.27
C ASN A 495 -13.59 -8.56 -21.68
N GLY A 496 -14.04 -7.36 -22.03
CA GLY A 496 -14.60 -7.13 -23.35
C GLY A 496 -13.55 -7.28 -24.45
N GLU A 497 -12.33 -6.84 -24.16
CA GLU A 497 -11.23 -6.93 -25.13
C GLU A 497 -10.82 -8.37 -25.38
N ILE A 498 -10.93 -9.19 -24.34
CA ILE A 498 -10.59 -10.61 -24.46
C ILE A 498 -11.58 -11.26 -25.41
N ILE A 499 -12.86 -10.94 -25.25
CA ILE A 499 -13.91 -11.49 -26.09
C ILE A 499 -13.79 -10.98 -27.52
N LYS A 500 -13.25 -9.78 -27.69
CA LYS A 500 -13.07 -9.22 -29.01
C LYS A 500 -11.87 -9.92 -29.66
N GLU A 501 -10.83 -10.14 -28.86
CA GLU A 501 -9.62 -10.79 -29.31
C GLU A 501 -9.98 -12.19 -29.83
N ALA A 502 -10.91 -12.84 -29.13
CA ALA A 502 -11.35 -14.18 -29.48
C ALA A 502 -12.27 -14.24 -30.70
N LEU A 503 -13.05 -13.20 -30.91
CA LEU A 503 -13.96 -13.15 -32.05
C LEU A 503 -13.25 -13.13 -33.41
N HIS A 504 -11.93 -13.06 -33.39
CA HIS A 504 -11.14 -13.04 -34.63
C HIS A 504 -11.32 -14.34 -35.41
N ASN A 505 -11.07 -15.46 -34.75
CA ASN A 505 -11.22 -16.78 -35.39
C ASN A 505 -12.06 -17.69 -34.51
N PRO A 506 -13.38 -17.43 -34.44
CA PRO A 506 -14.28 -18.25 -33.63
C PRO A 506 -14.41 -19.68 -34.11
N ASN A 507 -14.32 -20.62 -33.19
CA ASN A 507 -14.46 -22.03 -33.52
C ASN A 507 -15.84 -22.26 -34.13
N LEU A 508 -15.98 -23.34 -34.89
CA LEU A 508 -17.27 -23.67 -35.48
C LEU A 508 -17.85 -24.76 -34.58
N SER A 509 -18.21 -24.35 -33.36
CA SER A 509 -18.74 -25.27 -32.37
C SER A 509 -20.19 -25.02 -31.99
N VAL A 510 -20.77 -26.02 -31.33
CA VAL A 510 -22.14 -25.94 -30.85
C VAL A 510 -21.97 -25.79 -29.35
N ASP A 511 -22.25 -24.60 -28.84
CA ASP A 511 -22.09 -24.32 -27.42
C ASP A 511 -22.95 -23.14 -26.98
N GLU A 512 -22.78 -22.72 -25.73
CA GLU A 512 -23.54 -21.60 -25.20
C GLU A 512 -22.63 -20.56 -24.58
N PRO A 513 -23.16 -19.36 -24.31
CA PRO A 513 -22.34 -18.29 -23.71
C PRO A 513 -21.91 -18.79 -22.34
N LEU A 514 -20.64 -18.57 -22.01
CA LEU A 514 -20.11 -19.01 -20.72
C LEU A 514 -20.76 -18.16 -19.63
N ASP A 515 -21.30 -18.80 -18.60
CA ASP A 515 -21.96 -18.08 -17.51
C ASP A 515 -20.95 -17.52 -16.51
N VAL A 516 -20.36 -16.38 -16.84
CA VAL A 516 -19.36 -15.76 -15.97
C VAL A 516 -19.79 -14.40 -15.41
N ASP A 517 -19.00 -13.90 -14.46
CA ASP A 517 -19.27 -12.60 -13.85
C ASP A 517 -18.36 -11.62 -14.58
N TYR A 518 -18.94 -10.75 -15.39
CA TYR A 518 -18.13 -9.80 -16.15
C TYR A 518 -17.51 -8.67 -15.33
N ARG A 519 -17.82 -8.62 -14.04
CA ARG A 519 -17.29 -7.59 -13.16
C ARG A 519 -15.88 -7.89 -12.68
N PHE A 520 -15.39 -9.10 -13.00
CA PHE A 520 -14.08 -9.51 -12.57
C PHE A 520 -13.25 -10.01 -13.74
N ASP A 521 -11.96 -9.68 -13.73
CA ASP A 521 -11.04 -10.09 -14.79
C ASP A 521 -11.03 -11.60 -14.97
N PHE A 522 -11.26 -12.03 -16.20
CA PHE A 522 -11.29 -13.45 -16.52
C PHE A 522 -10.02 -14.18 -16.12
N SER A 523 -10.20 -15.36 -15.52
CA SER A 523 -9.09 -16.21 -15.11
C SER A 523 -8.52 -16.84 -16.37
N ASP A 524 -7.40 -17.54 -16.24
CA ASP A 524 -6.82 -18.18 -17.42
C ASP A 524 -7.66 -19.37 -17.87
N GLU A 525 -8.40 -19.97 -16.94
CA GLU A 525 -9.26 -21.10 -17.25
C GLU A 525 -10.36 -20.62 -18.19
N ILE A 526 -10.96 -19.49 -17.84
CA ILE A 526 -12.04 -18.90 -18.63
C ILE A 526 -11.52 -18.40 -19.98
N LYS A 527 -10.32 -17.82 -19.99
CA LYS A 527 -9.75 -17.33 -21.24
C LYS A 527 -9.62 -18.50 -22.22
N GLU A 528 -9.11 -19.61 -21.72
CA GLU A 528 -8.93 -20.80 -22.55
C GLU A 528 -10.27 -21.26 -23.12
N LYS A 529 -11.26 -21.40 -22.25
CA LYS A 529 -12.59 -21.83 -22.70
C LYS A 529 -13.16 -20.91 -23.76
N ILE A 530 -12.96 -19.61 -23.56
CA ILE A 530 -13.44 -18.60 -24.50
C ILE A 530 -12.80 -18.75 -25.88
N LYS A 531 -11.56 -19.21 -25.92
CA LYS A 531 -10.86 -19.42 -27.19
C LYS A 531 -11.53 -20.52 -28.02
N LYS A 532 -12.34 -21.35 -27.37
CA LYS A 532 -13.00 -22.47 -28.06
C LYS A 532 -14.45 -22.21 -28.43
N LEU A 533 -15.04 -21.14 -27.93
CA LEU A 533 -16.43 -20.82 -28.20
C LEU A 533 -16.73 -20.42 -29.64
N SER A 534 -18.01 -20.49 -30.00
CA SER A 534 -18.47 -20.14 -31.33
C SER A 534 -18.80 -18.66 -31.42
N ALA A 535 -18.96 -18.17 -32.65
CA ALA A 535 -19.27 -16.78 -32.89
C ALA A 535 -20.55 -16.35 -32.19
N LYS A 536 -21.58 -17.17 -32.28
CA LYS A 536 -22.86 -16.84 -31.65
C LYS A 536 -22.73 -16.65 -30.14
N SER A 537 -22.00 -17.57 -29.51
CA SER A 537 -21.82 -17.49 -28.07
C SER A 537 -20.97 -16.28 -27.67
N LEU A 538 -19.84 -16.10 -28.33
CA LEU A 538 -18.95 -14.98 -28.02
C LEU A 538 -19.62 -13.61 -28.18
N ASN A 539 -20.38 -13.43 -29.25
CA ASN A 539 -21.05 -12.16 -29.49
C ASN A 539 -22.05 -11.89 -28.36
N GLU A 540 -22.71 -12.93 -27.88
CA GLU A 540 -23.66 -12.77 -26.78
C GLU A 540 -22.91 -12.40 -25.50
N MET A 541 -21.67 -12.86 -25.38
CA MET A 541 -20.86 -12.55 -24.21
C MET A 541 -20.37 -11.11 -24.25
N LEU A 542 -19.95 -10.67 -25.44
CA LEU A 542 -19.46 -9.31 -25.61
C LEU A 542 -20.60 -8.34 -25.26
N PHE A 543 -21.80 -8.69 -25.69
CA PHE A 543 -22.97 -7.86 -25.41
C PHE A 543 -23.17 -7.74 -23.89
N ARG A 544 -22.95 -8.85 -23.19
CA ARG A 544 -23.10 -8.89 -21.74
C ARG A 544 -21.97 -8.15 -21.03
N ALA A 545 -20.77 -8.27 -21.58
CA ALA A 545 -19.60 -7.61 -21.01
C ALA A 545 -19.80 -6.09 -21.07
N GLN A 546 -20.28 -5.61 -22.21
CA GLN A 546 -20.50 -4.19 -22.40
C GLN A 546 -21.64 -3.66 -21.54
N ARG A 547 -22.73 -4.42 -21.44
CA ARG A 547 -23.85 -3.99 -20.62
C ARG A 547 -23.34 -3.79 -19.20
N THR A 548 -22.43 -4.67 -18.78
CA THR A 548 -21.85 -4.64 -17.44
C THR A 548 -20.97 -3.40 -17.29
N GLU A 549 -20.21 -3.09 -18.33
CA GLU A 549 -19.34 -1.92 -18.29
C GLU A 549 -20.17 -0.65 -18.17
N VAL A 550 -21.20 -0.53 -18.99
CA VAL A 550 -22.08 0.63 -18.96
C VAL A 550 -22.69 0.81 -17.57
N ALA A 551 -23.21 -0.27 -17.01
CA ALA A 551 -23.82 -0.21 -15.68
C ALA A 551 -22.77 0.22 -14.66
N GLY A 552 -21.57 -0.35 -14.80
CA GLY A 552 -20.47 -0.01 -13.90
C GLY A 552 -20.13 1.46 -13.97
N MET A 553 -20.12 2.01 -15.18
CA MET A 553 -19.82 3.42 -15.37
C MET A 553 -20.89 4.28 -14.67
N THR A 554 -22.15 3.99 -14.97
CA THR A 554 -23.25 4.74 -14.39
C THR A 554 -23.27 4.68 -12.85
N ALA A 555 -23.00 3.52 -12.28
CA ALA A 555 -23.00 3.39 -10.82
C ALA A 555 -21.88 4.23 -10.18
N GLN A 556 -20.69 4.14 -10.76
CA GLN A 556 -19.55 4.87 -10.22
C GLN A 556 -19.74 6.37 -10.38
N ILE A 557 -20.34 6.79 -11.49
CA ILE A 557 -20.59 8.21 -11.70
C ILE A 557 -21.64 8.69 -10.68
N ASN A 558 -22.66 7.87 -10.47
CA ASN A 558 -23.71 8.19 -9.50
C ASN A 558 -23.05 8.31 -8.11
N ARG A 559 -22.16 7.38 -7.79
CA ARG A 559 -21.49 7.41 -6.50
C ARG A 559 -20.63 8.68 -6.39
N LYS A 560 -20.01 9.06 -7.50
CA LYS A 560 -19.17 10.25 -7.50
C LYS A 560 -19.99 11.50 -7.20
N LEU A 561 -21.09 11.67 -7.90
CA LEU A 561 -21.94 12.83 -7.70
C LEU A 561 -22.41 12.92 -6.25
N LEU A 562 -22.71 11.78 -5.65
CA LEU A 562 -23.16 11.78 -4.26
C LEU A 562 -22.05 12.28 -3.35
N ILE A 563 -20.85 11.74 -3.54
CA ILE A 563 -19.69 12.11 -2.74
C ILE A 563 -19.42 13.61 -2.81
N ASN A 564 -19.51 14.17 -4.01
CA ASN A 564 -19.25 15.58 -4.18
C ASN A 564 -20.40 16.52 -3.83
N SER A 565 -21.59 15.98 -3.61
CA SER A 565 -22.71 16.85 -3.26
C SER A 565 -23.03 16.86 -1.77
N LEU A 566 -22.37 16.00 -1.00
CA LEU A 566 -22.62 15.94 0.45
C LEU A 566 -22.27 17.25 1.14
N TYR A 567 -21.11 17.80 0.83
CA TYR A 567 -20.69 19.05 1.44
C TYR A 567 -21.73 20.13 1.18
N GLY A 568 -22.22 20.22 -0.05
CA GLY A 568 -23.21 21.23 -0.38
C GLY A 568 -24.41 21.11 0.53
N ALA A 569 -24.87 19.89 0.74
CA ALA A 569 -26.01 19.62 1.62
C ALA A 569 -25.71 20.05 3.06
N LEU A 570 -24.57 19.62 3.59
CA LEU A 570 -24.15 19.93 4.96
C LEU A 570 -23.99 21.42 5.17
N GLY A 571 -23.92 22.18 4.08
CA GLY A 571 -23.80 23.61 4.18
C GLY A 571 -25.13 24.30 3.96
N ASN A 572 -26.19 23.51 3.78
CA ASN A 572 -27.52 24.05 3.53
C ASN A 572 -28.41 24.01 4.76
N VAL A 573 -28.88 25.18 5.18
CA VAL A 573 -29.73 25.28 6.38
C VAL A 573 -30.96 24.39 6.36
N TRP A 574 -31.38 23.93 5.19
CA TRP A 574 -32.55 23.05 5.11
C TRP A 574 -32.21 21.56 5.28
N PHE A 575 -30.92 21.23 5.32
CA PHE A 575 -30.50 19.84 5.47
C PHE A 575 -30.66 19.39 6.91
N ARG A 576 -31.27 18.22 7.09
CA ARG A 576 -31.53 17.64 8.41
C ARG A 576 -30.28 17.50 9.29
N TYR A 577 -29.11 17.37 8.66
CA TYR A 577 -27.86 17.20 9.42
C TYR A 577 -26.95 18.42 9.39
N TYR A 578 -27.52 19.55 8.96
CA TYR A 578 -26.76 20.79 8.89
C TYR A 578 -26.39 21.25 10.30
N ASP A 579 -25.19 21.80 10.42
CA ASP A 579 -24.69 22.35 11.67
C ASP A 579 -23.59 23.34 11.29
N LEU A 580 -23.84 24.61 11.61
CA LEU A 580 -22.92 25.69 11.32
C LEU A 580 -21.50 25.43 11.83
N ARG A 581 -21.41 24.95 13.07
CA ARG A 581 -20.11 24.64 13.67
C ARG A 581 -19.42 23.54 12.90
N ASN A 582 -20.17 22.55 12.45
CA ASN A 582 -19.59 21.46 11.68
C ASN A 582 -19.16 21.90 10.28
N ALA A 583 -19.97 22.72 9.64
CA ALA A 583 -19.61 23.19 8.30
C ALA A 583 -18.34 24.04 8.41
N THR A 584 -18.27 24.87 9.44
CA THR A 584 -17.10 25.73 9.64
C THR A 584 -15.87 24.91 9.99
N ALA A 585 -16.07 23.83 10.75
CA ALA A 585 -14.96 22.97 11.13
C ALA A 585 -14.35 22.37 9.86
N ILE A 586 -15.22 21.92 8.95
CA ILE A 586 -14.75 21.33 7.71
C ILE A 586 -13.89 22.30 6.88
N THR A 587 -14.44 23.46 6.54
CA THR A 587 -13.72 24.45 5.73
C THR A 587 -12.47 25.01 6.39
N THR A 588 -12.54 25.30 7.70
CA THR A 588 -11.39 25.87 8.39
C THR A 588 -10.26 24.83 8.42
N PHE A 589 -10.62 23.56 8.60
CA PHE A 589 -9.61 22.50 8.62
C PHE A 589 -8.99 22.42 7.23
N GLY A 590 -9.80 22.70 6.21
CA GLY A 590 -9.31 22.67 4.85
C GLY A 590 -8.29 23.76 4.62
N GLN A 591 -8.53 24.93 5.21
CA GLN A 591 -7.58 26.04 5.06
C GLN A 591 -6.24 25.72 5.73
N MET A 592 -6.31 25.12 6.92
CA MET A 592 -5.10 24.77 7.63
C MET A 592 -4.32 23.73 6.83
N ALA A 593 -5.01 22.71 6.36
CA ALA A 593 -4.34 21.64 5.61
C ALA A 593 -3.54 22.15 4.42
N LEU A 594 -4.16 23.01 3.62
CA LEU A 594 -3.49 23.53 2.43
C LEU A 594 -2.27 24.40 2.78
N GLN A 595 -2.44 25.32 3.71
CA GLN A 595 -1.35 26.20 4.09
C GLN A 595 -0.25 25.48 4.89
N TRP A 596 -0.64 24.43 5.60
CA TRP A 596 0.32 23.64 6.36
C TRP A 596 1.21 22.94 5.34
N ILE A 597 0.60 22.24 4.38
CA ILE A 597 1.41 21.53 3.41
C ILE A 597 2.20 22.50 2.54
N GLU A 598 1.68 23.70 2.31
CA GLU A 598 2.42 24.68 1.52
C GLU A 598 3.75 24.98 2.21
N ARG A 599 3.71 25.07 3.54
CA ARG A 599 4.90 25.33 4.37
C ARG A 599 5.84 24.13 4.31
N LYS A 600 5.30 22.95 4.55
CA LYS A 600 6.11 21.74 4.51
C LYS A 600 6.81 21.54 3.18
N VAL A 601 6.13 21.88 2.08
CA VAL A 601 6.70 21.73 0.75
C VAL A 601 7.81 22.76 0.51
N ASN A 602 7.61 23.98 1.02
CA ASN A 602 8.63 25.00 0.86
C ASN A 602 9.85 24.62 1.70
N GLU A 603 9.61 24.11 2.90
CA GLU A 603 10.72 23.69 3.76
C GLU A 603 11.49 22.57 3.07
N TYR A 604 10.78 21.54 2.64
CA TYR A 604 11.44 20.42 1.97
C TYR A 604 12.24 20.84 0.75
N LEU A 605 11.60 21.58 -0.14
CA LEU A 605 12.27 22.02 -1.36
C LEU A 605 13.49 22.91 -1.11
N ASN A 606 13.41 23.81 -0.13
CA ASN A 606 14.54 24.66 0.18
C ASN A 606 15.69 23.77 0.67
N GLU A 607 15.38 22.79 1.52
CA GLU A 607 16.39 21.89 2.04
C GLU A 607 17.09 21.09 0.94
N VAL A 608 16.32 20.39 0.11
CA VAL A 608 16.93 19.58 -0.94
C VAL A 608 17.59 20.40 -2.04
N CYS A 609 17.26 21.68 -2.14
CA CYS A 609 17.87 22.52 -3.15
C CYS A 609 18.95 23.40 -2.53
N GLY A 610 19.32 23.09 -1.29
CA GLY A 610 20.33 23.84 -0.59
C GLY A 610 20.13 25.35 -0.62
N THR A 611 18.92 25.81 -0.31
CA THR A 611 18.64 27.24 -0.32
C THR A 611 17.86 27.67 0.92
N GLU A 612 17.71 28.98 1.11
CA GLU A 612 17.02 29.52 2.28
C GLU A 612 15.81 30.39 1.93
N GLY A 613 14.75 30.25 2.72
CA GLY A 613 13.53 31.02 2.53
C GLY A 613 13.04 31.27 1.11
N GLU A 614 13.08 30.24 0.28
CA GLU A 614 12.63 30.36 -1.10
C GLU A 614 11.14 29.97 -1.17
N ALA A 615 10.35 30.74 -1.92
CA ALA A 615 8.92 30.44 -2.04
C ALA A 615 8.65 29.56 -3.27
N PHE A 616 8.56 28.26 -3.05
CA PHE A 616 8.32 27.34 -4.15
C PHE A 616 6.84 27.26 -4.53
N VAL A 617 5.95 27.29 -3.54
CA VAL A 617 4.52 27.24 -3.80
C VAL A 617 4.08 28.60 -4.29
N LEU A 618 3.81 28.70 -5.59
CA LEU A 618 3.42 29.96 -6.20
C LEU A 618 1.92 30.29 -6.08
N TYR A 619 1.09 29.26 -5.97
CA TYR A 619 -0.36 29.44 -5.89
C TYR A 619 -1.02 28.25 -5.20
N GLY A 620 -2.26 28.44 -4.77
CA GLY A 620 -2.99 27.38 -4.10
C GLY A 620 -4.45 27.78 -4.02
N ASP A 621 -5.36 26.81 -4.17
CA ASP A 621 -6.79 27.11 -4.12
C ASP A 621 -7.60 25.92 -3.62
N THR A 622 -8.16 26.06 -2.43
CA THR A 622 -9.00 25.03 -1.82
C THR A 622 -8.29 23.72 -1.51
N ASP A 623 -8.01 22.91 -2.55
CA ASP A 623 -7.39 21.62 -2.36
C ASP A 623 -6.14 21.39 -3.21
N SER A 624 -5.61 22.43 -3.83
CA SER A 624 -4.44 22.28 -4.67
C SER A 624 -3.36 23.34 -4.49
N ILE A 625 -2.13 22.96 -4.82
CA ILE A 625 -0.99 23.85 -4.74
C ILE A 625 -0.21 23.74 -6.05
N TYR A 626 0.38 24.85 -6.49
CA TYR A 626 1.18 24.91 -7.70
C TYR A 626 2.61 25.29 -7.34
N VAL A 627 3.51 24.35 -7.61
CA VAL A 627 4.92 24.50 -7.31
C VAL A 627 5.76 24.95 -8.51
N SER A 628 6.55 25.99 -8.31
CA SER A 628 7.44 26.48 -9.36
C SER A 628 8.64 25.54 -9.35
N ALA A 629 8.80 24.78 -10.43
CA ALA A 629 9.90 23.83 -10.51
C ALA A 629 11.17 24.36 -11.16
N ASP A 630 11.22 25.67 -11.40
CA ASP A 630 12.38 26.28 -12.02
C ASP A 630 13.69 25.87 -11.34
N LYS A 631 13.81 26.19 -10.05
CA LYS A 631 15.02 25.88 -9.31
C LYS A 631 15.35 24.40 -9.27
N ILE A 632 14.33 23.53 -9.40
CA ILE A 632 14.58 22.10 -9.40
C ILE A 632 15.30 21.73 -10.71
N ILE A 633 14.90 22.37 -11.79
CA ILE A 633 15.50 22.14 -13.10
C ILE A 633 16.93 22.70 -13.13
N ASP A 634 17.15 23.83 -12.47
CA ASP A 634 18.47 24.45 -12.43
C ASP A 634 19.45 23.65 -11.59
N LYS A 635 19.05 23.26 -10.38
CA LYS A 635 19.91 22.47 -9.50
C LYS A 635 20.68 21.45 -10.32
N VAL A 636 20.01 20.87 -11.30
CA VAL A 636 20.61 19.88 -12.19
C VAL A 636 21.21 20.56 -13.40
N GLY A 637 20.38 21.33 -14.09
CA GLY A 637 20.84 22.03 -15.27
C GLY A 637 20.06 21.59 -16.49
N GLU A 638 19.52 22.56 -17.23
CA GLU A 638 18.75 22.24 -18.43
C GLU A 638 19.56 21.48 -19.46
N SER A 639 20.80 21.92 -19.68
CA SER A 639 21.67 21.26 -20.65
C SER A 639 21.64 19.75 -20.45
N LYS A 640 21.64 19.32 -19.19
CA LYS A 640 21.61 17.90 -18.86
C LYS A 640 20.47 17.15 -19.55
N PHE A 641 19.35 17.81 -19.77
CA PHE A 641 18.20 17.16 -20.40
C PHE A 641 18.22 17.01 -21.91
N ARG A 642 18.17 15.76 -22.34
CA ARG A 642 18.18 15.42 -23.76
C ARG A 642 17.06 16.11 -24.54
N ASP A 643 15.83 15.92 -24.06
CA ASP A 643 14.66 16.49 -24.73
C ASP A 643 13.55 16.81 -23.73
N THR A 644 12.43 17.34 -24.24
CA THR A 644 11.30 17.70 -23.39
C THR A 644 10.82 16.52 -22.53
N ASN A 645 10.62 15.37 -23.15
CA ASN A 645 10.15 14.19 -22.43
C ASN A 645 11.12 13.77 -21.31
N HIS A 646 12.39 14.13 -21.46
CA HIS A 646 13.39 13.78 -20.44
C HIS A 646 13.13 14.55 -19.15
N TRP A 647 12.98 15.88 -19.24
CA TRP A 647 12.74 16.63 -18.00
C TRP A 647 11.36 16.34 -17.40
N VAL A 648 10.39 16.01 -18.25
CA VAL A 648 9.06 15.68 -17.72
C VAL A 648 9.22 14.41 -16.88
N ASP A 649 9.97 13.45 -17.42
CA ASP A 649 10.23 12.20 -16.72
C ASP A 649 10.93 12.50 -15.40
N PHE A 650 11.93 13.37 -15.46
CA PHE A 650 12.69 13.76 -14.27
C PHE A 650 11.79 14.31 -13.18
N LEU A 651 10.99 15.32 -13.51
CA LEU A 651 10.09 15.91 -12.53
C LEU A 651 9.04 14.91 -12.03
N ASP A 652 8.61 14.01 -12.91
CA ASP A 652 7.62 12.98 -12.54
C ASP A 652 8.20 12.05 -11.49
N LYS A 653 9.48 11.72 -11.68
CA LYS A 653 10.20 10.83 -10.79
C LYS A 653 10.53 11.58 -9.51
N PHE A 654 10.96 12.82 -9.65
CA PHE A 654 11.30 13.65 -8.50
C PHE A 654 10.08 13.84 -7.59
N ALA A 655 8.90 13.94 -8.20
CA ALA A 655 7.67 14.12 -7.43
C ALA A 655 7.30 12.81 -6.70
N ARG A 656 7.20 11.74 -7.47
CA ARG A 656 6.82 10.45 -6.92
C ARG A 656 7.79 9.82 -5.92
N GLU A 657 9.09 10.09 -6.07
CA GLU A 657 10.06 9.49 -5.18
C GLU A 657 10.57 10.34 -4.04
N ARG A 658 10.46 11.65 -4.15
CA ARG A 658 10.96 12.52 -3.10
C ARG A 658 9.93 13.45 -2.47
N MET A 659 9.09 14.08 -3.30
CA MET A 659 8.08 15.00 -2.78
C MET A 659 6.88 14.34 -2.10
N GLU A 660 6.35 13.29 -2.72
CA GLU A 660 5.19 12.60 -2.15
C GLU A 660 5.48 12.11 -0.73
N PRO A 661 6.58 11.37 -0.54
CA PRO A 661 6.88 10.88 0.80
C PRO A 661 6.94 12.03 1.82
N ALA A 662 7.53 13.15 1.40
CA ALA A 662 7.65 14.31 2.30
C ALA A 662 6.26 14.91 2.59
N ILE A 663 5.41 14.93 1.58
CA ILE A 663 4.06 15.45 1.75
C ILE A 663 3.30 14.53 2.71
N ASP A 664 3.46 13.22 2.53
CA ASP A 664 2.77 12.29 3.40
C ASP A 664 3.24 12.44 4.84
N ARG A 665 4.55 12.50 5.05
CA ARG A 665 5.09 12.66 6.40
C ARG A 665 4.52 13.96 6.95
N GLY A 666 4.45 14.98 6.11
CA GLY A 666 3.91 16.26 6.54
C GLY A 666 2.48 16.16 7.03
N PHE A 667 1.63 15.47 6.28
CA PHE A 667 0.23 15.35 6.67
C PHE A 667 -0.01 14.45 7.86
N ARG A 668 0.86 13.47 8.05
CA ARG A 668 0.69 12.59 9.19
C ARG A 668 0.96 13.35 10.47
N GLU A 669 1.95 14.23 10.43
CA GLU A 669 2.28 15.04 11.60
C GLU A 669 1.05 15.89 11.93
N MET A 670 0.46 16.49 10.89
CA MET A 670 -0.71 17.33 11.09
C MET A 670 -1.88 16.55 11.68
N CYS A 671 -2.04 15.30 11.24
CA CYS A 671 -3.11 14.44 11.74
C CYS A 671 -2.93 14.17 13.23
N GLU A 672 -1.69 13.90 13.64
CA GLU A 672 -1.39 13.65 15.05
C GLU A 672 -1.58 14.94 15.86
N TYR A 673 -1.09 16.06 15.32
CA TYR A 673 -1.20 17.37 15.98
C TYR A 673 -2.65 17.70 16.29
N MET A 674 -3.52 17.37 15.36
CA MET A 674 -4.95 17.61 15.50
C MET A 674 -5.62 16.36 16.11
N ASN A 675 -4.81 15.34 16.39
CA ASN A 675 -5.30 14.09 16.99
C ASN A 675 -6.55 13.51 16.31
N ASN A 676 -6.55 13.52 14.98
CA ASN A 676 -7.70 13.04 14.20
C ASN A 676 -7.92 11.53 14.26
N LYS A 677 -9.10 11.09 13.87
CA LYS A 677 -9.41 9.67 13.91
C LYS A 677 -8.57 8.85 12.95
N GLN A 678 -8.26 9.42 11.78
CA GLN A 678 -7.42 8.71 10.83
C GLN A 678 -6.90 9.57 9.69
N HIS A 679 -5.70 9.24 9.23
CA HIS A 679 -5.05 9.98 8.16
C HIS A 679 -5.70 9.73 6.81
N LEU A 680 -6.21 10.78 6.18
CA LEU A 680 -6.86 10.65 4.87
C LEU A 680 -6.48 11.81 3.96
N MET A 681 -5.57 12.65 4.42
CA MET A 681 -5.10 13.77 3.62
C MET A 681 -4.11 13.22 2.61
N PHE A 682 -4.61 12.83 1.44
CA PHE A 682 -3.77 12.29 0.36
C PHE A 682 -3.72 13.29 -0.78
N MET A 683 -2.51 13.75 -1.09
CA MET A 683 -2.30 14.74 -2.13
C MET A 683 -1.41 14.19 -3.24
N ASP A 684 -2.01 13.90 -4.39
CA ASP A 684 -1.28 13.34 -5.53
C ASP A 684 -0.83 14.34 -6.59
N ARG A 685 0.27 14.00 -7.27
CA ARG A 685 0.82 14.87 -8.30
C ARG A 685 -0.17 14.94 -9.45
N GLU A 686 -0.53 16.15 -9.84
CA GLU A 686 -1.50 16.32 -10.91
C GLU A 686 -0.87 16.64 -12.25
N ALA A 687 -0.51 17.90 -12.45
CA ALA A 687 0.06 18.30 -13.72
C ALA A 687 1.53 18.69 -13.68
N ILE A 688 2.17 18.53 -14.83
CA ILE A 688 3.55 18.90 -15.05
C ILE A 688 3.48 19.83 -16.25
N ALA A 689 3.83 21.10 -16.04
CA ALA A 689 3.75 22.08 -17.10
C ALA A 689 5.09 22.74 -17.40
N GLY A 690 5.25 23.17 -18.65
CA GLY A 690 6.48 23.83 -19.06
C GLY A 690 6.46 24.06 -20.56
N PRO A 691 7.39 24.87 -21.09
CA PRO A 691 7.44 25.13 -22.53
C PRO A 691 8.24 24.01 -23.19
N PRO A 692 8.16 23.90 -24.53
CA PRO A 692 8.93 22.86 -25.24
C PRO A 692 10.42 23.15 -25.07
N LEU A 693 11.18 22.14 -24.66
CA LEU A 693 12.62 22.33 -24.48
C LEU A 693 13.21 22.95 -25.74
N GLY A 694 13.97 24.03 -25.57
CA GLY A 694 14.56 24.70 -26.71
C GLY A 694 13.79 25.92 -27.18
N SER A 695 12.47 25.79 -27.27
CA SER A 695 11.62 26.89 -27.74
C SER A 695 11.69 28.15 -26.88
N LYS A 696 10.94 29.16 -27.29
CA LYS A 696 10.89 30.42 -26.56
C LYS A 696 9.61 30.57 -25.75
N GLY A 697 8.78 29.52 -25.74
CA GLY A 697 7.54 29.58 -24.98
C GLY A 697 7.80 29.94 -23.52
N ILE A 698 6.81 30.52 -22.85
CA ILE A 698 6.96 30.91 -21.45
C ILE A 698 6.46 29.81 -20.51
N GLY A 699 5.73 28.85 -21.05
CA GLY A 699 5.21 27.77 -20.23
C GLY A 699 3.84 28.01 -19.60
N GLY A 700 3.70 29.09 -18.85
CA GLY A 700 2.41 29.38 -18.22
C GLY A 700 2.42 30.72 -17.52
N PHE A 701 1.26 31.16 -17.04
CA PHE A 701 1.19 32.44 -16.33
C PHE A 701 -0.05 32.54 -15.45
N TRP A 702 0.00 33.49 -14.52
CA TRP A 702 -1.09 33.78 -13.58
C TRP A 702 -1.33 35.28 -13.66
N THR A 703 -2.59 35.71 -13.74
CA THR A 703 -2.87 37.15 -13.75
C THR A 703 -3.40 37.52 -12.37
N GLY A 704 -3.83 36.51 -11.61
CA GLY A 704 -4.36 36.73 -10.28
C GLY A 704 -5.11 35.50 -9.78
N LYS A 705 -5.89 35.66 -8.72
CA LYS A 705 -6.64 34.53 -8.18
C LYS A 705 -7.61 33.93 -9.21
N LYS A 706 -7.67 32.61 -9.26
CA LYS A 706 -8.56 31.87 -10.14
C LYS A 706 -8.48 32.24 -11.63
N ARG A 707 -7.31 32.68 -12.07
CA ARG A 707 -7.09 33.07 -13.46
C ARG A 707 -5.67 32.71 -13.88
N TYR A 708 -5.51 31.58 -14.58
CA TYR A 708 -4.18 31.16 -15.03
C TYR A 708 -4.23 30.27 -16.27
N ALA A 709 -3.06 29.97 -16.82
CA ALA A 709 -2.92 29.13 -18.00
C ALA A 709 -1.62 28.35 -17.98
N LEU A 710 -1.69 27.05 -18.28
CA LEU A 710 -0.49 26.19 -18.27
C LEU A 710 -0.39 25.28 -19.49
N ASN A 711 0.83 25.07 -19.96
CA ASN A 711 1.07 24.17 -21.09
C ASN A 711 1.44 22.84 -20.44
N VAL A 712 0.47 21.91 -20.43
CA VAL A 712 0.62 20.61 -19.77
C VAL A 712 1.08 19.42 -20.60
N TRP A 713 2.13 18.75 -20.12
CA TRP A 713 2.67 17.59 -20.81
C TRP A 713 2.22 16.28 -20.19
N ASP A 714 1.95 16.30 -18.90
CA ASP A 714 1.54 15.10 -18.21
C ASP A 714 0.54 15.40 -17.10
N MET A 715 -0.54 14.61 -17.06
CA MET A 715 -1.59 14.75 -16.08
C MET A 715 -1.79 13.44 -15.35
N GLU A 716 -1.30 13.36 -14.12
CA GLU A 716 -1.43 12.16 -13.29
C GLU A 716 -0.81 10.90 -13.88
N GLY A 717 0.37 11.02 -14.50
CA GLY A 717 1.02 9.84 -15.06
C GLY A 717 0.63 9.57 -16.50
N THR A 718 -0.31 10.35 -17.03
CA THR A 718 -0.73 10.18 -18.41
C THR A 718 0.06 11.17 -19.26
N ARG A 719 1.06 10.67 -19.99
CA ARG A 719 1.89 11.53 -20.83
C ARG A 719 1.18 11.84 -22.13
N TYR A 720 0.97 13.13 -22.42
CA TYR A 720 0.27 13.53 -23.64
C TYR A 720 1.12 13.46 -24.90
N ALA A 721 0.49 13.07 -26.00
CA ALA A 721 1.17 12.99 -27.29
C ALA A 721 1.57 14.41 -27.65
N GLU A 722 0.64 15.33 -27.45
CA GLU A 722 0.86 16.75 -27.71
C GLU A 722 0.48 17.51 -26.45
N PRO A 723 1.25 18.53 -26.09
CA PRO A 723 0.91 19.29 -24.88
C PRO A 723 -0.48 19.89 -25.00
N LYS A 724 -1.20 19.92 -23.89
CA LYS A 724 -2.53 20.49 -23.89
C LYS A 724 -2.60 21.67 -22.93
N LEU A 725 -3.32 22.71 -23.34
CA LEU A 725 -3.44 23.90 -22.53
C LEU A 725 -4.48 23.75 -21.43
N LYS A 726 -4.08 24.05 -20.20
CA LYS A 726 -5.02 24.03 -19.08
C LYS A 726 -5.23 25.51 -18.76
N ILE A 727 -6.41 26.03 -19.12
CA ILE A 727 -6.74 27.42 -18.88
C ILE A 727 -7.90 27.54 -17.91
N MET A 728 -7.70 28.28 -16.82
CA MET A 728 -8.78 28.44 -15.85
C MET A 728 -9.10 29.91 -15.60
N GLY A 729 -10.38 30.24 -15.57
CA GLY A 729 -10.79 31.60 -15.30
C GLY A 729 -10.70 32.61 -16.44
N LEU A 730 -9.71 32.49 -17.30
CA LEU A 730 -9.56 33.43 -18.41
C LEU A 730 -10.76 33.46 -19.34
N GLU A 731 -10.92 34.57 -20.04
CA GLU A 731 -12.04 34.79 -20.94
C GLU A 731 -12.33 33.66 -21.93
N THR A 732 -11.33 32.84 -22.21
CA THR A 732 -11.52 31.73 -23.15
C THR A 732 -12.48 30.71 -22.57
N GLN A 733 -12.58 30.68 -21.25
CA GLN A 733 -13.44 29.75 -20.54
C GLN A 733 -14.82 30.30 -20.17
N LYS A 734 -15.10 31.55 -20.56
CA LYS A 734 -16.39 32.16 -20.21
C LYS A 734 -17.39 32.20 -21.36
N SER A 735 -18.62 31.77 -21.08
CA SER A 735 -19.67 31.74 -22.07
C SER A 735 -20.08 33.14 -22.52
N SER A 736 -19.68 34.17 -21.77
CA SER A 736 -20.03 35.53 -22.15
C SER A 736 -19.06 36.10 -23.19
N THR A 737 -17.94 35.42 -23.41
CA THR A 737 -16.96 35.87 -24.39
C THR A 737 -17.38 35.40 -25.80
N PRO A 738 -17.35 36.29 -26.80
CA PRO A 738 -17.75 35.83 -28.13
C PRO A 738 -16.92 34.62 -28.63
N LYS A 739 -17.60 33.71 -29.33
CA LYS A 739 -16.97 32.49 -29.83
C LYS A 739 -15.65 32.74 -30.55
N ALA A 740 -15.68 33.61 -31.56
CA ALA A 740 -14.48 33.93 -32.33
C ALA A 740 -13.37 34.47 -31.45
N VAL A 741 -13.73 35.27 -30.45
CA VAL A 741 -12.76 35.85 -29.54
C VAL A 741 -12.18 34.77 -28.61
N GLN A 742 -13.00 33.80 -28.21
CA GLN A 742 -12.54 32.72 -27.35
C GLN A 742 -11.43 31.95 -28.07
N LYS A 743 -11.69 31.65 -29.33
CA LYS A 743 -10.76 30.91 -30.17
C LYS A 743 -9.48 31.69 -30.42
N ALA A 744 -9.62 32.97 -30.73
CA ALA A 744 -8.46 33.82 -30.99
C ALA A 744 -7.62 33.97 -29.71
N LEU A 745 -8.29 34.26 -28.59
CA LEU A 745 -7.56 34.42 -27.34
C LEU A 745 -6.85 33.11 -26.98
N LYS A 746 -7.46 31.98 -27.32
CA LYS A 746 -6.83 30.70 -27.01
C LYS A 746 -5.59 30.47 -27.86
N GLU A 747 -5.61 30.90 -29.12
CA GLU A 747 -4.44 30.72 -29.97
C GLU A 747 -3.33 31.66 -29.47
N CYS A 748 -3.70 32.84 -29.01
CA CYS A 748 -2.71 33.78 -28.47
C CYS A 748 -2.01 33.17 -27.26
N ILE A 749 -2.79 32.54 -26.39
CA ILE A 749 -2.23 31.91 -25.20
C ILE A 749 -1.34 30.74 -25.59
N ARG A 750 -1.79 29.95 -26.57
CA ARG A 750 -1.00 28.80 -27.02
C ARG A 750 0.36 29.29 -27.52
N ARG A 751 0.35 30.33 -28.34
CA ARG A 751 1.59 30.90 -28.87
C ARG A 751 2.48 31.45 -27.77
N MET A 752 1.88 32.07 -26.77
CA MET A 752 2.66 32.61 -25.66
C MET A 752 3.36 31.50 -24.89
N LEU A 753 2.58 30.50 -24.49
CA LEU A 753 3.10 29.39 -23.70
C LEU A 753 4.00 28.40 -24.42
N GLN A 754 3.80 28.22 -25.72
CA GLN A 754 4.60 27.25 -26.46
C GLN A 754 5.62 27.82 -27.44
N GLU A 755 5.41 29.03 -27.93
CA GLU A 755 6.32 29.57 -28.93
C GLU A 755 7.02 30.88 -28.61
N GLY A 756 6.40 31.76 -27.84
CA GLY A 756 7.06 33.00 -27.51
C GLY A 756 6.44 34.31 -27.94
N GLU A 757 7.07 35.39 -27.50
CA GLU A 757 6.61 36.75 -27.79
C GLU A 757 6.39 37.09 -29.25
N GLU A 758 7.39 36.83 -30.10
CA GLU A 758 7.22 37.13 -31.52
C GLU A 758 6.09 36.33 -32.17
N SER A 759 5.86 35.10 -31.70
CA SER A 759 4.78 34.31 -32.27
C SER A 759 3.44 34.95 -31.93
N LEU A 760 3.32 35.42 -30.69
CA LEU A 760 2.11 36.08 -30.21
C LEU A 760 1.83 37.36 -30.97
N GLN A 761 2.88 38.18 -31.12
CA GLN A 761 2.76 39.46 -31.82
C GLN A 761 2.27 39.25 -33.24
N GLU A 762 2.82 38.25 -33.92
CA GLU A 762 2.44 37.95 -35.29
C GLU A 762 0.95 37.66 -35.39
N TYR A 763 0.47 36.78 -34.51
CA TYR A 763 -0.94 36.40 -34.54
C TYR A 763 -1.86 37.55 -34.15
N PHE A 764 -1.44 38.35 -33.17
CA PHE A 764 -2.26 39.48 -32.73
C PHE A 764 -2.57 40.44 -33.87
N LYS A 765 -1.53 40.80 -34.63
CA LYS A 765 -1.69 41.72 -35.74
C LYS A 765 -2.67 41.18 -36.77
N GLU A 766 -2.52 39.90 -37.12
CA GLU A 766 -3.39 39.29 -38.12
C GLU A 766 -4.85 39.30 -37.73
N PHE A 767 -5.15 38.84 -36.51
CA PHE A 767 -6.52 38.78 -36.06
C PHE A 767 -7.15 40.17 -36.03
N GLU A 768 -6.36 41.17 -35.64
CA GLU A 768 -6.85 42.53 -35.57
C GLU A 768 -7.20 43.08 -36.95
N LYS A 769 -6.44 42.67 -37.96
CA LYS A 769 -6.66 43.11 -39.33
C LYS A 769 -7.82 42.43 -40.04
N GLU A 770 -8.08 41.17 -39.71
CA GLU A 770 -9.16 40.42 -40.35
C GLU A 770 -10.46 40.50 -39.55
N PHE A 771 -10.39 41.07 -38.35
CA PHE A 771 -11.54 41.16 -37.46
C PHE A 771 -12.85 41.55 -38.12
N ARG A 772 -12.81 42.60 -38.94
CA ARG A 772 -14.01 43.12 -39.61
C ARG A 772 -14.79 42.11 -40.46
N GLN A 773 -14.11 41.08 -40.94
CA GLN A 773 -14.74 40.07 -41.78
C GLN A 773 -15.46 38.92 -41.07
N LEU A 774 -15.36 38.87 -39.75
CA LEU A 774 -16.00 37.82 -38.97
C LEU A 774 -17.51 37.91 -38.89
N ASN A 775 -18.17 36.75 -38.86
CA ASN A 775 -19.63 36.68 -38.76
C ASN A 775 -20.10 37.41 -37.50
N TYR A 776 -21.10 38.26 -37.65
CA TYR A 776 -21.61 39.05 -36.54
C TYR A 776 -21.96 38.26 -35.30
N ILE A 777 -22.41 37.02 -35.49
CA ILE A 777 -22.77 36.18 -34.36
C ILE A 777 -21.53 35.68 -33.63
N SER A 778 -20.45 35.43 -34.38
CA SER A 778 -19.23 34.92 -33.77
C SER A 778 -18.48 35.95 -32.93
N ILE A 779 -18.77 37.23 -33.14
CA ILE A 779 -18.10 38.28 -32.36
C ILE A 779 -19.05 38.99 -31.40
N ALA A 780 -20.22 38.41 -31.20
CA ALA A 780 -21.20 38.99 -30.29
C ALA A 780 -20.97 38.45 -28.89
N SER A 781 -21.16 39.31 -27.88
CA SER A 781 -21.01 38.89 -26.49
C SER A 781 -22.31 38.21 -26.10
N VAL A 782 -22.29 37.52 -24.96
CA VAL A 782 -23.49 36.85 -24.48
C VAL A 782 -23.71 37.18 -23.01
N SER A 783 -24.97 37.25 -22.60
CA SER A 783 -25.28 37.54 -21.21
C SER A 783 -26.69 37.09 -20.84
N SER A 784 -26.86 36.64 -19.60
CA SER A 784 -28.17 36.24 -19.13
C SER A 784 -28.88 37.57 -18.96
N ALA A 785 -30.20 37.59 -19.08
CA ALA A 785 -30.95 38.82 -18.91
C ALA A 785 -32.00 38.70 -17.82
N ASN A 786 -31.64 39.09 -16.60
CA ASN A 786 -32.54 39.03 -15.47
C ASN A 786 -33.06 40.43 -15.16
N ASN A 787 -34.29 40.51 -14.65
CA ASN A 787 -34.89 41.78 -14.28
C ASN A 787 -35.01 42.82 -15.39
N ILE A 788 -35.46 42.43 -16.57
CA ILE A 788 -35.60 43.37 -17.67
C ILE A 788 -36.59 44.47 -17.28
N ALA A 789 -37.81 44.09 -16.94
CA ALA A 789 -38.84 45.03 -16.55
C ALA A 789 -38.33 46.04 -15.52
N LYS A 790 -37.56 45.57 -14.55
CA LYS A 790 -37.00 46.41 -13.50
C LYS A 790 -36.31 47.67 -14.03
N TYR A 791 -35.73 47.58 -15.21
CA TYR A 791 -35.04 48.71 -15.79
C TYR A 791 -35.73 49.26 -17.03
N ASP A 792 -36.98 48.87 -17.24
CA ASP A 792 -37.72 49.34 -18.40
C ASP A 792 -38.70 50.45 -18.05
N VAL A 793 -38.39 51.67 -18.48
CA VAL A 793 -39.25 52.82 -18.23
C VAL A 793 -39.69 53.39 -19.57
N GLY A 794 -40.94 53.16 -19.93
CA GLY A 794 -41.46 53.64 -21.19
C GLY A 794 -40.63 53.12 -22.34
N GLY A 795 -40.09 51.91 -22.15
CA GLY A 795 -39.28 51.29 -23.19
C GLY A 795 -37.89 51.90 -23.28
N PHE A 796 -37.52 52.68 -22.27
CA PHE A 796 -36.22 53.33 -22.24
C PHE A 796 -35.47 52.96 -20.96
N PRO A 797 -34.14 52.84 -21.04
CA PRO A 797 -33.32 52.47 -19.88
C PRO A 797 -33.49 53.36 -18.66
N GLY A 798 -33.68 52.71 -17.51
CA GLY A 798 -33.83 53.40 -16.25
C GLY A 798 -32.49 53.51 -15.55
N PRO A 799 -32.45 54.07 -14.33
CA PRO A 799 -31.22 54.23 -13.55
C PRO A 799 -30.43 52.95 -13.32
N LYS A 800 -29.12 53.02 -13.50
CA LYS A 800 -28.23 51.87 -13.30
C LYS A 800 -28.52 50.71 -14.25
N CYS A 801 -29.28 50.95 -15.31
CA CYS A 801 -29.61 49.90 -16.25
C CYS A 801 -28.37 49.22 -16.83
N PRO A 802 -28.30 47.89 -16.73
CA PRO A 802 -27.16 47.13 -17.25
C PRO A 802 -27.00 47.27 -18.77
N PHE A 803 -25.77 47.20 -19.24
CA PHE A 803 -25.48 47.35 -20.66
C PHE A 803 -26.26 46.37 -21.54
N HIS A 804 -26.38 45.11 -21.11
CA HIS A 804 -27.11 44.15 -21.93
C HIS A 804 -28.61 44.36 -21.87
N ILE A 805 -29.09 44.84 -20.72
CA ILE A 805 -30.51 45.11 -20.57
C ILE A 805 -30.90 46.27 -21.50
N ARG A 806 -30.04 47.28 -21.55
CA ARG A 806 -30.26 48.42 -22.43
C ARG A 806 -30.43 47.88 -23.84
N GLY A 807 -29.51 46.99 -24.23
CA GLY A 807 -29.57 46.40 -25.56
C GLY A 807 -30.91 45.75 -25.84
N ILE A 808 -31.47 45.09 -24.84
CA ILE A 808 -32.76 44.44 -25.00
C ILE A 808 -33.87 45.49 -25.21
N LEU A 809 -33.85 46.55 -24.42
CA LEU A 809 -34.85 47.61 -24.55
C LEU A 809 -34.77 48.20 -25.95
N THR A 810 -33.55 48.40 -26.43
CA THR A 810 -33.34 48.95 -27.77
C THR A 810 -34.01 48.04 -28.80
N TYR A 811 -33.77 46.73 -28.68
CA TYR A 811 -34.35 45.75 -29.60
C TYR A 811 -35.87 45.76 -29.51
N ASN A 812 -36.39 45.84 -28.29
CA ASN A 812 -37.83 45.86 -28.10
C ASN A 812 -38.49 47.07 -28.72
N ARG A 813 -37.80 48.20 -28.68
CA ARG A 813 -38.32 49.43 -29.26
C ARG A 813 -38.37 49.31 -30.78
N ALA A 814 -37.38 48.62 -31.35
CA ALA A 814 -37.29 48.44 -32.78
C ALA A 814 -38.14 47.32 -33.38
N ILE A 815 -38.78 46.49 -32.55
CA ILE A 815 -39.62 45.42 -33.09
C ILE A 815 -41.07 45.60 -32.70
N LYS A 816 -41.38 46.69 -32.02
CA LYS A 816 -42.74 46.96 -31.60
C LYS A 816 -43.63 47.06 -32.84
N GLY A 817 -44.86 46.59 -32.74
CA GLY A 817 -45.76 46.65 -33.87
C GLY A 817 -45.61 45.47 -34.82
N ASN A 818 -44.55 44.69 -34.64
CA ASN A 818 -44.33 43.53 -35.49
C ASN A 818 -44.71 42.28 -34.70
N ILE A 819 -45.99 41.95 -34.75
CA ILE A 819 -46.57 40.80 -34.05
C ILE A 819 -45.77 39.49 -34.07
N ASP A 820 -45.14 39.19 -35.19
CA ASP A 820 -44.39 37.94 -35.33
C ASP A 820 -42.88 38.02 -35.10
N ALA A 821 -42.42 39.05 -34.39
CA ALA A 821 -40.99 39.18 -34.12
C ALA A 821 -40.57 38.39 -32.88
N PRO A 822 -39.38 37.78 -32.92
CA PRO A 822 -38.85 36.99 -31.79
C PRO A 822 -38.71 37.85 -30.54
N GLN A 823 -39.26 37.38 -29.43
CA GLN A 823 -39.21 38.13 -28.18
C GLN A 823 -38.08 37.65 -27.27
N VAL A 824 -37.44 38.59 -26.56
CA VAL A 824 -36.38 38.25 -25.62
C VAL A 824 -37.11 37.76 -24.38
N VAL A 825 -36.66 36.65 -23.82
CA VAL A 825 -37.31 36.06 -22.66
C VAL A 825 -36.59 36.26 -21.32
N GLU A 826 -37.35 36.70 -20.32
CA GLU A 826 -36.85 36.92 -18.96
C GLU A 826 -36.02 35.73 -18.49
N GLY A 827 -34.81 36.00 -17.99
CA GLY A 827 -33.99 34.91 -17.49
C GLY A 827 -33.23 34.11 -18.52
N GLU A 828 -33.43 34.36 -19.80
CA GLU A 828 -32.70 33.61 -20.82
C GLU A 828 -31.47 34.41 -21.24
N LYS A 829 -30.73 33.92 -22.23
CA LYS A 829 -29.54 34.62 -22.69
C LYS A 829 -29.70 35.34 -24.02
N VAL A 830 -28.91 36.39 -24.20
CA VAL A 830 -28.97 37.18 -25.42
C VAL A 830 -27.59 37.51 -25.95
N TYR A 831 -27.53 37.75 -27.25
CA TYR A 831 -26.30 38.17 -27.92
C TYR A 831 -26.34 39.68 -27.74
N VAL A 832 -25.17 40.32 -27.63
CA VAL A 832 -25.12 41.77 -27.45
C VAL A 832 -24.06 42.40 -28.34
N LEU A 833 -24.44 43.45 -29.06
CA LEU A 833 -23.53 44.16 -29.95
C LEU A 833 -23.61 45.67 -29.75
N PRO A 834 -22.44 46.34 -29.76
CA PRO A 834 -22.39 47.80 -29.59
C PRO A 834 -22.68 48.45 -30.95
N LEU A 835 -23.29 49.62 -30.95
CA LEU A 835 -23.62 50.32 -32.20
C LEU A 835 -22.92 51.66 -32.30
N ARG A 836 -22.47 52.03 -33.49
CA ARG A 836 -21.81 53.31 -33.65
C ARG A 836 -22.83 54.42 -33.44
N GLU A 837 -22.38 55.55 -32.89
CA GLU A 837 -23.28 56.65 -32.62
C GLU A 837 -23.90 57.18 -33.90
N GLY A 838 -25.18 57.57 -33.82
CA GLY A 838 -25.88 58.08 -34.98
C GLY A 838 -26.79 57.05 -35.61
N ASN A 839 -26.70 55.81 -35.13
CA ASN A 839 -27.52 54.70 -35.65
C ASN A 839 -29.02 54.96 -35.49
N PRO A 840 -29.84 54.36 -36.34
CA PRO A 840 -31.29 54.56 -36.26
C PRO A 840 -31.99 53.89 -35.08
N PHE A 841 -31.28 53.02 -34.38
CA PHE A 841 -31.88 52.32 -33.24
C PHE A 841 -32.04 53.21 -32.02
N GLY A 842 -31.31 54.32 -31.99
CA GLY A 842 -31.44 55.24 -30.87
C GLY A 842 -30.64 54.96 -29.61
N ASP A 843 -29.70 54.02 -29.66
CA ASP A 843 -28.88 53.74 -28.49
C ASP A 843 -27.53 53.12 -28.85
N LYS A 844 -26.66 53.00 -27.85
CA LYS A 844 -25.32 52.48 -28.06
C LYS A 844 -25.15 50.98 -28.22
N CYS A 845 -26.22 50.21 -28.04
CA CYS A 845 -26.12 48.77 -28.19
C CYS A 845 -27.48 48.12 -28.43
N ILE A 846 -27.45 46.86 -28.86
CA ILE A 846 -28.68 46.12 -29.13
C ILE A 846 -28.45 44.64 -28.80
N ALA A 847 -29.49 43.99 -28.29
CA ALA A 847 -29.40 42.58 -27.92
C ALA A 847 -30.57 41.81 -28.53
N TRP A 848 -30.38 40.52 -28.74
CA TRP A 848 -31.44 39.67 -29.31
C TRP A 848 -31.19 38.24 -28.77
N PRO A 849 -32.22 37.37 -28.84
CA PRO A 849 -32.08 35.99 -28.35
C PRO A 849 -30.82 35.26 -28.80
N SER A 850 -30.05 34.76 -27.83
CA SER A 850 -28.82 34.05 -28.14
C SER A 850 -29.14 32.74 -28.86
N GLY A 851 -28.16 32.23 -29.61
CA GLY A 851 -28.36 31.00 -30.35
C GLY A 851 -29.23 31.18 -31.58
N THR A 852 -29.49 32.43 -31.96
CA THR A 852 -30.32 32.70 -33.14
C THR A 852 -29.84 33.89 -33.96
N GLU A 853 -30.35 33.97 -35.19
CA GLU A 853 -30.04 35.07 -36.10
C GLU A 853 -30.99 36.17 -35.68
N ILE A 854 -30.59 37.42 -35.83
CA ILE A 854 -31.50 38.50 -35.48
C ILE A 854 -32.50 38.66 -36.63
N THR A 855 -33.75 38.97 -36.29
CA THR A 855 -34.82 39.12 -37.28
C THR A 855 -34.45 39.99 -38.49
N ASP A 856 -34.89 39.54 -39.67
CA ASP A 856 -34.62 40.24 -40.92
C ASP A 856 -35.10 41.68 -41.00
N LEU A 857 -36.13 42.03 -40.24
CA LEU A 857 -36.62 43.39 -40.32
C LEU A 857 -35.65 44.44 -39.81
N ILE A 858 -34.59 44.00 -39.15
CA ILE A 858 -33.60 44.95 -38.66
C ILE A 858 -32.17 44.43 -38.80
N LYS A 859 -32.02 43.22 -39.32
CA LYS A 859 -30.69 42.63 -39.45
C LYS A 859 -29.71 43.49 -40.23
N ASP A 860 -30.07 43.86 -41.45
CA ASP A 860 -29.19 44.69 -42.26
C ASP A 860 -28.78 45.98 -41.57
N ASP A 861 -29.72 46.62 -40.89
CA ASP A 861 -29.41 47.87 -40.19
C ASP A 861 -28.39 47.63 -39.07
N VAL A 862 -28.57 46.55 -38.32
CA VAL A 862 -27.66 46.23 -37.24
C VAL A 862 -26.28 45.94 -37.80
N LEU A 863 -26.23 45.16 -38.88
CA LEU A 863 -24.96 44.82 -39.51
C LEU A 863 -24.26 46.05 -40.05
N HIS A 864 -25.03 47.07 -40.41
CA HIS A 864 -24.47 48.29 -40.95
C HIS A 864 -24.04 49.30 -39.87
N TRP A 865 -24.56 49.15 -38.66
CA TRP A 865 -24.19 50.06 -37.58
C TRP A 865 -23.38 49.45 -36.44
N MET A 866 -22.97 48.19 -36.58
CA MET A 866 -22.16 47.51 -35.58
C MET A 866 -20.88 48.30 -35.34
N ASP A 867 -20.45 48.44 -34.09
CA ASP A 867 -19.23 49.17 -33.83
C ASP A 867 -18.08 48.19 -33.65
N TYR A 868 -17.40 47.89 -34.75
CA TYR A 868 -16.29 46.95 -34.75
C TYR A 868 -15.12 47.36 -33.86
N THR A 869 -14.80 48.65 -33.86
CA THR A 869 -13.70 49.15 -33.08
C THR A 869 -13.88 48.91 -31.59
N VAL A 870 -15.06 49.25 -31.07
CA VAL A 870 -15.32 49.03 -29.66
C VAL A 870 -15.36 47.54 -29.36
N LEU A 871 -15.98 46.77 -30.25
CA LEU A 871 -16.07 45.33 -30.06
C LEU A 871 -14.69 44.74 -29.83
N LEU A 872 -13.79 45.01 -30.78
CA LEU A 872 -12.43 44.50 -30.74
C LEU A 872 -11.67 44.89 -29.48
N GLU A 873 -11.73 46.16 -29.12
CA GLU A 873 -11.05 46.67 -27.93
C GLU A 873 -11.55 46.03 -26.64
N LYS A 874 -12.87 45.98 -26.46
CA LYS A 874 -13.46 45.42 -25.25
C LYS A 874 -13.39 43.91 -25.05
N THR A 875 -13.69 43.16 -26.09
CA THR A 875 -13.71 41.70 -25.97
C THR A 875 -12.40 40.98 -26.24
N PHE A 876 -11.53 41.57 -27.07
CA PHE A 876 -10.28 40.91 -27.41
C PHE A 876 -9.01 41.59 -26.89
N ILE A 877 -8.83 42.87 -27.22
CA ILE A 877 -7.62 43.58 -26.80
C ILE A 877 -7.51 43.79 -25.31
N LYS A 878 -8.57 44.27 -24.66
CA LYS A 878 -8.50 44.50 -23.22
C LYS A 878 -8.07 43.24 -22.45
N PRO A 879 -8.73 42.09 -22.68
CA PRO A 879 -8.30 40.90 -21.93
C PRO A 879 -6.93 40.36 -22.37
N LEU A 880 -6.57 40.54 -23.64
CA LEU A 880 -5.28 40.09 -24.14
C LEU A 880 -4.16 40.92 -23.49
N GLU A 881 -4.43 42.21 -23.26
CA GLU A 881 -3.46 43.09 -22.63
C GLU A 881 -3.25 42.62 -21.21
N GLY A 882 -4.31 42.11 -20.60
CA GLY A 882 -4.24 41.63 -19.24
C GLY A 882 -3.38 40.38 -19.14
N PHE A 883 -3.45 39.52 -20.15
CA PHE A 883 -2.65 38.30 -20.16
C PHE A 883 -1.16 38.64 -20.28
N THR A 884 -0.82 39.44 -21.29
CA THR A 884 0.57 39.84 -21.55
C THR A 884 1.16 40.70 -20.44
N SER A 885 0.35 41.55 -19.83
CA SER A 885 0.86 42.38 -18.74
C SER A 885 1.32 41.49 -17.59
N ALA A 886 0.49 40.51 -17.23
CA ALA A 886 0.85 39.61 -16.16
C ALA A 886 2.06 38.75 -16.54
N ALA A 887 2.14 38.36 -17.81
CA ALA A 887 3.23 37.53 -18.30
C ALA A 887 4.51 38.31 -18.63
N LYS A 888 4.47 39.63 -18.49
CA LYS A 888 5.64 40.47 -18.79
C LYS A 888 6.01 40.32 -20.26
N LEU A 889 5.05 40.49 -21.15
CA LEU A 889 5.27 40.37 -22.59
C LEU A 889 4.64 41.52 -23.37
N ASP A 890 5.12 41.74 -24.58
CA ASP A 890 4.61 42.79 -25.45
C ASP A 890 3.86 42.13 -26.59
N TYR A 891 2.64 42.58 -26.85
CA TYR A 891 1.90 42.01 -27.96
C TYR A 891 2.04 42.85 -29.23
N GLU A 892 2.94 43.84 -29.16
CA GLU A 892 3.23 44.73 -30.27
C GLU A 892 4.71 44.63 -30.66
N LYS A 893 4.98 44.22 -31.90
CA LYS A 893 6.36 44.10 -32.36
C LYS A 893 7.02 45.48 -32.34
N LYS A 894 8.33 45.52 -32.05
CA LYS A 894 9.08 46.77 -32.00
C LYS A 894 10.02 46.90 -33.21
N ALA A 895 10.45 48.14 -33.47
CA ALA A 895 11.33 48.41 -34.61
C ALA A 895 12.82 48.22 -34.30
N SER A 896 13.22 48.49 -33.07
CA SER A 896 14.63 48.35 -32.68
C SER A 896 14.76 47.67 -31.33
N LEU A 897 16.00 47.39 -30.92
CA LEU A 897 16.26 46.74 -29.65
C LEU A 897 15.93 47.69 -28.50
N PHE A 898 16.41 48.93 -28.57
CA PHE A 898 16.13 49.89 -27.51
C PHE A 898 14.64 50.15 -27.35
N ASP A 899 13.86 49.85 -28.38
CA ASP A 899 12.41 50.04 -28.34
C ASP A 899 11.75 48.98 -27.46
N MET A 900 12.52 48.00 -27.03
CA MET A 900 12.00 46.93 -26.18
C MET A 900 11.87 47.40 -24.73
N PHE A 901 12.38 48.60 -24.44
CA PHE A 901 12.36 49.13 -23.08
C PHE A 901 11.41 50.31 -22.88
N ASP A 902 10.98 50.48 -21.63
CA ASP A 902 10.07 51.55 -21.27
C ASP A 902 10.77 52.86 -20.96
N PHE A 903 11.47 53.42 -21.95
CA PHE A 903 12.17 54.67 -21.79
C PHE A 903 11.22 55.86 -21.85
N MET B 1 41.30 9.22 4.19
CA MET B 1 40.11 8.41 4.51
C MET B 1 39.63 8.71 5.91
N LYS B 2 38.35 8.45 6.18
CA LYS B 2 37.81 8.69 7.51
C LYS B 2 38.49 7.69 8.43
N GLU B 3 38.89 8.12 9.61
CA GLU B 3 39.55 7.22 10.53
C GLU B 3 38.57 6.25 11.19
N PHE B 4 39.08 5.09 11.60
CA PHE B 4 38.24 4.13 12.29
C PHE B 4 39.08 3.31 13.25
N TYR B 5 38.47 2.89 14.35
CA TYR B 5 39.18 2.12 15.35
C TYR B 5 39.34 0.65 14.94
N LEU B 6 40.28 -0.03 15.59
CA LEU B 6 40.53 -1.44 15.35
C LEU B 6 40.19 -2.16 16.67
N THR B 7 40.74 -1.67 17.76
CA THR B 7 40.50 -2.23 19.09
C THR B 7 40.51 -1.10 20.12
N VAL B 8 39.88 -1.36 21.26
CA VAL B 8 39.85 -0.39 22.35
C VAL B 8 39.77 -1.14 23.67
N GLU B 9 40.55 -0.69 24.65
CA GLU B 9 40.56 -1.31 25.96
C GLU B 9 40.60 -0.21 27.01
N GLN B 10 40.11 -0.53 28.20
CA GLN B 10 40.13 0.41 29.31
C GLN B 10 41.07 -0.22 30.32
N ILE B 11 42.22 0.39 30.53
CA ILE B 11 43.16 -0.13 31.52
C ILE B 11 43.27 0.95 32.60
N GLY B 12 42.65 0.69 33.75
CA GLY B 12 42.70 1.66 34.83
C GLY B 12 42.04 2.97 34.41
N ASP B 13 42.79 4.06 34.49
CA ASP B 13 42.27 5.37 34.11
C ASP B 13 42.57 5.70 32.67
N SER B 14 43.16 4.76 31.94
CA SER B 14 43.47 5.03 30.56
C SER B 14 42.81 4.10 29.57
N ILE B 15 42.59 4.63 28.37
CA ILE B 15 41.99 3.90 27.29
C ILE B 15 43.07 3.67 26.24
N PHE B 16 43.29 2.40 25.89
CA PHE B 16 44.28 2.04 24.89
C PHE B 16 43.57 1.70 23.59
N GLU B 17 43.79 2.54 22.58
CA GLU B 17 43.15 2.34 21.28
C GLU B 17 44.14 2.09 20.14
N ARG B 18 43.78 1.18 19.26
CA ARG B 18 44.55 0.88 18.06
C ARG B 18 43.57 1.30 16.97
N TYR B 19 44.05 2.04 15.98
CA TYR B 19 43.18 2.52 14.91
C TYR B 19 43.90 2.76 13.58
N ILE B 20 43.12 3.10 12.56
CA ILE B 20 43.64 3.41 11.24
C ILE B 20 43.46 4.91 11.06
N ASP B 21 44.55 5.64 10.78
CA ASP B 21 44.42 7.09 10.63
C ASP B 21 44.02 7.53 9.23
N SER B 22 43.90 8.85 9.06
CA SER B 22 43.50 9.46 7.79
C SER B 22 44.29 8.92 6.63
N ASN B 23 45.58 8.70 6.88
CA ASN B 23 46.49 8.20 5.88
C ASN B 23 46.47 6.69 5.75
N GLY B 24 45.54 6.05 6.45
CA GLY B 24 45.42 4.59 6.39
C GLY B 24 46.53 3.84 7.11
N ARG B 25 47.21 4.52 8.01
CA ARG B 25 48.29 3.88 8.75
C ARG B 25 47.71 3.39 10.08
N GLU B 26 48.19 2.24 10.56
CA GLU B 26 47.71 1.71 11.84
C GLU B 26 48.43 2.52 12.92
N ARG B 27 47.69 2.91 13.97
CA ARG B 27 48.28 3.70 15.03
C ARG B 27 47.77 3.30 16.39
N THR B 28 48.54 3.61 17.42
CA THR B 28 48.16 3.30 18.79
C THR B 28 48.30 4.54 19.64
N ARG B 29 47.44 4.67 20.65
CA ARG B 29 47.50 5.81 21.56
C ARG B 29 46.81 5.47 22.87
N GLU B 30 47.30 6.10 23.94
CA GLU B 30 46.75 5.92 25.27
C GLU B 30 46.09 7.24 25.64
N VAL B 31 44.83 7.18 26.08
CA VAL B 31 44.12 8.40 26.44
C VAL B 31 43.51 8.34 27.83
N GLU B 32 43.74 9.40 28.61
CA GLU B 32 43.16 9.46 29.95
C GLU B 32 41.78 10.08 29.75
N TYR B 33 40.86 9.23 29.30
CA TYR B 33 39.48 9.60 29.00
C TYR B 33 38.72 10.21 30.17
N LYS B 34 38.10 11.36 29.93
CA LYS B 34 37.30 12.03 30.95
C LYS B 34 35.85 11.77 30.57
N PRO B 35 35.24 10.77 31.22
CA PRO B 35 33.85 10.40 30.96
C PRO B 35 32.84 11.31 31.63
N SER B 36 31.61 11.22 31.16
CA SER B 36 30.53 11.99 31.73
C SER B 36 29.42 11.03 32.12
N LEU B 37 28.70 11.39 33.17
CA LEU B 37 27.54 10.62 33.63
C LEU B 37 26.51 11.70 33.95
N PHE B 38 25.28 11.31 34.25
CA PHE B 38 24.25 12.32 34.51
C PHE B 38 23.39 12.02 35.72
N ALA B 39 22.78 13.08 36.27
CA ALA B 39 21.89 12.96 37.42
C ALA B 39 20.71 13.90 37.17
N HIS B 40 19.52 13.50 37.62
CA HIS B 40 18.35 14.33 37.44
C HIS B 40 18.59 15.64 38.18
N CYS B 41 17.98 16.72 37.69
CA CYS B 41 18.11 18.02 38.33
C CYS B 41 16.73 18.68 38.33
N PRO B 42 16.56 19.78 39.08
CA PRO B 42 15.25 20.43 39.11
C PRO B 42 14.93 21.09 37.76
N GLU B 43 13.65 21.15 37.42
CA GLU B 43 13.20 21.75 36.16
C GLU B 43 13.73 23.17 35.98
N SER B 44 13.64 23.97 37.04
CA SER B 44 14.10 25.35 37.01
C SER B 44 15.47 25.48 36.34
N GLN B 45 16.25 24.41 36.38
CA GLN B 45 17.59 24.41 35.80
C GLN B 45 17.65 24.18 34.29
N ALA B 46 18.09 25.21 33.57
CA ALA B 46 18.23 25.13 32.11
C ALA B 46 19.27 24.06 31.78
N THR B 47 18.99 23.24 30.79
CA THR B 47 19.92 22.19 30.39
C THR B 47 19.48 21.66 29.04
N LYS B 48 20.40 21.06 28.30
CA LYS B 48 20.05 20.50 27.02
C LYS B 48 19.91 18.98 27.09
N TYR B 49 20.19 18.41 28.26
CA TYR B 49 20.09 16.97 28.45
C TYR B 49 18.79 16.50 29.14
N PHE B 50 18.13 15.53 28.52
CA PHE B 50 16.89 14.98 29.06
C PHE B 50 16.95 13.46 28.97
N ASP B 51 16.40 12.76 29.96
CA ASP B 51 16.41 11.30 29.88
C ASP B 51 15.29 10.91 28.94
N ILE B 52 15.08 9.62 28.70
CA ILE B 52 14.06 9.20 27.77
C ILE B 52 12.62 9.50 28.18
N TYR B 53 12.41 9.86 29.44
CA TYR B 53 11.08 10.18 29.92
C TYR B 53 10.80 11.67 29.77
N GLY B 54 11.80 12.38 29.26
CA GLY B 54 11.67 13.82 29.07
C GLY B 54 12.03 14.61 30.32
N LYS B 55 12.77 14.00 31.23
CA LYS B 55 13.16 14.68 32.47
C LYS B 55 14.57 15.26 32.37
N PRO B 56 14.74 16.53 32.78
CA PRO B 56 16.03 17.23 32.74
C PRO B 56 17.15 16.58 33.55
N CYS B 57 18.34 16.53 32.96
CA CYS B 57 19.50 15.96 33.63
C CYS B 57 20.68 16.91 33.61
N THR B 58 21.54 16.77 34.61
CA THR B 58 22.74 17.59 34.72
C THR B 58 23.92 16.68 34.38
N ARG B 59 24.86 17.21 33.60
CA ARG B 59 26.04 16.47 33.18
C ARG B 59 27.17 16.53 34.20
N LYS B 60 27.71 15.36 34.54
CA LYS B 60 28.79 15.26 35.50
C LYS B 60 30.05 14.84 34.73
N LEU B 61 30.99 15.76 34.60
CA LEU B 61 32.22 15.46 33.89
C LEU B 61 33.26 15.02 34.93
N PHE B 62 33.87 13.85 34.73
CA PHE B 62 34.85 13.35 35.69
C PHE B 62 36.31 13.45 35.24
N ALA B 63 37.19 13.64 36.21
CA ALA B 63 38.62 13.74 35.94
C ALA B 63 39.12 12.50 35.24
N ASN B 64 38.71 11.34 35.75
CA ASN B 64 39.10 10.05 35.19
C ASN B 64 37.98 9.02 35.33
N MET B 65 38.17 7.84 34.78
CA MET B 65 37.13 6.80 34.84
C MET B 65 36.95 6.22 36.23
N ARG B 66 38.02 6.22 37.00
CA ARG B 66 37.97 5.72 38.38
C ARG B 66 36.91 6.52 39.14
N ASP B 67 37.03 7.85 39.11
CA ASP B 67 36.09 8.73 39.80
C ASP B 67 34.65 8.52 39.37
N ALA B 68 34.45 8.28 38.08
CA ALA B 68 33.12 8.05 37.53
C ALA B 68 32.51 6.80 38.15
N SER B 69 33.26 5.70 38.13
CA SER B 69 32.78 4.44 38.68
C SER B 69 32.44 4.61 40.15
N GLN B 70 33.34 5.26 40.89
CA GLN B 70 33.11 5.51 42.31
C GLN B 70 31.83 6.29 42.52
N TRP B 71 31.60 7.29 41.67
CA TRP B 71 30.41 8.12 41.77
C TRP B 71 29.15 7.28 41.59
N ILE B 72 29.17 6.38 40.60
CA ILE B 72 28.01 5.52 40.35
C ILE B 72 27.67 4.75 41.63
N LYS B 73 28.71 4.28 42.31
CA LYS B 73 28.55 3.51 43.54
C LYS B 73 27.93 4.34 44.67
N ARG B 74 28.39 5.57 44.85
CA ARG B 74 27.85 6.43 45.88
C ARG B 74 26.38 6.71 45.59
N MET B 75 26.05 6.90 44.32
CA MET B 75 24.68 7.17 43.93
C MET B 75 23.80 5.97 44.29
N GLU B 76 24.37 4.78 44.18
CA GLU B 76 23.65 3.56 44.52
C GLU B 76 23.47 3.55 46.03
N ASP B 77 24.53 3.93 46.76
CA ASP B 77 24.44 3.98 48.22
C ASP B 77 23.33 4.93 48.62
N ILE B 78 23.29 6.11 48.01
CA ILE B 78 22.28 7.11 48.31
C ILE B 78 20.91 6.70 47.79
N GLY B 79 20.88 5.90 46.73
CA GLY B 79 19.61 5.46 46.18
C GLY B 79 19.02 6.33 45.08
N LEU B 80 19.87 6.92 44.25
CA LEU B 80 19.39 7.77 43.15
C LEU B 80 19.96 7.27 41.83
N GLU B 81 19.18 7.40 40.77
CA GLU B 81 19.59 6.95 39.45
C GLU B 81 20.79 7.69 38.89
N ALA B 82 21.80 6.92 38.48
CA ALA B 82 23.03 7.44 37.89
C ALA B 82 22.96 7.12 36.40
N LEU B 83 22.54 8.11 35.61
CA LEU B 83 22.37 7.93 34.17
C LEU B 83 23.64 8.06 33.32
N GLY B 84 23.55 7.63 32.07
CA GLY B 84 24.68 7.72 31.16
C GLY B 84 25.30 6.38 30.82
N MET B 85 26.18 6.37 29.82
CA MET B 85 26.85 5.14 29.39
C MET B 85 27.96 4.75 30.38
N ASP B 86 27.65 3.75 31.20
CA ASP B 86 28.58 3.27 32.21
C ASP B 86 29.76 2.46 31.66
N ASP B 87 29.65 1.98 30.42
CA ASP B 87 30.75 1.23 29.82
C ASP B 87 31.55 2.29 29.09
N PHE B 88 32.56 2.82 29.76
CA PHE B 88 33.35 3.90 29.18
C PHE B 88 33.95 3.67 27.81
N LYS B 89 34.36 2.44 27.51
CA LYS B 89 34.93 2.14 26.20
C LYS B 89 33.95 2.53 25.11
N LEU B 90 32.68 2.22 25.32
CA LEU B 90 31.66 2.55 24.34
C LEU B 90 31.49 4.06 24.25
N ALA B 91 31.53 4.74 25.40
CA ALA B 91 31.39 6.19 25.42
C ALA B 91 32.58 6.82 24.69
N TYR B 92 33.77 6.26 24.88
CA TYR B 92 34.96 6.78 24.22
C TYR B 92 34.82 6.61 22.70
N LEU B 93 34.40 5.43 22.28
CA LEU B 93 34.23 5.18 20.86
C LEU B 93 33.18 6.12 20.25
N SER B 94 32.12 6.39 21.01
CA SER B 94 31.05 7.27 20.54
C SER B 94 31.52 8.71 20.38
N ASP B 95 32.38 9.15 21.28
CA ASP B 95 32.92 10.51 21.23
C ASP B 95 33.97 10.64 20.13
N THR B 96 34.79 9.62 19.97
CA THR B 96 35.87 9.63 18.99
C THR B 96 35.39 9.43 17.55
N TYR B 97 34.32 8.67 17.38
CA TYR B 97 33.77 8.43 16.05
C TYR B 97 32.31 8.83 16.02
N ASN B 98 32.08 10.13 16.14
CA ASN B 98 30.73 10.68 16.14
C ASN B 98 30.17 10.77 14.74
N TYR B 99 30.22 9.67 14.01
CA TYR B 99 29.70 9.59 12.66
C TYR B 99 29.52 8.14 12.26
N GLU B 100 28.96 7.92 11.09
CA GLU B 100 28.77 6.56 10.61
C GLU B 100 30.14 6.07 10.19
N ILE B 101 30.56 4.95 10.78
CA ILE B 101 31.88 4.40 10.48
C ILE B 101 31.98 3.66 9.15
N LYS B 102 32.89 4.11 8.32
CA LYS B 102 33.15 3.48 7.03
C LYS B 102 34.51 2.84 7.23
N TYR B 103 34.55 1.51 7.16
CA TYR B 103 35.81 0.83 7.38
C TYR B 103 36.39 0.17 6.15
N ASP B 104 37.69 -0.02 6.18
CA ASP B 104 38.42 -0.65 5.08
C ASP B 104 39.07 -1.93 5.62
N HIS B 105 38.44 -3.08 5.34
CA HIS B 105 38.93 -4.37 5.80
C HIS B 105 40.35 -4.71 5.34
N THR B 106 40.78 -4.18 4.20
CA THR B 106 42.12 -4.47 3.70
C THR B 106 43.19 -3.86 4.60
N LYS B 107 42.76 -2.98 5.50
CA LYS B 107 43.67 -2.30 6.42
C LYS B 107 43.62 -2.97 7.78
N ILE B 108 42.73 -3.94 7.93
CA ILE B 108 42.57 -4.65 9.20
C ILE B 108 43.30 -5.98 9.20
N ARG B 109 44.25 -6.16 10.13
CA ARG B 109 45.02 -7.38 10.18
C ARG B 109 44.26 -8.55 10.82
N VAL B 110 43.80 -9.48 9.99
CA VAL B 110 43.07 -10.66 10.45
C VAL B 110 44.02 -11.86 10.44
N ALA B 111 44.34 -12.37 11.63
CA ALA B 111 45.25 -13.48 11.77
C ALA B 111 44.53 -14.78 12.08
N ASN B 112 44.91 -15.82 11.36
CA ASN B 112 44.35 -17.15 11.51
C ASN B 112 45.54 -18.10 11.69
N PHE B 113 45.63 -18.75 12.86
CA PHE B 113 46.75 -19.65 13.12
C PHE B 113 46.36 -20.95 13.83
N ASP B 114 47.29 -21.88 13.85
CA ASP B 114 47.04 -23.18 14.46
C ASP B 114 48.41 -23.73 14.84
N ILE B 115 48.48 -24.47 15.95
CA ILE B 115 49.76 -25.01 16.38
C ILE B 115 49.68 -26.51 16.57
N GLU B 116 50.85 -27.16 16.67
CA GLU B 116 50.92 -28.59 16.90
C GLU B 116 51.84 -28.82 18.11
N VAL B 117 51.54 -29.84 18.90
CA VAL B 117 52.32 -30.16 20.09
C VAL B 117 52.37 -31.68 20.26
N THR B 118 53.52 -32.29 20.02
CA THR B 118 53.64 -33.72 20.19
C THR B 118 53.63 -34.01 21.69
N SER B 119 52.67 -34.82 22.13
CA SER B 119 52.55 -35.17 23.54
C SER B 119 52.29 -36.65 23.72
N PRO B 120 53.29 -37.39 24.18
CA PRO B 120 53.20 -38.83 24.39
C PRO B 120 52.36 -39.24 25.61
N ASP B 121 52.24 -38.35 26.58
CA ASP B 121 51.49 -38.67 27.78
C ASP B 121 50.11 -38.04 27.86
N GLY B 122 49.35 -38.14 26.77
CA GLY B 122 48.01 -37.58 26.77
C GLY B 122 47.88 -36.18 26.21
N PHE B 123 46.69 -35.63 26.31
CA PHE B 123 46.38 -34.29 25.80
C PHE B 123 47.22 -33.23 26.51
N PRO B 124 47.97 -32.43 25.73
CA PRO B 124 48.82 -31.37 26.30
C PRO B 124 48.01 -30.17 26.81
N GLU B 125 47.79 -30.14 28.12
CA GLU B 125 47.03 -29.06 28.75
C GLU B 125 47.72 -27.71 28.61
N PRO B 126 46.98 -26.69 28.13
CA PRO B 126 47.53 -25.34 27.94
C PRO B 126 47.96 -24.65 29.24
N SER B 127 47.30 -24.99 30.34
CA SER B 127 47.65 -24.36 31.60
C SER B 127 49.03 -24.84 32.03
N GLN B 128 49.44 -25.99 31.51
CA GLN B 128 50.74 -26.57 31.83
C GLN B 128 51.80 -26.31 30.75
N ALA B 129 51.39 -26.45 29.48
CA ALA B 129 52.31 -26.22 28.36
C ALA B 129 53.66 -26.87 28.65
N LYS B 130 53.63 -28.14 29.05
CA LYS B 130 54.86 -28.83 29.41
C LYS B 130 55.60 -29.49 28.25
N HIS B 131 55.05 -29.40 27.04
CA HIS B 131 55.71 -29.99 25.89
C HIS B 131 56.01 -28.95 24.84
N PRO B 132 57.12 -29.14 24.11
CA PRO B 132 57.47 -28.17 23.07
C PRO B 132 56.45 -28.02 21.93
N ILE B 133 56.34 -26.79 21.44
CA ILE B 133 55.46 -26.47 20.33
C ILE B 133 56.35 -26.82 19.15
N ASP B 134 55.95 -27.80 18.34
CA ASP B 134 56.78 -28.18 17.23
C ASP B 134 56.31 -27.74 15.85
N ALA B 135 55.25 -26.95 15.80
CA ALA B 135 54.73 -26.43 14.53
C ALA B 135 53.72 -25.32 14.74
N ILE B 136 53.84 -24.28 13.92
CA ILE B 136 52.92 -23.17 13.96
C ILE B 136 52.72 -22.64 12.54
N THR B 137 51.47 -22.56 12.11
CA THR B 137 51.16 -21.98 10.80
C THR B 137 50.27 -20.79 11.15
N HIS B 138 50.72 -19.61 10.75
CA HIS B 138 50.04 -18.35 11.04
C HIS B 138 49.74 -17.63 9.73
N TYR B 139 48.47 -17.50 9.37
CA TYR B 139 48.09 -16.81 8.14
C TYR B 139 47.74 -15.35 8.46
N ASP B 140 48.32 -14.44 7.69
CA ASP B 140 48.12 -13.01 7.88
C ASP B 140 47.34 -12.48 6.67
N SER B 141 46.19 -11.86 6.90
CA SER B 141 45.37 -11.32 5.82
C SER B 141 45.92 -10.10 5.10
N ILE B 142 46.81 -9.36 5.75
CA ILE B 142 47.39 -8.19 5.09
C ILE B 142 48.41 -8.67 4.05
N ASP B 143 49.27 -9.60 4.42
CA ASP B 143 50.27 -10.10 3.47
C ASP B 143 49.67 -11.18 2.57
N ASP B 144 48.63 -11.84 3.06
CA ASP B 144 48.00 -12.94 2.35
C ASP B 144 49.05 -14.04 2.17
N ARG B 145 49.75 -14.34 3.27
CA ARG B 145 50.78 -15.37 3.26
C ARG B 145 50.56 -16.32 4.45
N PHE B 146 51.02 -17.56 4.29
CA PHE B 146 50.94 -18.54 5.35
C PHE B 146 52.35 -18.69 5.90
N TYR B 147 52.58 -18.19 7.12
CA TYR B 147 53.89 -18.32 7.74
C TYR B 147 53.95 -19.61 8.53
N VAL B 148 54.92 -20.46 8.19
CA VAL B 148 55.06 -21.76 8.83
C VAL B 148 56.37 -21.88 9.60
N PHE B 149 56.27 -22.11 10.91
CA PHE B 149 57.43 -22.27 11.77
C PHE B 149 57.51 -23.76 12.09
N ASP B 150 58.62 -24.39 11.69
CA ASP B 150 58.77 -25.84 11.83
C ASP B 150 59.95 -26.25 12.70
N LEU B 151 59.67 -26.94 13.80
CA LEU B 151 60.75 -27.38 14.71
C LEU B 151 61.40 -28.65 14.21
N LEU B 152 62.68 -28.56 13.85
CA LEU B 152 63.42 -29.72 13.36
C LEU B 152 63.96 -30.61 14.48
N ASN B 153 64.29 -30.03 15.62
CA ASN B 153 64.84 -30.80 16.73
C ASN B 153 64.11 -30.63 18.03
N SER B 154 63.64 -31.73 18.60
CA SER B 154 62.94 -31.66 19.87
C SER B 154 63.25 -32.95 20.59
N PRO B 155 62.96 -32.99 21.90
CA PRO B 155 63.22 -34.22 22.66
C PRO B 155 62.42 -35.40 22.11
N TYR B 156 61.47 -35.14 21.21
CA TYR B 156 60.67 -36.22 20.65
C TYR B 156 61.10 -36.63 19.25
N GLY B 157 62.30 -36.21 18.86
CA GLY B 157 62.81 -36.58 17.55
C GLY B 157 63.41 -35.45 16.74
N ASN B 158 64.37 -35.79 15.88
CA ASN B 158 65.01 -34.81 15.02
C ASN B 158 64.59 -35.19 13.61
N VAL B 159 63.97 -34.25 12.90
CA VAL B 159 63.50 -34.53 11.57
C VAL B 159 64.13 -33.63 10.52
N GLU B 160 63.91 -33.97 9.25
CA GLU B 160 64.44 -33.17 8.16
C GLU B 160 63.37 -32.17 7.76
N GLU B 161 63.78 -31.13 7.03
CA GLU B 161 62.88 -30.08 6.60
C GLU B 161 61.68 -30.57 5.79
N TRP B 162 60.58 -29.84 5.94
CA TRP B 162 59.34 -30.12 5.22
C TRP B 162 59.59 -29.76 3.76
N SER B 163 59.07 -30.58 2.85
CA SER B 163 59.25 -30.35 1.42
C SER B 163 58.02 -29.79 0.73
N ILE B 164 58.10 -28.55 0.27
CA ILE B 164 56.97 -27.93 -0.41
C ILE B 164 56.66 -28.65 -1.72
N GLU B 165 57.66 -29.34 -2.28
CA GLU B 165 57.49 -30.08 -3.53
C GLU B 165 56.58 -31.28 -3.30
N ILE B 166 56.84 -32.02 -2.23
CA ILE B 166 56.03 -33.18 -1.92
C ILE B 166 54.64 -32.73 -1.44
N ALA B 167 54.59 -31.61 -0.73
CA ALA B 167 53.32 -31.09 -0.23
C ALA B 167 52.36 -30.79 -1.37
N ALA B 168 52.92 -30.32 -2.48
CA ALA B 168 52.13 -29.98 -3.66
C ALA B 168 51.63 -31.19 -4.47
N LYS B 169 52.37 -32.30 -4.43
CA LYS B 169 51.95 -33.48 -5.18
C LYS B 169 50.58 -33.98 -4.68
N LEU B 170 49.84 -34.62 -5.57
CA LEU B 170 48.53 -35.16 -5.24
C LEU B 170 48.65 -36.36 -4.30
N GLN B 171 47.57 -36.65 -3.59
CA GLN B 171 47.55 -37.77 -2.65
C GLN B 171 47.92 -39.11 -3.31
N GLU B 172 47.44 -39.33 -4.52
CA GLU B 172 47.71 -40.57 -5.23
C GLU B 172 49.13 -40.68 -5.76
N GLN B 173 49.92 -39.65 -5.52
CA GLN B 173 51.32 -39.60 -5.93
C GLN B 173 52.18 -39.59 -4.68
N GLY B 174 51.55 -39.81 -3.52
CA GLY B 174 52.27 -39.83 -2.26
C GLY B 174 52.45 -38.44 -1.67
N GLY B 175 51.75 -37.46 -2.23
CA GLY B 175 51.86 -36.10 -1.73
C GLY B 175 50.80 -35.76 -0.71
N ASP B 176 50.80 -34.51 -0.25
CA ASP B 176 49.85 -34.03 0.74
C ASP B 176 48.72 -33.27 0.08
N GLU B 177 48.91 -32.97 -1.20
CA GLU B 177 47.91 -32.26 -1.98
C GLU B 177 47.52 -30.90 -1.39
N VAL B 178 48.51 -30.14 -0.95
CA VAL B 178 48.24 -28.82 -0.41
C VAL B 178 47.70 -28.05 -1.60
N PRO B 179 46.52 -27.42 -1.44
CA PRO B 179 45.90 -26.67 -2.53
C PRO B 179 46.85 -25.80 -3.34
N SER B 180 46.81 -26.02 -4.65
CA SER B 180 47.64 -25.28 -5.59
C SER B 180 47.63 -23.78 -5.35
N GLU B 181 46.44 -23.23 -5.12
CA GLU B 181 46.29 -21.80 -4.92
C GLU B 181 47.00 -21.21 -3.71
N ILE B 182 47.55 -22.03 -2.82
CA ILE B 182 48.25 -21.46 -1.67
C ILE B 182 49.73 -21.86 -1.60
N ILE B 183 50.14 -22.83 -2.40
CA ILE B 183 51.53 -23.28 -2.40
C ILE B 183 52.51 -22.12 -2.58
N ASP B 184 52.14 -21.13 -3.39
CA ASP B 184 53.01 -19.98 -3.60
C ASP B 184 52.85 -18.89 -2.54
N LYS B 185 51.99 -19.12 -1.56
CA LYS B 185 51.77 -18.15 -0.49
C LYS B 185 52.33 -18.65 0.83
N ILE B 186 53.13 -19.70 0.76
CA ILE B 186 53.74 -20.29 1.94
C ILE B 186 55.17 -19.81 2.16
N ILE B 187 55.46 -19.37 3.37
CA ILE B 187 56.78 -18.91 3.73
C ILE B 187 57.22 -19.84 4.84
N TYR B 188 58.02 -20.84 4.45
CA TYR B 188 58.53 -21.87 5.33
C TYR B 188 59.74 -21.43 6.12
N MET B 189 59.75 -21.72 7.42
CA MET B 189 60.85 -21.36 8.31
C MET B 189 61.16 -22.48 9.31
N PRO B 190 62.18 -23.30 9.02
CA PRO B 190 62.57 -24.40 9.91
C PRO B 190 63.43 -23.88 11.05
N PHE B 191 63.40 -24.56 12.19
CA PHE B 191 64.19 -24.15 13.34
C PHE B 191 64.93 -25.30 14.01
N ASP B 192 66.18 -25.02 14.39
CA ASP B 192 67.06 -25.99 15.04
C ASP B 192 66.68 -26.30 16.49
N ASN B 193 65.96 -25.38 17.13
CA ASN B 193 65.53 -25.58 18.52
C ASN B 193 64.29 -24.74 18.84
N GLU B 194 63.52 -25.20 19.80
CA GLU B 194 62.28 -24.53 20.18
C GLU B 194 62.39 -23.08 20.62
N LYS B 195 63.40 -22.76 21.41
CA LYS B 195 63.55 -21.38 21.89
C LYS B 195 63.69 -20.42 20.73
N GLU B 196 64.43 -20.87 19.70
CA GLU B 196 64.64 -20.06 18.52
C GLU B 196 63.33 -19.85 17.78
N LEU B 197 62.55 -20.92 17.66
CA LEU B 197 61.26 -20.84 16.96
C LEU B 197 60.34 -19.87 17.67
N LEU B 198 60.27 -19.98 19.00
CA LEU B 198 59.40 -19.09 19.76
C LEU B 198 59.85 -17.65 19.72
N MET B 199 61.15 -17.40 19.86
CA MET B 199 61.65 -16.03 19.83
C MET B 199 61.30 -15.38 18.50
N GLU B 200 61.46 -16.12 17.41
CA GLU B 200 61.14 -15.60 16.08
C GLU B 200 59.64 -15.36 15.90
N TYR B 201 58.82 -16.27 16.42
CA TYR B 201 57.38 -16.09 16.30
C TYR B 201 56.97 -14.79 17.00
N LEU B 202 57.48 -14.58 18.22
CA LEU B 202 57.16 -13.37 18.98
C LEU B 202 57.58 -12.11 18.22
N ASN B 203 58.75 -12.15 17.60
CA ASN B 203 59.21 -11.00 16.85
C ASN B 203 58.25 -10.77 15.68
N PHE B 204 57.91 -11.87 15.02
CA PHE B 204 56.99 -11.84 13.89
C PHE B 204 55.67 -11.22 14.36
N TRP B 205 55.21 -11.66 15.53
CA TRP B 205 53.96 -11.17 16.11
C TRP B 205 54.04 -9.67 16.34
N GLN B 206 55.19 -9.20 16.80
CA GLN B 206 55.40 -7.77 17.05
C GLN B 206 55.21 -6.95 15.79
N GLN B 207 55.79 -7.43 14.70
CA GLN B 207 55.71 -6.70 13.44
C GLN B 207 54.38 -6.88 12.73
N LYS B 208 53.64 -7.93 13.09
CA LYS B 208 52.36 -8.20 12.45
C LYS B 208 51.37 -8.56 13.54
N THR B 209 51.11 -7.62 14.44
CA THR B 209 50.21 -7.83 15.56
C THR B 209 48.76 -7.96 15.10
N PRO B 210 48.16 -9.13 15.33
CA PRO B 210 46.78 -9.35 14.92
C PRO B 210 45.80 -8.34 15.52
N VAL B 211 44.79 -7.98 14.75
CA VAL B 211 43.74 -7.09 15.23
C VAL B 211 42.59 -8.04 15.56
N ILE B 212 42.31 -8.94 14.63
CA ILE B 212 41.27 -9.96 14.80
C ILE B 212 42.06 -11.27 14.82
N LEU B 213 41.93 -12.05 15.89
CA LEU B 213 42.66 -13.31 15.99
C LEU B 213 41.68 -14.49 15.92
N THR B 214 41.88 -15.39 14.95
CA THR B 214 40.96 -16.51 14.81
C THR B 214 41.65 -17.82 14.50
N GLY B 215 40.84 -18.82 14.16
CA GLY B 215 41.36 -20.14 13.89
C GLY B 215 40.39 -21.08 14.57
N TRP B 216 40.75 -22.35 14.70
CA TRP B 216 39.85 -23.31 15.31
C TRP B 216 40.25 -23.71 16.70
N ASN B 217 39.41 -23.34 17.66
CA ASN B 217 39.66 -23.65 19.06
C ASN B 217 40.87 -22.88 19.59
N VAL B 218 41.18 -21.75 18.97
CA VAL B 218 42.33 -20.97 19.39
C VAL B 218 42.19 -20.36 20.78
N GLU B 219 40.96 -20.11 21.21
CA GLU B 219 40.81 -19.50 22.53
C GLU B 219 41.03 -20.49 23.69
N SER B 220 40.70 -21.76 23.49
CA SER B 220 40.86 -22.72 24.55
C SER B 220 42.13 -23.58 24.44
N PHE B 221 42.87 -23.44 23.33
CA PHE B 221 44.10 -24.21 23.16
C PHE B 221 45.28 -23.40 22.64
N ALA B 222 45.31 -23.13 21.33
CA ALA B 222 46.42 -22.39 20.75
C ALA B 222 46.90 -21.17 21.53
N ILE B 223 46.00 -20.25 21.81
CA ILE B 223 46.37 -19.03 22.53
C ILE B 223 46.92 -19.29 23.93
N PRO B 224 46.16 -20.01 24.78
CA PRO B 224 46.68 -20.27 26.12
C PRO B 224 47.95 -21.12 26.10
N TYR B 225 48.06 -22.04 25.14
CA TYR B 225 49.25 -22.87 25.08
C TYR B 225 50.48 -22.05 24.71
N VAL B 226 50.38 -21.20 23.69
CA VAL B 226 51.52 -20.39 23.30
C VAL B 226 51.88 -19.40 24.43
N TYR B 227 50.88 -18.82 25.08
CA TYR B 227 51.13 -17.88 26.17
C TYR B 227 51.88 -18.55 27.31
N ASN B 228 51.35 -19.65 27.81
CA ASN B 228 52.01 -20.33 28.92
C ASN B 228 53.34 -20.98 28.58
N ARG B 229 53.50 -21.44 27.34
CA ARG B 229 54.76 -22.05 26.93
C ARG B 229 55.87 -20.99 26.98
N ILE B 230 55.57 -19.81 26.46
CA ILE B 230 56.54 -18.73 26.43
C ILE B 230 56.79 -18.19 27.82
N LYS B 231 55.75 -18.11 28.64
CA LYS B 231 55.90 -17.62 30.00
C LYS B 231 56.83 -18.55 30.77
N ASN B 232 56.61 -19.84 30.61
CA ASN B 232 57.41 -20.84 31.32
C ASN B 232 58.86 -20.88 30.86
N ILE B 233 59.11 -20.55 29.60
CA ILE B 233 60.45 -20.59 29.09
C ILE B 233 61.22 -19.28 29.19
N PHE B 234 60.60 -18.17 28.81
CA PHE B 234 61.27 -16.86 28.85
C PHE B 234 60.90 -15.93 29.99
N GLY B 235 59.76 -16.17 30.63
CA GLY B 235 59.34 -15.30 31.70
C GLY B 235 58.06 -14.58 31.31
N GLU B 236 57.27 -14.22 32.31
CA GLU B 236 55.99 -13.55 32.06
C GLU B 236 56.07 -12.26 31.26
N SER B 237 57.14 -11.48 31.46
CA SER B 237 57.28 -10.23 30.73
C SER B 237 57.37 -10.47 29.22
N THR B 238 57.97 -11.58 28.83
CA THR B 238 58.11 -11.91 27.42
C THR B 238 56.76 -12.32 26.85
N ALA B 239 56.03 -13.14 27.61
CA ALA B 239 54.72 -13.63 27.21
C ALA B 239 53.73 -12.46 27.07
N LYS B 240 53.89 -11.43 27.89
CA LYS B 240 53.01 -10.27 27.84
C LYS B 240 53.21 -9.49 26.55
N ARG B 241 54.32 -9.74 25.88
CA ARG B 241 54.59 -9.05 24.62
C ARG B 241 53.61 -9.57 23.56
N LEU B 242 52.83 -10.60 23.89
CA LEU B 242 51.84 -11.13 22.95
C LEU B 242 50.66 -10.15 22.87
N SER B 243 50.69 -9.14 23.74
CA SER B 243 49.68 -8.11 23.75
C SER B 243 50.36 -6.82 23.30
N PRO B 244 49.74 -6.09 22.37
CA PRO B 244 50.31 -4.83 21.88
C PRO B 244 50.45 -3.78 22.98
N HIS B 245 49.75 -3.97 24.09
CA HIS B 245 49.85 -3.03 25.20
C HIS B 245 50.58 -3.71 26.34
N ARG B 246 51.15 -4.88 26.06
CA ARG B 246 51.88 -5.67 27.05
C ARG B 246 51.04 -5.89 28.30
N LYS B 247 49.72 -5.97 28.11
CA LYS B 247 48.80 -6.21 29.20
C LYS B 247 48.02 -7.50 28.92
N THR B 248 48.00 -8.40 29.88
CA THR B 248 47.26 -9.65 29.74
C THR B 248 46.52 -9.95 31.03
N ARG B 249 45.67 -10.96 31.00
CA ARG B 249 44.90 -11.33 32.18
C ARG B 249 44.51 -12.80 32.11
N VAL B 250 44.92 -13.56 33.12
CA VAL B 250 44.63 -14.97 33.18
C VAL B 250 43.50 -15.24 34.16
N LYS B 251 42.32 -15.53 33.63
CA LYS B 251 41.18 -15.84 34.49
C LYS B 251 41.18 -17.36 34.70
N VAL B 252 41.22 -17.78 35.96
CA VAL B 252 41.27 -19.19 36.30
C VAL B 252 39.98 -19.98 36.04
N ARG B 260 40.08 -25.03 33.64
CA ARG B 260 39.92 -24.16 32.48
C ARG B 260 40.74 -22.89 32.72
N GLU B 261 41.35 -22.36 31.66
CA GLU B 261 42.15 -21.15 31.76
C GLU B 261 41.88 -20.25 30.56
N ILE B 262 41.49 -19.01 30.84
CA ILE B 262 41.21 -18.05 29.78
C ILE B 262 42.20 -16.90 29.80
N ILE B 263 43.01 -16.81 28.75
CA ILE B 263 44.00 -15.75 28.63
C ILE B 263 43.45 -14.60 27.80
N THR B 264 43.43 -13.42 28.39
CA THR B 264 42.95 -12.23 27.69
C THR B 264 44.15 -11.40 27.25
N LEU B 265 44.26 -11.17 25.96
CA LEU B 265 45.36 -10.38 25.44
C LEU B 265 44.78 -9.02 25.07
N PHE B 266 44.97 -8.02 25.94
CA PHE B 266 44.42 -6.69 25.68
C PHE B 266 44.95 -6.07 24.39
N GLY B 267 44.03 -5.50 23.61
CA GLY B 267 44.44 -4.88 22.36
C GLY B 267 44.22 -5.80 21.18
N ILE B 268 43.72 -7.00 21.45
CA ILE B 268 43.43 -7.95 20.40
C ILE B 268 42.02 -8.47 20.57
N SER B 269 41.30 -8.58 19.46
CA SER B 269 39.93 -9.09 19.50
C SER B 269 39.96 -10.52 18.99
N VAL B 270 39.77 -11.46 19.90
CA VAL B 270 39.78 -12.87 19.56
C VAL B 270 38.39 -13.36 19.15
N LEU B 271 38.29 -13.88 17.94
CA LEU B 271 37.03 -14.42 17.45
C LEU B 271 37.28 -15.86 17.05
N ASP B 272 37.31 -16.74 18.04
CA ASP B 272 37.54 -18.16 17.77
C ASP B 272 36.51 -18.59 16.73
N TYR B 273 36.95 -19.21 15.65
CA TYR B 273 36.00 -19.59 14.62
C TYR B 273 34.99 -20.63 15.08
N ILE B 274 35.36 -21.45 16.06
CA ILE B 274 34.43 -22.44 16.56
C ILE B 274 33.24 -21.69 17.20
N ASP B 275 33.53 -20.55 17.84
CA ASP B 275 32.48 -19.74 18.46
C ASP B 275 31.67 -19.00 17.40
N LEU B 276 32.36 -18.49 16.39
CA LEU B 276 31.67 -17.81 15.32
C LEU B 276 30.71 -18.80 14.66
N TYR B 277 31.21 -20.00 14.41
CA TYR B 277 30.41 -21.02 13.77
C TYR B 277 29.15 -21.37 14.56
N LYS B 278 29.29 -21.55 15.87
CA LYS B 278 28.15 -21.91 16.69
C LYS B 278 27.15 -20.76 16.81
N LYS B 279 27.68 -19.55 16.85
CA LYS B 279 26.87 -18.37 16.98
C LYS B 279 26.10 -18.04 15.71
N PHE B 280 26.71 -18.24 14.56
CA PHE B 280 26.06 -17.86 13.32
C PHE B 280 25.65 -18.93 12.31
N SER B 281 25.99 -20.19 12.51
CA SER B 281 25.61 -21.19 11.52
C SER B 281 24.17 -21.69 11.67
N PHE B 282 23.58 -21.47 12.84
CA PHE B 282 22.21 -21.93 13.06
C PHE B 282 22.08 -23.42 12.71
N THR B 283 22.96 -24.22 13.29
CA THR B 283 22.98 -25.66 13.08
C THR B 283 23.37 -26.29 14.41
N ASN B 284 23.15 -27.59 14.53
CA ASN B 284 23.55 -28.26 15.75
C ASN B 284 24.24 -29.50 15.23
N GLN B 285 25.57 -29.48 15.29
CA GLN B 285 26.38 -30.57 14.78
C GLN B 285 26.65 -31.68 15.79
N PRO B 286 26.77 -32.92 15.30
CA PRO B 286 27.05 -34.07 16.17
C PRO B 286 28.45 -33.95 16.75
N SER B 287 29.28 -33.16 16.06
CA SER B 287 30.67 -32.94 16.47
C SER B 287 31.17 -31.61 15.95
N TYR B 288 32.07 -30.96 16.70
CA TYR B 288 32.63 -29.69 16.27
C TYR B 288 34.13 -29.72 16.02
N SER B 289 34.63 -30.86 15.56
CA SER B 289 36.03 -30.96 15.21
C SER B 289 36.15 -30.34 13.81
N LEU B 290 37.25 -29.66 13.54
CA LEU B 290 37.47 -29.02 12.24
C LEU B 290 37.23 -30.01 11.09
N ASP B 291 37.68 -31.23 11.29
CA ASP B 291 37.50 -32.27 10.29
C ASP B 291 36.03 -32.48 9.95
N TYR B 292 35.20 -32.61 10.99
CA TYR B 292 33.76 -32.81 10.80
C TYR B 292 33.10 -31.61 10.13
N ILE B 293 33.33 -30.43 10.70
CA ILE B 293 32.76 -29.20 10.15
C ILE B 293 33.26 -28.98 8.72
N SER B 294 34.54 -29.27 8.47
CA SER B 294 35.09 -29.10 7.13
C SER B 294 34.31 -29.96 6.14
N GLU B 295 34.10 -31.22 6.49
CA GLU B 295 33.37 -32.15 5.63
C GLU B 295 31.96 -31.61 5.36
N PHE B 296 31.28 -31.20 6.42
CA PHE B 296 29.94 -30.69 6.28
C PHE B 296 29.89 -29.44 5.41
N GLU B 297 30.78 -28.50 5.69
CA GLU B 297 30.81 -27.23 4.96
C GLU B 297 31.46 -27.25 3.57
N LEU B 298 32.51 -28.04 3.40
CA LEU B 298 33.23 -28.05 2.14
C LEU B 298 33.25 -29.38 1.41
N ASN B 299 32.71 -30.42 2.03
CA ASN B 299 32.73 -31.76 1.43
C ASN B 299 34.16 -32.13 1.11
N VAL B 300 35.07 -31.85 2.04
CA VAL B 300 36.48 -32.17 1.85
C VAL B 300 36.91 -33.25 2.81
N GLY B 301 37.30 -34.40 2.25
CA GLY B 301 37.74 -35.53 3.05
C GLY B 301 38.66 -35.14 4.19
N LYS B 302 38.66 -35.93 5.24
CA LYS B 302 39.49 -35.68 6.41
C LYS B 302 40.97 -35.79 6.08
N LEU B 303 41.81 -35.07 6.83
CA LEU B 303 43.26 -35.13 6.64
C LEU B 303 43.65 -36.51 7.16
N LYS B 304 43.97 -37.42 6.24
CA LYS B 304 44.30 -38.78 6.62
C LYS B 304 45.77 -38.97 7.01
N TYR B 305 45.98 -39.80 8.01
CA TYR B 305 47.32 -40.15 8.48
C TYR B 305 47.20 -41.44 9.25
N ASP B 306 48.32 -42.15 9.40
CA ASP B 306 48.32 -43.42 10.10
C ASP B 306 48.94 -43.29 11.49
N GLY B 307 48.41 -44.06 12.43
CA GLY B 307 48.96 -44.03 13.78
C GLY B 307 48.42 -42.92 14.66
N PRO B 308 48.88 -42.86 15.91
CA PRO B 308 48.44 -41.82 16.86
C PRO B 308 49.00 -40.46 16.43
N ILE B 309 48.28 -39.39 16.75
CA ILE B 309 48.78 -38.06 16.40
C ILE B 309 50.10 -37.85 17.16
N SER B 310 50.22 -38.53 18.30
CA SER B 310 51.41 -38.41 19.13
C SER B 310 52.66 -39.01 18.50
N LYS B 311 52.50 -39.66 17.35
CA LYS B 311 53.66 -40.27 16.69
C LYS B 311 53.73 -39.89 15.22
N LEU B 312 52.88 -38.97 14.79
CA LEU B 312 52.87 -38.55 13.40
C LEU B 312 54.08 -37.70 13.02
N ARG B 313 54.52 -36.80 13.90
CA ARG B 313 55.68 -35.98 13.54
C ARG B 313 56.88 -36.89 13.36
N GLU B 314 56.99 -37.89 14.24
CA GLU B 314 58.11 -38.83 14.21
C GLU B 314 58.07 -39.73 12.99
N SER B 315 56.91 -40.32 12.71
CA SER B 315 56.78 -41.22 11.58
C SER B 315 56.62 -40.55 10.20
N ASN B 316 56.03 -39.36 10.17
CA ASN B 316 55.82 -38.68 8.89
C ASN B 316 55.77 -37.16 9.10
N HIS B 317 56.93 -36.58 9.37
CA HIS B 317 57.05 -35.14 9.60
C HIS B 317 56.48 -34.37 8.43
N GLN B 318 56.76 -34.84 7.22
CA GLN B 318 56.26 -34.22 6.00
C GLN B 318 54.75 -34.02 6.07
N ARG B 319 54.02 -35.06 6.44
CA ARG B 319 52.58 -34.97 6.52
C ARG B 319 52.12 -34.12 7.72
N TYR B 320 52.88 -34.22 8.82
CA TYR B 320 52.59 -33.47 10.05
C TYR B 320 52.47 -31.99 9.73
N ILE B 321 53.47 -31.44 9.03
CA ILE B 321 53.48 -30.04 8.67
C ILE B 321 52.37 -29.63 7.69
N SER B 322 52.18 -30.42 6.62
CA SER B 322 51.14 -30.12 5.64
C SER B 322 49.78 -30.13 6.34
N TYR B 323 49.61 -31.06 7.28
CA TYR B 323 48.40 -31.19 8.08
C TYR B 323 48.14 -29.86 8.81
N ASN B 324 49.20 -29.29 9.38
CA ASN B 324 49.12 -28.02 10.11
C ASN B 324 48.68 -26.90 9.16
N ILE B 325 49.32 -26.84 7.99
CA ILE B 325 49.00 -25.83 7.00
C ILE B 325 47.56 -25.90 6.49
N ILE B 326 47.14 -27.11 6.10
CA ILE B 326 45.80 -27.31 5.60
C ILE B 326 44.75 -27.02 6.66
N ALA B 327 45.08 -27.29 7.93
CA ALA B 327 44.16 -27.04 9.02
C ALA B 327 43.80 -25.57 9.04
N VAL B 328 44.80 -24.72 8.86
CA VAL B 328 44.58 -23.29 8.84
C VAL B 328 43.79 -22.91 7.58
N TYR B 329 44.13 -23.54 6.46
CA TYR B 329 43.45 -23.25 5.21
C TYR B 329 41.94 -23.59 5.26
N ARG B 330 41.58 -24.68 5.94
CA ARG B 330 40.17 -25.08 6.05
C ARG B 330 39.32 -23.97 6.68
N VAL B 331 39.82 -23.37 7.76
CA VAL B 331 39.05 -22.31 8.40
C VAL B 331 38.86 -21.17 7.41
N LEU B 332 39.92 -20.85 6.66
CA LEU B 332 39.83 -19.79 5.66
C LEU B 332 38.79 -20.15 4.58
N GLN B 333 38.72 -21.43 4.21
CA GLN B 333 37.75 -21.85 3.20
C GLN B 333 36.35 -21.75 3.77
N ILE B 334 36.19 -22.14 5.03
CA ILE B 334 34.88 -22.03 5.65
C ILE B 334 34.45 -20.58 5.69
N ASP B 335 35.36 -19.68 6.05
CA ASP B 335 35.00 -18.27 6.13
C ASP B 335 34.74 -17.65 4.76
N ALA B 336 35.43 -18.16 3.73
CA ALA B 336 35.24 -17.66 2.38
C ALA B 336 33.78 -17.89 2.00
N LYS B 337 33.24 -18.99 2.48
CA LYS B 337 31.86 -19.37 2.21
C LYS B 337 30.85 -18.72 3.19
N ARG B 338 31.15 -18.75 4.49
CA ARG B 338 30.23 -18.18 5.48
C ARG B 338 30.38 -16.69 5.74
N GLN B 339 31.58 -16.16 5.58
CA GLN B 339 31.79 -14.73 5.79
C GLN B 339 31.47 -14.23 7.19
N PHE B 340 31.66 -15.07 8.20
CA PHE B 340 31.36 -14.65 9.56
C PHE B 340 32.31 -13.58 10.10
N ILE B 341 33.54 -13.55 9.56
CA ILE B 341 34.52 -12.54 9.99
C ILE B 341 33.98 -11.17 9.56
N ASN B 342 33.67 -11.04 8.26
CA ASN B 342 33.15 -9.80 7.71
C ASN B 342 31.80 -9.42 8.31
N LEU B 343 30.99 -10.43 8.63
CA LEU B 343 29.70 -10.16 9.24
C LEU B 343 29.96 -9.48 10.61
N SER B 344 30.90 -10.04 11.37
CA SER B 344 31.26 -9.52 12.69
C SER B 344 31.78 -8.08 12.61
N LEU B 345 32.65 -7.83 11.63
CA LEU B 345 33.21 -6.49 11.46
C LEU B 345 32.08 -5.52 11.11
N ASP B 346 31.26 -5.88 10.14
CA ASP B 346 30.17 -5.00 9.74
C ASP B 346 29.24 -4.68 10.92
N MET B 347 28.91 -5.70 11.71
CA MET B 347 28.03 -5.51 12.86
C MET B 347 28.73 -4.73 13.96
N GLY B 348 30.00 -5.05 14.19
CA GLY B 348 30.74 -4.34 15.22
C GLY B 348 30.86 -2.85 14.96
N TYR B 349 31.15 -2.49 13.72
CA TYR B 349 31.31 -1.08 13.39
C TYR B 349 29.99 -0.33 13.33
N TYR B 350 28.93 -1.02 12.91
CA TYR B 350 27.61 -0.42 12.83
C TYR B 350 27.18 0.02 14.22
N ALA B 351 27.40 -0.84 15.21
CA ALA B 351 27.02 -0.59 16.60
C ALA B 351 28.04 0.22 17.41
N LYS B 352 29.30 0.19 16.97
CA LYS B 352 30.39 0.90 17.63
C LYS B 352 30.75 0.23 18.96
N ILE B 353 31.12 -1.05 18.85
CA ILE B 353 31.49 -1.86 20.01
C ILE B 353 32.80 -2.57 19.69
N GLN B 354 33.37 -3.24 20.69
CA GLN B 354 34.58 -4.00 20.45
C GLN B 354 34.04 -5.14 19.58
N ILE B 355 34.74 -5.46 18.49
CA ILE B 355 34.26 -6.50 17.59
C ILE B 355 33.82 -7.80 18.27
N GLN B 356 34.55 -8.24 19.30
CA GLN B 356 34.18 -9.47 19.98
C GLN B 356 32.85 -9.40 20.73
N SER B 357 32.26 -8.21 20.83
CA SER B 357 30.97 -8.04 21.51
C SER B 357 29.80 -8.46 20.64
N VAL B 358 30.06 -8.75 19.37
CA VAL B 358 28.96 -9.14 18.49
C VAL B 358 28.31 -10.43 18.98
N PHE B 359 28.99 -11.15 19.86
CA PHE B 359 28.43 -12.38 20.40
C PHE B 359 27.26 -12.07 21.35
N SER B 360 27.17 -10.82 21.80
CA SER B 360 26.12 -10.40 22.74
C SER B 360 25.06 -9.44 22.20
N PRO B 361 23.80 -9.90 22.08
CA PRO B 361 22.71 -9.05 21.58
C PRO B 361 22.50 -7.84 22.49
N ILE B 362 22.60 -8.05 23.79
CA ILE B 362 22.42 -6.96 24.75
C ILE B 362 23.48 -5.89 24.58
N LYS B 363 24.71 -6.31 24.39
CA LYS B 363 25.80 -5.36 24.22
C LYS B 363 25.64 -4.58 22.92
N THR B 364 25.38 -5.31 21.83
CA THR B 364 25.20 -4.70 20.52
C THR B 364 24.05 -3.70 20.47
N TRP B 365 22.89 -4.08 20.98
CA TRP B 365 21.73 -3.20 20.98
C TRP B 365 21.85 -2.03 21.94
N ASP B 366 22.51 -2.24 23.08
CA ASP B 366 22.70 -1.16 24.04
C ASP B 366 23.54 -0.04 23.40
N ALA B 367 24.56 -0.42 22.64
CA ALA B 367 25.44 0.56 21.99
C ALA B 367 24.72 1.26 20.82
N ILE B 368 23.87 0.53 20.09
CA ILE B 368 23.12 1.13 18.98
C ILE B 368 22.17 2.22 19.50
N ILE B 369 21.33 1.84 20.45
CA ILE B 369 20.37 2.79 21.06
C ILE B 369 21.11 3.95 21.74
N PHE B 370 22.24 3.65 22.38
CA PHE B 370 23.03 4.66 23.06
C PHE B 370 23.45 5.77 22.09
N ASN B 371 24.14 5.36 21.02
CA ASN B 371 24.62 6.31 20.02
C ASN B 371 23.49 7.13 19.43
N SER B 372 22.36 6.47 19.17
CA SER B 372 21.20 7.15 18.60
C SER B 372 20.68 8.25 19.55
N LEU B 373 20.49 7.90 20.82
CA LEU B 373 19.99 8.87 21.79
C LEU B 373 20.99 10.00 22.08
N LYS B 374 22.28 9.67 22.09
CA LYS B 374 23.31 10.66 22.36
C LYS B 374 23.24 11.80 21.35
N GLU B 375 22.93 11.45 20.11
CA GLU B 375 22.82 12.41 19.03
C GLU B 375 21.72 13.42 19.28
N GLN B 376 20.68 13.00 19.99
CA GLN B 376 19.55 13.86 20.29
C GLN B 376 19.74 14.50 21.66
N ASN B 377 20.92 14.31 22.25
CA ASN B 377 21.23 14.86 23.56
C ASN B 377 20.43 14.21 24.67
N LYS B 378 19.89 13.02 24.41
CA LYS B 378 19.12 12.31 25.42
C LYS B 378 20.06 11.46 26.27
N VAL B 379 19.62 11.11 27.47
CA VAL B 379 20.44 10.34 28.38
C VAL B 379 19.83 8.98 28.68
N ILE B 380 20.60 7.92 28.42
CA ILE B 380 20.15 6.56 28.64
C ILE B 380 19.96 6.26 30.13
N PRO B 381 18.97 5.42 30.46
CA PRO B 381 18.66 5.03 31.82
C PRO B 381 19.79 4.23 32.46
N GLN B 382 19.83 4.21 33.79
CA GLN B 382 20.86 3.43 34.47
C GLN B 382 20.47 1.98 34.32
N GLY B 383 21.45 1.10 34.18
CA GLY B 383 21.15 -0.31 34.08
C GLY B 383 20.67 -0.74 35.46
N ARG B 384 19.69 -1.63 35.50
CA ARG B 384 19.19 -2.08 36.78
C ARG B 384 18.93 -3.58 36.84
N SER B 385 19.13 -4.14 38.02
CA SER B 385 18.93 -5.57 38.20
C SER B 385 17.45 -5.83 38.39
N HIS B 386 16.98 -6.93 37.83
CA HIS B 386 15.59 -7.30 37.94
C HIS B 386 15.61 -8.77 38.36
N PRO B 387 14.64 -9.19 39.17
CA PRO B 387 14.66 -10.59 39.55
C PRO B 387 14.44 -11.44 38.30
N VAL B 388 15.13 -12.57 38.21
CA VAL B 388 14.97 -13.44 37.06
C VAL B 388 13.62 -14.13 37.16
N GLN B 389 12.75 -13.82 36.20
CA GLN B 389 11.40 -14.37 36.15
C GLN B 389 11.08 -14.71 34.72
N PRO B 390 10.42 -15.85 34.49
CA PRO B 390 10.10 -16.18 33.11
C PRO B 390 8.72 -15.62 32.82
N TYR B 391 8.56 -15.00 31.67
CA TYR B 391 7.27 -14.45 31.28
C TYR B 391 6.66 -15.40 30.26
N PRO B 392 5.33 -15.33 30.06
CA PRO B 392 4.69 -16.22 29.10
C PRO B 392 5.19 -15.98 27.67
N GLY B 393 5.24 -17.05 26.88
CA GLY B 393 5.72 -16.92 25.52
C GLY B 393 4.65 -17.11 24.46
N ALA B 394 5.04 -17.76 23.36
CA ALA B 394 4.15 -17.99 22.23
C ALA B 394 3.06 -19.03 22.43
N PHE B 395 2.05 -18.96 21.56
CA PHE B 395 0.93 -19.87 21.56
C PHE B 395 1.25 -20.99 20.58
N VAL B 396 0.97 -22.22 20.97
CA VAL B 396 1.22 -23.38 20.12
C VAL B 396 -0.04 -24.25 20.18
N LYS B 397 -0.72 -24.37 19.04
CA LYS B 397 -1.94 -25.15 18.99
C LYS B 397 -1.68 -26.65 19.08
N GLU B 398 -2.51 -27.34 19.85
CA GLU B 398 -2.38 -28.78 19.97
C GLU B 398 -3.09 -29.33 18.74
N PRO B 399 -2.32 -29.89 17.80
CA PRO B 399 -2.90 -30.43 16.57
C PRO B 399 -3.45 -31.83 16.81
N ILE B 400 -4.45 -32.22 16.04
CA ILE B 400 -5.00 -33.57 16.15
C ILE B 400 -4.03 -34.45 15.36
N PRO B 401 -3.39 -35.43 16.00
CA PRO B 401 -2.45 -36.30 15.28
C PRO B 401 -3.19 -36.96 14.13
N ASN B 402 -2.66 -36.83 12.91
CA ASN B 402 -3.34 -37.43 11.77
C ASN B 402 -2.55 -37.14 10.51
N ARG B 403 -3.08 -37.57 9.37
CA ARG B 403 -2.45 -37.30 8.08
C ARG B 403 -3.22 -36.10 7.54
N TYR B 404 -2.56 -35.24 6.77
CA TYR B 404 -3.19 -34.06 6.21
C TYR B 404 -2.80 -33.97 4.74
N LYS B 405 -3.74 -34.36 3.88
CA LYS B 405 -3.56 -34.39 2.44
C LYS B 405 -3.10 -33.08 1.79
N TYR B 406 -3.93 -32.04 1.88
CA TYR B 406 -3.57 -30.74 1.30
C TYR B 406 -3.42 -29.71 2.41
N VAL B 407 -2.29 -29.01 2.41
CA VAL B 407 -2.02 -28.00 3.43
C VAL B 407 -1.40 -26.76 2.85
N MET B 408 -1.86 -25.60 3.31
CA MET B 408 -1.35 -24.31 2.90
C MET B 408 -1.02 -23.57 4.19
N SER B 409 0.18 -23.00 4.27
CA SER B 409 0.60 -22.28 5.47
C SER B 409 0.77 -20.78 5.25
N PHE B 410 0.62 -20.03 6.34
CA PHE B 410 0.75 -18.56 6.32
C PHE B 410 1.59 -18.10 7.53
N ASP B 411 2.47 -17.15 7.29
CA ASP B 411 3.34 -16.66 8.35
C ASP B 411 3.34 -15.15 8.51
N LEU B 412 3.38 -14.68 9.74
CA LEU B 412 3.41 -13.26 9.99
C LEU B 412 4.85 -12.77 9.79
N THR B 413 4.98 -11.57 9.25
CA THR B 413 6.28 -10.98 8.98
C THR B 413 6.96 -10.45 10.26
N SER B 414 8.18 -10.91 10.52
CA SER B 414 8.96 -10.47 11.68
C SER B 414 8.02 -10.09 12.82
N LEU B 415 7.28 -11.07 13.32
CA LEU B 415 6.27 -10.85 14.35
C LEU B 415 6.60 -9.96 15.55
N TYR B 416 7.59 -10.34 16.34
CA TYR B 416 7.88 -9.56 17.53
C TYR B 416 8.31 -8.14 17.24
N PRO B 417 9.24 -7.95 16.30
CA PRO B 417 9.66 -6.58 15.99
C PRO B 417 8.44 -5.80 15.50
N SER B 418 7.55 -6.48 14.78
CA SER B 418 6.36 -5.83 14.26
C SER B 418 5.40 -5.43 15.37
N ILE B 419 5.22 -6.32 16.35
CA ILE B 419 4.32 -6.03 17.47
C ILE B 419 4.83 -4.82 18.24
N ILE B 420 6.15 -4.76 18.41
CA ILE B 420 6.77 -3.65 19.12
C ILE B 420 6.47 -2.32 18.44
N ARG B 421 6.50 -2.33 17.11
CA ARG B 421 6.25 -1.11 16.33
C ARG B 421 4.77 -0.79 16.29
N GLN B 422 3.94 -1.80 16.06
CA GLN B 422 2.49 -1.59 15.99
C GLN B 422 1.92 -1.07 17.28
N VAL B 423 2.32 -1.68 18.40
CA VAL B 423 1.83 -1.30 19.70
C VAL B 423 2.58 -0.14 20.30
N ASN B 424 3.80 0.10 19.79
CA ASN B 424 4.64 1.19 20.26
C ASN B 424 5.08 0.88 21.68
N ILE B 425 5.63 -0.33 21.84
CA ILE B 425 6.10 -0.83 23.14
C ILE B 425 7.52 -0.38 23.42
N SER B 426 7.67 0.40 24.49
CA SER B 426 8.96 0.94 24.91
C SER B 426 8.84 1.32 26.39
N PRO B 427 9.95 1.30 27.14
CA PRO B 427 9.84 1.66 28.55
C PRO B 427 9.22 3.03 28.83
N GLU B 428 9.55 4.02 28.01
CA GLU B 428 9.04 5.37 28.22
C GLU B 428 7.70 5.69 27.55
N THR B 429 7.08 4.71 26.90
CA THR B 429 5.78 4.97 26.26
C THR B 429 4.62 4.35 27.03
N ILE B 430 4.93 3.75 28.18
CA ILE B 430 3.92 3.15 29.03
C ILE B 430 3.05 4.28 29.57
N ALA B 431 1.75 4.22 29.28
CA ALA B 431 0.82 5.25 29.74
C ALA B 431 0.02 4.83 30.97
N GLY B 432 -0.27 3.54 31.07
CA GLY B 432 -1.03 3.04 32.20
C GLY B 432 -1.50 1.62 31.91
N THR B 433 -2.61 1.22 32.53
CA THR B 433 -3.16 -0.11 32.32
C THR B 433 -4.67 -0.02 32.22
N PHE B 434 -5.30 -1.13 31.80
CA PHE B 434 -6.74 -1.18 31.71
C PHE B 434 -7.17 -2.52 32.28
N LYS B 435 -8.45 -2.63 32.65
CA LYS B 435 -9.00 -3.85 33.24
C LYS B 435 -9.03 -4.96 32.19
N VAL B 436 -8.38 -6.08 32.48
CA VAL B 436 -8.31 -7.17 31.52
C VAL B 436 -9.39 -8.25 31.61
N ALA B 437 -9.84 -8.68 30.44
CA ALA B 437 -10.83 -9.74 30.32
C ALA B 437 -10.02 -10.99 29.95
N PRO B 438 -10.61 -12.19 30.08
CA PRO B 438 -9.83 -13.38 29.73
C PRO B 438 -9.35 -13.24 28.28
N LEU B 439 -8.18 -13.79 27.98
CA LEU B 439 -7.62 -13.67 26.63
C LEU B 439 -8.58 -14.10 25.52
N HIS B 440 -9.31 -15.19 25.73
CA HIS B 440 -10.22 -15.67 24.70
C HIS B 440 -11.32 -14.66 24.39
N ASP B 441 -11.56 -13.73 25.31
CA ASP B 441 -12.57 -12.70 25.07
C ASP B 441 -12.09 -11.67 24.07
N TYR B 442 -10.78 -11.41 24.04
CA TYR B 442 -10.23 -10.44 23.08
C TYR B 442 -10.08 -11.14 21.74
N ILE B 443 -9.87 -12.45 21.78
CA ILE B 443 -9.71 -13.26 20.59
C ILE B 443 -11.03 -13.33 19.82
N ASN B 444 -12.15 -13.26 20.54
CA ASN B 444 -13.46 -13.32 19.91
C ASN B 444 -14.14 -11.94 19.83
N ALA B 445 -13.41 -10.91 20.21
CA ALA B 445 -13.92 -9.54 20.15
C ALA B 445 -15.18 -9.37 20.98
N VAL B 446 -15.24 -10.08 22.11
CA VAL B 446 -16.37 -10.01 23.03
C VAL B 446 -16.05 -8.98 24.09
N ALA B 447 -14.80 -8.96 24.52
CA ALA B 447 -14.33 -8.04 25.54
C ALA B 447 -14.52 -6.59 25.10
N GLU B 448 -14.74 -5.69 26.05
CA GLU B 448 -14.92 -4.30 25.68
C GLU B 448 -13.60 -3.70 25.21
N ARG B 449 -13.69 -2.76 24.27
CA ARG B 449 -12.50 -2.12 23.72
C ARG B 449 -11.67 -1.55 24.88
N PRO B 450 -10.40 -1.98 24.98
CA PRO B 450 -9.52 -1.51 26.06
C PRO B 450 -9.34 0.00 26.21
N SER B 451 -9.12 0.71 25.10
CA SER B 451 -8.93 2.15 25.19
C SER B 451 -9.27 2.88 23.91
N ASP B 452 -9.80 4.08 24.04
CA ASP B 452 -10.16 4.92 22.90
C ASP B 452 -9.08 5.99 22.79
N VAL B 453 -8.02 5.83 23.60
CA VAL B 453 -6.93 6.81 23.62
C VAL B 453 -5.53 6.25 23.45
N TYR B 454 -5.25 5.11 24.07
CA TYR B 454 -3.93 4.52 24.01
C TYR B 454 -3.83 3.26 23.16
N SER B 455 -2.63 2.93 22.73
CA SER B 455 -2.38 1.71 21.94
C SER B 455 -2.26 0.59 22.98
N CYS B 456 -3.01 -0.48 22.80
CA CYS B 456 -3.00 -1.55 23.79
C CYS B 456 -2.56 -2.95 23.43
N SER B 457 -2.35 -3.74 24.49
CA SER B 457 -1.98 -5.14 24.40
C SER B 457 -2.88 -5.88 25.38
N PRO B 458 -3.36 -7.07 25.00
CA PRO B 458 -4.25 -7.90 25.79
C PRO B 458 -3.77 -8.23 27.21
N ASN B 459 -2.49 -7.97 27.52
CA ASN B 459 -2.00 -8.26 28.87
C ASN B 459 -2.34 -7.11 29.81
N GLY B 460 -3.03 -6.10 29.29
CA GLY B 460 -3.43 -4.96 30.09
C GLY B 460 -2.59 -3.68 30.03
N MET B 461 -1.58 -3.67 29.17
CA MET B 461 -0.73 -2.48 29.07
C MET B 461 -1.21 -1.47 28.03
N MET B 462 -1.04 -0.19 28.34
CA MET B 462 -1.41 0.89 27.43
C MET B 462 -0.15 1.71 27.11
N TYR B 463 -0.05 2.16 25.86
CA TYR B 463 1.11 2.94 25.43
C TYR B 463 0.67 4.20 24.68
N TYR B 464 1.47 5.25 24.78
CA TYR B 464 1.16 6.49 24.08
C TYR B 464 1.20 6.27 22.57
N LYS B 465 0.23 6.85 21.86
CA LYS B 465 0.14 6.75 20.41
C LYS B 465 0.66 8.02 19.77
N ASP B 466 0.68 9.08 20.57
CA ASP B 466 1.10 10.40 20.10
C ASP B 466 2.57 10.68 20.33
N ARG B 467 3.41 9.66 20.24
CA ARG B 467 4.84 9.85 20.43
C ARG B 467 5.63 8.63 19.98
N ASP B 468 6.75 8.88 19.31
CA ASP B 468 7.60 7.81 18.83
C ASP B 468 8.35 7.21 20.01
N GLY B 469 8.27 5.89 20.14
CA GLY B 469 8.95 5.22 21.24
C GLY B 469 10.41 4.98 20.89
N VAL B 470 11.25 4.96 21.91
CA VAL B 470 12.67 4.74 21.69
C VAL B 470 12.96 3.40 21.03
N VAL B 471 12.47 2.30 21.61
CA VAL B 471 12.74 1.00 21.03
C VAL B 471 12.09 0.88 19.66
N PRO B 472 10.84 1.34 19.52
CA PRO B 472 10.14 1.26 18.23
C PRO B 472 10.85 2.06 17.12
N THR B 473 11.34 3.23 17.46
CA THR B 473 12.04 4.05 16.47
C THR B 473 13.31 3.33 16.01
N GLU B 474 14.09 2.87 16.98
CA GLU B 474 15.32 2.18 16.69
C GLU B 474 15.16 0.89 15.90
N ILE B 475 14.09 0.15 16.16
CA ILE B 475 13.88 -1.09 15.44
C ILE B 475 13.40 -0.76 14.01
N THR B 476 12.60 0.29 13.87
CA THR B 476 12.09 0.70 12.57
C THR B 476 13.25 1.09 11.67
N LYS B 477 14.17 1.90 12.19
CA LYS B 477 15.32 2.31 11.41
C LYS B 477 16.04 1.10 10.83
N VAL B 478 16.32 0.10 11.66
CA VAL B 478 17.04 -1.07 11.18
C VAL B 478 16.20 -1.85 10.18
N PHE B 479 14.89 -1.85 10.38
CA PHE B 479 13.99 -2.55 9.48
C PHE B 479 14.07 -1.90 8.09
N ASN B 480 13.97 -0.58 8.04
CA ASN B 480 14.03 0.14 6.76
C ASN B 480 15.39 -0.02 6.11
N GLN B 481 16.45 0.01 6.93
CA GLN B 481 17.79 -0.13 6.40
C GLN B 481 18.01 -1.48 5.74
N ARG B 482 17.43 -2.54 6.31
CA ARG B 482 17.62 -3.84 5.70
C ARG B 482 16.99 -3.83 4.31
N LYS B 483 15.85 -3.17 4.19
CA LYS B 483 15.16 -3.09 2.91
C LYS B 483 16.05 -2.33 1.95
N GLU B 484 16.67 -1.27 2.47
CA GLU B 484 17.55 -0.43 1.69
C GLU B 484 18.77 -1.18 1.15
N HIS B 485 19.44 -1.92 2.02
CA HIS B 485 20.62 -2.66 1.61
C HIS B 485 20.30 -3.90 0.80
N LYS B 486 19.20 -4.58 1.14
CA LYS B 486 18.80 -5.75 0.37
C LYS B 486 18.54 -5.27 -1.05
N GLY B 487 18.02 -4.04 -1.16
CA GLY B 487 17.72 -3.47 -2.45
C GLY B 487 18.98 -3.24 -3.26
N TYR B 488 20.03 -2.74 -2.61
CA TYR B 488 21.29 -2.48 -3.31
C TYR B 488 21.87 -3.80 -3.79
N MET B 489 21.74 -4.83 -2.96
CA MET B 489 22.25 -6.14 -3.30
C MET B 489 21.60 -6.64 -4.59
N LEU B 490 20.29 -6.46 -4.68
CA LEU B 490 19.52 -6.89 -5.85
C LEU B 490 19.88 -6.11 -7.11
N ALA B 491 19.94 -4.79 -6.98
CA ALA B 491 20.29 -3.97 -8.12
C ALA B 491 21.72 -4.31 -8.55
N ALA B 492 22.64 -4.34 -7.59
CA ALA B 492 24.04 -4.66 -7.87
C ALA B 492 24.13 -6.01 -8.56
N GLN B 493 23.17 -6.88 -8.27
CA GLN B 493 23.15 -8.22 -8.86
C GLN B 493 22.70 -8.16 -10.31
N ARG B 494 21.57 -7.50 -10.55
CA ARG B 494 21.04 -7.37 -11.90
C ARG B 494 22.04 -6.61 -12.76
N ASN B 495 22.51 -5.48 -12.26
CA ASN B 495 23.49 -4.67 -12.98
C ASN B 495 24.70 -5.52 -13.34
N GLY B 496 25.08 -6.41 -12.43
CA GLY B 496 26.20 -7.29 -12.66
C GLY B 496 25.91 -8.23 -13.83
N GLU B 497 24.63 -8.47 -14.10
CA GLU B 497 24.21 -9.33 -15.20
C GLU B 497 24.38 -8.64 -16.53
N ILE B 498 24.05 -7.35 -16.57
CA ILE B 498 24.17 -6.55 -17.78
C ILE B 498 25.64 -6.43 -18.20
N ILE B 499 26.53 -6.36 -17.20
CA ILE B 499 27.95 -6.25 -17.46
C ILE B 499 28.50 -7.56 -18.05
N LYS B 500 27.98 -8.67 -17.56
CA LYS B 500 28.40 -9.99 -18.02
C LYS B 500 27.80 -10.31 -19.39
N GLU B 501 26.56 -9.87 -19.61
CA GLU B 501 25.90 -10.11 -20.88
C GLU B 501 26.44 -9.15 -21.94
N ALA B 502 27.38 -8.30 -21.54
CA ALA B 502 27.99 -7.34 -22.45
C ALA B 502 29.44 -7.69 -22.70
N LEU B 503 29.98 -8.56 -21.85
CA LEU B 503 31.37 -9.00 -21.98
C LEU B 503 31.52 -10.09 -23.04
N HIS B 504 30.39 -10.54 -23.59
CA HIS B 504 30.43 -11.57 -24.63
C HIS B 504 31.07 -11.05 -25.90
N ASN B 505 30.87 -9.76 -26.17
CA ASN B 505 31.43 -9.12 -27.35
C ASN B 505 31.77 -7.66 -27.08
N PRO B 506 32.90 -7.40 -26.41
CA PRO B 506 33.33 -6.04 -26.10
C PRO B 506 34.03 -5.40 -27.28
N ASN B 507 33.79 -4.11 -27.49
CA ASN B 507 34.43 -3.41 -28.59
C ASN B 507 35.92 -3.25 -28.29
N LEU B 508 36.71 -3.12 -29.34
CA LEU B 508 38.14 -2.94 -29.17
C LEU B 508 38.38 -1.43 -29.18
N SER B 509 38.42 -0.85 -27.99
CA SER B 509 38.63 0.58 -27.88
C SER B 509 39.36 0.97 -26.61
N VAL B 510 39.72 2.25 -26.53
CA VAL B 510 40.42 2.79 -25.37
C VAL B 510 39.41 3.57 -24.55
N ASP B 511 39.09 3.06 -23.37
CA ASP B 511 38.11 3.72 -22.51
C ASP B 511 38.34 3.33 -21.06
N GLU B 512 37.43 3.77 -20.19
CA GLU B 512 37.54 3.45 -18.77
C GLU B 512 36.18 3.11 -18.18
N PRO B 513 36.16 2.51 -16.98
CA PRO B 513 34.89 2.16 -16.36
C PRO B 513 33.92 3.34 -16.37
N LEU B 514 32.65 3.06 -16.60
CA LEU B 514 31.62 4.10 -16.68
C LEU B 514 31.45 4.97 -15.43
N ASP B 515 31.81 4.43 -14.26
CA ASP B 515 31.66 5.18 -13.01
C ASP B 515 30.21 5.60 -12.74
N VAL B 516 29.43 4.64 -12.25
CA VAL B 516 28.02 4.85 -11.95
C VAL B 516 27.71 4.20 -10.61
N ASP B 517 26.44 4.28 -10.18
CA ASP B 517 26.04 3.68 -8.91
C ASP B 517 25.41 2.30 -9.14
N TYR B 518 26.13 1.26 -8.75
CA TYR B 518 25.65 -0.10 -8.92
C TYR B 518 24.49 -0.48 -7.99
N ARG B 519 24.20 0.39 -7.04
CA ARG B 519 23.11 0.15 -6.09
C ARG B 519 21.73 0.31 -6.71
N PHE B 520 21.66 0.93 -7.87
CA PHE B 520 20.38 1.12 -8.55
C PHE B 520 20.46 0.56 -9.96
N ASP B 521 19.32 0.17 -10.51
CA ASP B 521 19.28 -0.38 -11.86
C ASP B 521 19.74 0.62 -12.90
N PHE B 522 20.66 0.17 -13.77
CA PHE B 522 21.19 1.03 -14.83
C PHE B 522 20.05 1.58 -15.68
N SER B 523 20.23 2.80 -16.16
CA SER B 523 19.24 3.44 -17.02
C SER B 523 19.45 2.95 -18.46
N ASP B 524 18.53 3.29 -19.35
CA ASP B 524 18.66 2.88 -20.73
C ASP B 524 19.90 3.56 -21.33
N GLU B 525 20.21 4.76 -20.83
CA GLU B 525 21.37 5.51 -21.30
C GLU B 525 22.65 4.79 -20.91
N ILE B 526 22.68 4.25 -19.69
CA ILE B 526 23.85 3.53 -19.21
C ILE B 526 24.04 2.22 -19.95
N LYS B 527 22.93 1.52 -20.19
CA LYS B 527 22.97 0.24 -20.90
C LYS B 527 23.54 0.41 -22.31
N GLU B 528 23.34 1.59 -22.91
CA GLU B 528 23.84 1.85 -24.26
C GLU B 528 25.36 2.03 -24.25
N LYS B 529 25.84 2.91 -23.36
CA LYS B 529 27.27 3.17 -23.25
C LYS B 529 28.06 1.90 -22.93
N ILE B 530 27.50 1.08 -22.04
CA ILE B 530 28.14 -0.17 -21.62
C ILE B 530 28.38 -1.10 -22.81
N LYS B 531 27.56 -0.96 -23.84
CA LYS B 531 27.71 -1.80 -25.03
C LYS B 531 28.90 -1.37 -25.88
N LYS B 532 29.29 -0.11 -25.72
CA LYS B 532 30.41 0.46 -26.47
C LYS B 532 31.74 0.37 -25.73
N LEU B 533 31.72 -0.12 -24.49
CA LEU B 533 32.93 -0.26 -23.69
C LEU B 533 33.80 -1.43 -24.10
N SER B 534 35.05 -1.40 -23.65
CA SER B 534 36.02 -2.45 -23.94
C SER B 534 36.03 -3.46 -22.80
N ALA B 535 36.70 -4.59 -23.02
CA ALA B 535 36.78 -5.63 -22.00
C ALA B 535 37.46 -5.13 -20.73
N LYS B 536 38.59 -4.44 -20.88
CA LYS B 536 39.32 -3.92 -19.73
C LYS B 536 38.44 -3.06 -18.83
N SER B 537 37.49 -2.34 -19.44
CA SER B 537 36.59 -1.49 -18.68
C SER B 537 35.43 -2.28 -18.11
N LEU B 538 34.89 -3.22 -18.88
CA LEU B 538 33.78 -4.04 -18.45
C LEU B 538 34.16 -4.96 -17.29
N ASN B 539 35.39 -5.46 -17.32
CA ASN B 539 35.86 -6.35 -16.26
C ASN B 539 36.07 -5.58 -14.97
N GLU B 540 36.40 -4.30 -15.10
CA GLU B 540 36.61 -3.46 -13.93
C GLU B 540 35.27 -3.11 -13.29
N MET B 541 34.26 -2.91 -14.13
CA MET B 541 32.90 -2.59 -13.68
C MET B 541 32.23 -3.79 -13.02
N LEU B 542 32.40 -4.96 -13.64
CA LEU B 542 31.80 -6.19 -13.12
C LEU B 542 32.36 -6.52 -11.74
N PHE B 543 33.62 -6.15 -11.52
CA PHE B 543 34.26 -6.40 -10.24
C PHE B 543 33.68 -5.46 -9.18
N ARG B 544 33.33 -4.25 -9.59
CA ARG B 544 32.77 -3.28 -8.67
C ARG B 544 31.33 -3.62 -8.34
N ALA B 545 30.59 -4.08 -9.34
CA ALA B 545 29.20 -4.45 -9.16
C ALA B 545 29.10 -5.54 -8.08
N GLN B 546 30.03 -6.48 -8.13
CA GLN B 546 30.05 -7.57 -7.17
C GLN B 546 30.42 -7.06 -5.79
N ARG B 547 31.47 -6.24 -5.71
CA ARG B 547 31.92 -5.67 -4.43
C ARG B 547 30.71 -5.02 -3.78
N THR B 548 29.86 -4.43 -4.62
CA THR B 548 28.65 -3.76 -4.18
C THR B 548 27.65 -4.79 -3.65
N GLU B 549 27.42 -5.85 -4.44
CA GLU B 549 26.49 -6.89 -4.04
C GLU B 549 26.92 -7.55 -2.73
N VAL B 550 28.19 -7.92 -2.66
CA VAL B 550 28.72 -8.56 -1.46
C VAL B 550 28.50 -7.67 -0.25
N ALA B 551 28.80 -6.39 -0.39
CA ALA B 551 28.62 -5.44 0.71
C ALA B 551 27.15 -5.36 1.10
N GLY B 552 26.28 -5.35 0.08
CA GLY B 552 24.84 -5.28 0.32
C GLY B 552 24.33 -6.49 1.08
N MET B 553 24.75 -7.68 0.63
CA MET B 553 24.34 -8.91 1.28
C MET B 553 24.75 -8.90 2.75
N THR B 554 26.00 -8.52 3.02
CA THR B 554 26.52 -8.47 4.37
C THR B 554 25.75 -7.50 5.26
N ALA B 555 25.53 -6.29 4.75
CA ALA B 555 24.81 -5.29 5.50
C ALA B 555 23.36 -5.71 5.78
N GLN B 556 22.71 -6.30 4.78
CA GLN B 556 21.32 -6.71 4.94
C GLN B 556 21.21 -7.89 5.93
N ILE B 557 22.11 -8.86 5.80
CA ILE B 557 22.10 -10.01 6.70
C ILE B 557 22.37 -9.48 8.10
N ASN B 558 23.27 -8.51 8.17
CA ASN B 558 23.61 -7.89 9.44
C ASN B 558 22.36 -7.27 10.08
N ARG B 559 21.64 -6.47 9.30
CA ARG B 559 20.42 -5.83 9.77
C ARG B 559 19.44 -6.90 10.22
N LYS B 560 19.31 -7.94 9.40
CA LYS B 560 18.39 -9.03 9.71
C LYS B 560 18.69 -9.64 11.08
N LEU B 561 19.97 -9.89 11.36
CA LEU B 561 20.36 -10.48 12.63
C LEU B 561 20.02 -9.56 13.81
N LEU B 562 20.17 -8.26 13.63
CA LEU B 562 19.85 -7.31 14.69
C LEU B 562 18.35 -7.33 14.97
N ILE B 563 17.57 -7.33 13.89
CA ILE B 563 16.12 -7.34 13.99
C ILE B 563 15.64 -8.54 14.77
N ASN B 564 16.18 -9.71 14.44
CA ASN B 564 15.77 -10.94 15.11
C ASN B 564 16.35 -11.14 16.51
N SER B 565 17.37 -10.36 16.87
CA SER B 565 17.96 -10.52 18.19
C SER B 565 17.47 -9.51 19.22
N LEU B 566 16.72 -8.50 18.77
CA LEU B 566 16.21 -7.49 19.70
C LEU B 566 15.25 -8.06 20.75
N TYR B 567 14.31 -8.89 20.32
CA TYR B 567 13.35 -9.49 21.24
C TYR B 567 14.07 -10.24 22.36
N GLY B 568 15.07 -11.03 21.98
CA GLY B 568 15.83 -11.79 22.97
C GLY B 568 16.45 -10.87 24.00
N ALA B 569 16.90 -9.71 23.54
CA ALA B 569 17.50 -8.73 24.41
C ALA B 569 16.45 -8.16 25.36
N LEU B 570 15.28 -7.82 24.83
CA LEU B 570 14.20 -7.24 25.65
C LEU B 570 13.70 -8.19 26.72
N GLY B 571 13.95 -9.49 26.53
CA GLY B 571 13.54 -10.45 27.53
C GLY B 571 14.66 -10.88 28.45
N ASN B 572 15.77 -10.15 28.44
CA ASN B 572 16.92 -10.48 29.28
C ASN B 572 17.03 -9.45 30.40
N VAL B 573 17.02 -9.91 31.65
CA VAL B 573 17.06 -9.00 32.79
C VAL B 573 18.27 -8.09 32.88
N TRP B 574 19.26 -8.29 32.01
CA TRP B 574 20.45 -7.45 32.05
C TRP B 574 20.39 -6.32 31.02
N PHE B 575 19.40 -6.38 30.12
CA PHE B 575 19.27 -5.34 29.10
C PHE B 575 18.75 -4.05 29.75
N ARG B 576 19.41 -2.95 29.43
CA ARG B 576 19.07 -1.65 29.96
C ARG B 576 17.60 -1.28 29.77
N TYR B 577 16.99 -1.79 28.70
CA TYR B 577 15.60 -1.47 28.41
C TYR B 577 14.61 -2.61 28.65
N TYR B 578 15.04 -3.57 29.46
CA TYR B 578 14.17 -4.69 29.80
C TYR B 578 13.09 -4.22 30.75
N ASP B 579 11.91 -4.80 30.60
CA ASP B 579 10.78 -4.48 31.45
C ASP B 579 9.83 -5.66 31.32
N LEU B 580 9.61 -6.33 32.44
CA LEU B 580 8.75 -7.50 32.48
C LEU B 580 7.38 -7.30 31.85
N ARG B 581 6.78 -6.14 32.09
CA ARG B 581 5.46 -5.86 31.53
C ARG B 581 5.51 -5.70 30.01
N ASN B 582 6.59 -5.12 29.51
CA ASN B 582 6.71 -4.95 28.06
C ASN B 582 6.97 -6.28 27.37
N ALA B 583 7.78 -7.14 27.99
CA ALA B 583 8.08 -8.45 27.41
C ALA B 583 6.78 -9.23 27.29
N THR B 584 6.00 -9.21 28.36
CA THR B 584 4.71 -9.91 28.41
C THR B 584 3.68 -9.30 27.45
N ALA B 585 3.76 -7.99 27.25
CA ALA B 585 2.81 -7.33 26.36
C ALA B 585 3.02 -7.79 24.94
N ILE B 586 4.27 -7.99 24.56
CA ILE B 586 4.61 -8.44 23.21
C ILE B 586 4.13 -9.85 22.95
N THR B 587 4.52 -10.79 23.81
CA THR B 587 4.13 -12.16 23.62
C THR B 587 2.64 -12.40 23.77
N THR B 588 2.00 -11.64 24.66
CA THR B 588 0.57 -11.80 24.88
C THR B 588 -0.14 -11.32 23.63
N PHE B 589 0.34 -10.22 23.06
CA PHE B 589 -0.25 -9.67 21.84
C PHE B 589 -0.08 -10.72 20.72
N GLY B 590 1.07 -11.38 20.73
CA GLY B 590 1.34 -12.42 19.74
C GLY B 590 0.35 -13.57 19.83
N GLN B 591 0.03 -13.99 21.04
CA GLN B 591 -0.94 -15.08 21.23
C GLN B 591 -2.32 -14.69 20.70
N MET B 592 -2.73 -13.46 20.98
CA MET B 592 -4.03 -12.99 20.52
C MET B 592 -4.07 -12.92 19.01
N ALA B 593 -3.02 -12.34 18.43
CA ALA B 593 -2.94 -12.18 16.98
C ALA B 593 -3.05 -13.49 16.23
N LEU B 594 -2.34 -14.50 16.70
CA LEU B 594 -2.37 -15.79 16.02
C LEU B 594 -3.73 -16.46 16.12
N GLN B 595 -4.33 -16.39 17.30
CA GLN B 595 -5.62 -17.01 17.51
C GLN B 595 -6.77 -16.21 16.91
N TRP B 596 -6.62 -14.90 16.91
CA TRP B 596 -7.63 -14.02 16.32
C TRP B 596 -7.68 -14.32 14.82
N ILE B 597 -6.52 -14.40 14.17
CA ILE B 597 -6.52 -14.67 12.75
C ILE B 597 -6.96 -16.12 12.48
N GLU B 598 -6.72 -17.02 13.42
CA GLU B 598 -7.16 -18.40 13.23
C GLU B 598 -8.69 -18.43 13.09
N ARG B 599 -9.36 -17.64 13.94
CA ARG B 599 -10.82 -17.55 13.94
C ARG B 599 -11.33 -16.90 12.65
N LYS B 600 -10.67 -15.82 12.24
CA LYS B 600 -11.05 -15.12 11.02
C LYS B 600 -10.91 -16.01 9.79
N VAL B 601 -9.83 -16.78 9.72
CA VAL B 601 -9.63 -17.68 8.60
C VAL B 601 -10.67 -18.79 8.60
N ASN B 602 -11.03 -19.30 9.78
CA ASN B 602 -12.04 -20.35 9.85
C ASN B 602 -13.40 -19.84 9.46
N GLU B 603 -13.72 -18.62 9.88
CA GLU B 603 -15.01 -18.02 9.55
C GLU B 603 -15.09 -17.77 8.04
N TYR B 604 -14.00 -17.28 7.45
CA TYR B 604 -14.00 -17.01 6.02
C TYR B 604 -14.12 -18.28 5.17
N LEU B 605 -13.36 -19.32 5.52
CA LEU B 605 -13.40 -20.55 4.75
C LEU B 605 -14.73 -21.32 4.85
N ASN B 606 -15.31 -21.39 6.04
CA ASN B 606 -16.60 -22.07 6.21
C ASN B 606 -17.63 -21.37 5.32
N GLU B 607 -17.54 -20.05 5.26
CA GLU B 607 -18.45 -19.27 4.46
C GLU B 607 -18.33 -19.54 2.96
N VAL B 608 -17.14 -19.29 2.40
CA VAL B 608 -16.93 -19.49 0.97
C VAL B 608 -17.08 -20.94 0.54
N CYS B 609 -17.12 -21.86 1.50
CA CYS B 609 -17.27 -23.28 1.17
C CYS B 609 -18.70 -23.76 1.33
N GLY B 610 -19.58 -22.86 1.76
CA GLY B 610 -20.98 -23.21 1.94
C GLY B 610 -21.19 -24.13 3.13
N THR B 611 -20.24 -24.10 4.06
CA THR B 611 -20.32 -24.92 5.26
C THR B 611 -20.35 -24.08 6.53
N GLU B 612 -20.63 -24.74 7.65
CA GLU B 612 -20.71 -24.07 8.93
C GLU B 612 -20.03 -24.88 10.03
N GLY B 613 -19.19 -24.22 10.83
CA GLY B 613 -18.53 -24.88 11.92
C GLY B 613 -17.33 -25.77 11.66
N GLU B 614 -16.83 -25.82 10.43
CA GLU B 614 -15.68 -26.65 10.11
C GLU B 614 -14.39 -26.00 10.59
N ALA B 615 -13.42 -26.82 11.01
CA ALA B 615 -12.14 -26.32 11.50
C ALA B 615 -11.06 -26.40 10.44
N PHE B 616 -10.83 -25.31 9.72
CA PHE B 616 -9.83 -25.29 8.67
C PHE B 616 -8.39 -25.18 9.18
N VAL B 617 -8.18 -24.36 10.20
CA VAL B 617 -6.84 -24.19 10.77
C VAL B 617 -6.53 -25.42 11.63
N LEU B 618 -5.62 -26.24 11.14
CA LEU B 618 -5.25 -27.46 11.83
C LEU B 618 -4.11 -27.26 12.83
N TYR B 619 -3.29 -26.24 12.65
CA TYR B 619 -2.15 -26.03 13.54
C TYR B 619 -1.63 -24.60 13.45
N GLY B 620 -0.84 -24.22 14.45
CA GLY B 620 -0.26 -22.89 14.50
C GLY B 620 0.81 -22.88 15.58
N ASP B 621 1.85 -22.07 15.38
CA ASP B 621 2.94 -21.99 16.35
C ASP B 621 3.62 -20.63 16.28
N THR B 622 3.39 -19.82 17.32
CA THR B 622 4.00 -18.50 17.43
C THR B 622 3.53 -17.46 16.41
N ASP B 623 3.91 -17.66 15.15
CA ASP B 623 3.58 -16.69 14.11
C ASP B 623 3.04 -17.34 12.84
N SER B 624 2.71 -18.62 12.90
CA SER B 624 2.24 -19.33 11.72
C SER B 624 1.00 -20.17 11.93
N ILE B 625 0.25 -20.37 10.84
CA ILE B 625 -0.94 -21.20 10.87
C ILE B 625 -0.89 -22.11 9.64
N TYR B 626 -1.37 -23.33 9.80
CA TYR B 626 -1.42 -24.30 8.72
C TYR B 626 -2.88 -24.66 8.44
N VAL B 627 -3.32 -24.34 7.24
CA VAL B 627 -4.71 -24.56 6.81
C VAL B 627 -4.91 -25.84 5.99
N SER B 628 -5.93 -26.62 6.35
CA SER B 628 -6.24 -27.84 5.61
C SER B 628 -7.03 -27.39 4.39
N ALA B 629 -6.51 -27.66 3.20
CA ALA B 629 -7.17 -27.25 1.97
C ALA B 629 -7.99 -28.35 1.30
N ASP B 630 -8.30 -29.39 2.05
CA ASP B 630 -9.07 -30.50 1.53
C ASP B 630 -10.44 -30.07 1.00
N LYS B 631 -11.23 -29.43 1.87
CA LYS B 631 -12.57 -28.98 1.49
C LYS B 631 -12.52 -28.01 0.31
N ILE B 632 -11.40 -27.32 0.15
CA ILE B 632 -11.23 -26.36 -0.95
C ILE B 632 -11.10 -27.10 -2.27
N ILE B 633 -10.37 -28.21 -2.24
CA ILE B 633 -10.17 -29.01 -3.43
C ILE B 633 -11.47 -29.78 -3.75
N ASP B 634 -12.10 -30.33 -2.72
CA ASP B 634 -13.34 -31.09 -2.89
C ASP B 634 -14.48 -30.23 -3.41
N LYS B 635 -14.58 -28.99 -2.93
CA LYS B 635 -15.64 -28.09 -3.37
C LYS B 635 -15.61 -28.01 -4.89
N VAL B 636 -14.43 -27.76 -5.42
CA VAL B 636 -14.24 -27.67 -6.87
C VAL B 636 -14.40 -29.05 -7.45
N GLY B 637 -13.47 -29.93 -7.09
CA GLY B 637 -13.51 -31.28 -7.58
C GLY B 637 -12.11 -31.77 -7.91
N GLU B 638 -11.74 -32.88 -7.28
CA GLU B 638 -10.43 -33.49 -7.47
C GLU B 638 -10.15 -33.72 -8.96
N SER B 639 -11.00 -34.52 -9.59
CA SER B 639 -10.89 -34.88 -11.01
C SER B 639 -10.70 -33.69 -11.95
N LYS B 640 -11.21 -32.53 -11.57
CA LYS B 640 -11.11 -31.35 -12.42
C LYS B 640 -9.71 -30.81 -12.65
N PHE B 641 -8.70 -31.40 -12.00
CA PHE B 641 -7.33 -30.94 -12.19
C PHE B 641 -6.53 -31.87 -13.10
N ARG B 642 -5.98 -31.30 -14.16
CA ARG B 642 -5.21 -32.07 -15.12
C ARG B 642 -3.99 -32.73 -14.48
N ASP B 643 -3.15 -31.91 -13.85
CA ASP B 643 -1.95 -32.42 -13.20
C ASP B 643 -1.71 -31.77 -11.83
N THR B 644 -0.64 -32.20 -11.16
CA THR B 644 -0.30 -31.68 -9.84
C THR B 644 -0.14 -30.16 -9.86
N ASN B 645 0.68 -29.66 -10.78
CA ASN B 645 0.93 -28.23 -10.89
C ASN B 645 -0.37 -27.44 -11.03
N HIS B 646 -1.39 -28.06 -11.60
CA HIS B 646 -2.68 -27.41 -11.81
C HIS B 646 -3.32 -26.99 -10.48
N TRP B 647 -3.47 -27.93 -9.54
CA TRP B 647 -4.09 -27.57 -8.28
C TRP B 647 -3.21 -26.67 -7.43
N VAL B 648 -1.89 -26.76 -7.62
CA VAL B 648 -1.00 -25.90 -6.86
C VAL B 648 -1.25 -24.47 -7.32
N ASP B 649 -1.55 -24.31 -8.61
CA ASP B 649 -1.83 -22.99 -9.16
C ASP B 649 -3.17 -22.52 -8.60
N PHE B 650 -4.12 -23.43 -8.50
CA PHE B 650 -5.44 -23.11 -7.96
C PHE B 650 -5.30 -22.57 -6.54
N LEU B 651 -4.70 -23.36 -5.65
CA LEU B 651 -4.51 -22.94 -4.26
C LEU B 651 -3.68 -21.66 -4.14
N ASP B 652 -2.67 -21.51 -4.99
CA ASP B 652 -1.83 -20.32 -4.95
C ASP B 652 -2.62 -19.06 -5.28
N LYS B 653 -3.47 -19.14 -6.30
CA LYS B 653 -4.28 -17.98 -6.68
C LYS B 653 -5.35 -17.78 -5.63
N PHE B 654 -5.91 -18.89 -5.15
CA PHE B 654 -6.94 -18.83 -4.12
C PHE B 654 -6.40 -18.12 -2.87
N ALA B 655 -5.16 -18.44 -2.50
CA ALA B 655 -4.54 -17.84 -1.34
C ALA B 655 -4.33 -16.33 -1.52
N ARG B 656 -3.73 -15.96 -2.64
CA ARG B 656 -3.45 -14.56 -2.92
C ARG B 656 -4.65 -13.67 -3.26
N GLU B 657 -5.62 -14.20 -4.00
CA GLU B 657 -6.77 -13.41 -4.40
C GLU B 657 -7.91 -13.35 -3.40
N ARG B 658 -8.11 -14.42 -2.65
CA ARG B 658 -9.23 -14.44 -1.72
C ARG B 658 -8.87 -14.48 -0.23
N MET B 659 -7.97 -15.37 0.19
CA MET B 659 -7.61 -15.45 1.61
C MET B 659 -6.79 -14.27 2.14
N GLU B 660 -5.88 -13.75 1.33
CA GLU B 660 -5.05 -12.62 1.74
C GLU B 660 -5.87 -11.38 2.10
N PRO B 661 -6.78 -10.96 1.19
CA PRO B 661 -7.58 -9.77 1.49
C PRO B 661 -8.36 -9.97 2.79
N ALA B 662 -8.89 -11.17 2.98
CA ALA B 662 -9.68 -11.46 4.19
C ALA B 662 -8.79 -11.40 5.43
N ILE B 663 -7.57 -11.90 5.31
CA ILE B 663 -6.64 -11.87 6.44
C ILE B 663 -6.27 -10.43 6.75
N ASP B 664 -6.05 -9.63 5.71
CA ASP B 664 -5.70 -8.23 5.93
C ASP B 664 -6.85 -7.49 6.59
N ARG B 665 -8.07 -7.80 6.17
CA ARG B 665 -9.23 -7.14 6.76
C ARG B 665 -9.38 -7.60 8.21
N GLY B 666 -9.05 -8.86 8.47
CA GLY B 666 -9.14 -9.37 9.82
C GLY B 666 -8.18 -8.67 10.76
N PHE B 667 -6.93 -8.50 10.32
CA PHE B 667 -5.93 -7.85 11.17
C PHE B 667 -6.16 -6.34 11.33
N ARG B 668 -6.88 -5.75 10.39
CA ARG B 668 -7.13 -4.32 10.48
C ARG B 668 -8.17 -4.05 11.57
N GLU B 669 -9.12 -4.96 11.70
CA GLU B 669 -10.14 -4.82 12.72
C GLU B 669 -9.41 -4.92 14.06
N MET B 670 -8.54 -5.90 14.17
CA MET B 670 -7.80 -6.12 15.42
C MET B 670 -7.01 -4.88 15.82
N CYS B 671 -6.40 -4.22 14.85
CA CYS B 671 -5.61 -3.02 15.10
C CYS B 671 -6.51 -1.90 15.66
N GLU B 672 -7.70 -1.75 15.09
CA GLU B 672 -8.65 -0.74 15.54
C GLU B 672 -9.14 -1.12 16.93
N TYR B 673 -9.39 -2.41 17.12
CA TYR B 673 -9.86 -2.94 18.39
C TYR B 673 -8.90 -2.59 19.52
N MET B 674 -7.61 -2.79 19.26
CA MET B 674 -6.57 -2.53 20.25
C MET B 674 -6.10 -1.08 20.14
N ASN B 675 -6.69 -0.35 19.19
CA ASN B 675 -6.36 1.06 18.98
C ASN B 675 -4.85 1.26 18.85
N ASN B 676 -4.18 0.33 18.18
CA ASN B 676 -2.73 0.38 18.01
C ASN B 676 -2.26 1.57 17.17
N LYS B 677 -0.98 1.91 17.27
CA LYS B 677 -0.44 3.05 16.55
C LYS B 677 -0.33 2.85 15.04
N GLN B 678 -0.21 1.60 14.59
CA GLN B 678 -0.11 1.37 13.15
C GLN B 678 -0.18 -0.11 12.79
N HIS B 679 -1.02 -0.43 11.81
CA HIS B 679 -1.21 -1.80 11.35
C HIS B 679 0.09 -2.34 10.77
N LEU B 680 0.57 -3.46 11.32
CA LEU B 680 1.81 -4.05 10.83
C LEU B 680 1.79 -5.57 10.86
N MET B 681 0.61 -6.12 11.12
CA MET B 681 0.43 -7.56 11.15
C MET B 681 0.22 -8.04 9.73
N PHE B 682 1.31 -8.40 9.07
CA PHE B 682 1.29 -8.85 7.69
C PHE B 682 1.58 -10.34 7.61
N MET B 683 0.58 -11.11 7.23
CA MET B 683 0.70 -12.54 7.14
C MET B 683 0.64 -13.01 5.70
N ASP B 684 1.73 -13.61 5.22
CA ASP B 684 1.79 -14.09 3.85
C ASP B 684 1.90 -15.61 3.67
N ARG B 685 1.36 -16.09 2.56
CA ARG B 685 1.35 -17.50 2.23
C ARG B 685 2.75 -18.03 2.05
N GLU B 686 3.06 -19.09 2.79
CA GLU B 686 4.38 -19.71 2.71
C GLU B 686 4.39 -20.95 1.82
N ALA B 687 4.01 -22.08 2.39
CA ALA B 687 4.03 -23.31 1.64
C ALA B 687 2.68 -23.84 1.18
N ILE B 688 2.73 -24.60 0.10
CA ILE B 688 1.57 -25.29 -0.44
C ILE B 688 2.06 -26.74 -0.48
N ALA B 689 1.40 -27.61 0.27
CA ALA B 689 1.82 -29.00 0.33
C ALA B 689 0.71 -29.99 -0.03
N GLY B 690 1.12 -31.18 -0.49
CA GLY B 690 0.17 -32.21 -0.87
C GLY B 690 0.84 -33.33 -1.63
N PRO B 691 0.17 -34.47 -1.82
CA PRO B 691 0.78 -35.59 -2.55
C PRO B 691 0.71 -35.32 -4.04
N PRO B 692 1.44 -36.12 -4.84
CA PRO B 692 1.40 -35.92 -6.30
C PRO B 692 0.01 -36.34 -6.80
N LEU B 693 -0.59 -35.56 -7.68
CA LEU B 693 -1.91 -35.89 -8.20
C LEU B 693 -1.94 -37.30 -8.78
N GLY B 694 -2.88 -38.11 -8.29
CA GLY B 694 -3.01 -39.47 -8.79
C GLY B 694 -2.30 -40.54 -7.98
N SER B 695 -1.34 -40.15 -7.15
CA SER B 695 -0.61 -41.13 -6.35
C SER B 695 -1.33 -41.51 -5.06
N LYS B 696 -0.74 -42.43 -4.32
CA LYS B 696 -1.31 -42.88 -3.06
C LYS B 696 -0.65 -42.25 -1.84
N GLY B 697 0.16 -41.21 -2.08
CA GLY B 697 0.84 -40.52 -1.00
C GLY B 697 -0.14 -39.76 -0.11
N ILE B 698 0.20 -39.62 1.17
CA ILE B 698 -0.67 -38.94 2.12
C ILE B 698 -0.43 -37.43 2.23
N GLY B 699 0.57 -36.92 1.52
CA GLY B 699 0.85 -35.49 1.57
C GLY B 699 1.60 -34.96 2.78
N GLY B 700 1.15 -35.33 3.98
CA GLY B 700 1.81 -34.85 5.18
C GLY B 700 1.16 -35.38 6.43
N PHE B 701 1.72 -35.06 7.59
CA PHE B 701 1.18 -35.51 8.87
C PHE B 701 1.77 -34.77 10.07
N TRP B 702 1.01 -34.78 11.17
CA TRP B 702 1.43 -34.16 12.43
C TRP B 702 1.34 -35.26 13.47
N THR B 703 2.32 -35.32 14.38
CA THR B 703 2.27 -36.31 15.45
C THR B 703 2.01 -35.58 16.77
N GLY B 704 2.21 -34.26 16.75
CA GLY B 704 1.99 -33.46 17.96
C GLY B 704 2.61 -32.08 17.80
N LYS B 705 2.60 -31.29 18.86
CA LYS B 705 3.16 -29.96 18.79
C LYS B 705 4.60 -30.01 18.30
N LYS B 706 4.95 -29.06 17.45
CA LYS B 706 6.30 -28.94 16.90
C LYS B 706 6.89 -30.19 16.25
N ARG B 707 6.02 -31.07 15.75
CA ARG B 707 6.48 -32.30 15.10
C ARG B 707 5.61 -32.64 13.90
N TYR B 708 6.07 -32.32 12.69
CA TYR B 708 5.30 -32.59 11.48
C TYR B 708 6.16 -32.72 10.22
N ALA B 709 5.54 -33.20 9.14
CA ALA B 709 6.22 -33.37 7.85
C ALA B 709 5.28 -33.02 6.70
N LEU B 710 5.79 -32.27 5.72
CA LEU B 710 5.00 -31.84 4.56
C LEU B 710 5.74 -32.02 3.22
N ASN B 711 5.01 -32.39 2.18
CA ASN B 711 5.59 -32.54 0.84
C ASN B 711 5.25 -31.22 0.16
N VAL B 712 6.22 -30.30 0.15
CA VAL B 712 6.05 -28.96 -0.40
C VAL B 712 6.36 -28.76 -1.89
N TRP B 713 5.37 -28.24 -2.60
CA TRP B 713 5.51 -27.98 -4.03
C TRP B 713 5.85 -26.53 -4.31
N ASP B 714 5.42 -25.63 -3.43
CA ASP B 714 5.69 -24.22 -3.62
C ASP B 714 5.93 -23.47 -2.31
N MET B 715 6.99 -22.67 -2.28
CA MET B 715 7.35 -21.89 -1.10
C MET B 715 7.43 -20.41 -1.44
N GLU B 716 6.43 -19.65 -0.99
CA GLU B 716 6.37 -18.21 -1.22
C GLU B 716 6.45 -17.78 -2.68
N GLY B 717 5.83 -18.55 -3.56
CA GLY B 717 5.85 -18.20 -4.97
C GLY B 717 6.83 -19.02 -5.78
N THR B 718 7.87 -19.56 -5.14
CA THR B 718 8.85 -20.35 -5.84
C THR B 718 8.31 -21.76 -6.06
N ARG B 719 8.09 -22.12 -7.32
CA ARG B 719 7.57 -23.43 -7.65
C ARG B 719 8.74 -24.38 -7.77
N TYR B 720 8.71 -25.49 -7.05
CA TYR B 720 9.81 -26.44 -7.09
C TYR B 720 9.77 -27.40 -8.27
N ALA B 721 10.92 -27.61 -8.90
CA ALA B 721 11.01 -28.52 -10.02
C ALA B 721 10.61 -29.90 -9.51
N GLU B 722 11.02 -30.20 -8.29
CA GLU B 722 10.70 -31.47 -7.63
C GLU B 722 10.18 -31.13 -6.23
N PRO B 723 9.20 -31.90 -5.73
CA PRO B 723 8.68 -31.59 -4.39
C PRO B 723 9.76 -31.70 -3.32
N LYS B 724 9.71 -30.80 -2.35
CA LYS B 724 10.69 -30.78 -1.27
C LYS B 724 10.02 -31.14 0.05
N LEU B 725 10.68 -31.95 0.86
CA LEU B 725 10.14 -32.35 2.16
C LEU B 725 10.45 -31.29 3.24
N LYS B 726 9.40 -30.80 3.87
CA LYS B 726 9.50 -29.81 4.95
C LYS B 726 9.29 -30.62 6.23
N ILE B 727 10.38 -30.97 6.92
CA ILE B 727 10.27 -31.77 8.15
C ILE B 727 10.72 -31.01 9.39
N MET B 728 9.83 -30.89 10.36
CA MET B 728 10.16 -30.16 11.58
C MET B 728 10.00 -31.02 12.84
N GLY B 729 11.00 -30.94 13.73
CA GLY B 729 10.95 -31.66 14.99
C GLY B 729 11.19 -33.14 15.01
N LEU B 730 10.84 -33.84 13.93
CA LEU B 730 11.02 -35.29 13.86
C LEU B 730 12.49 -35.71 14.00
N GLU B 731 12.71 -36.97 14.38
CA GLU B 731 14.06 -37.50 14.61
C GLU B 731 15.04 -37.30 13.46
N THR B 732 14.52 -37.05 12.27
CA THR B 732 15.38 -36.83 11.12
C THR B 732 16.15 -35.52 11.25
N GLN B 733 15.59 -34.59 12.02
CA GLN B 733 16.19 -33.28 12.21
C GLN B 733 17.04 -33.12 13.47
N LYS B 734 17.22 -34.19 14.24
CA LYS B 734 17.99 -34.07 15.48
C LYS B 734 19.37 -34.70 15.41
N SER B 735 20.36 -33.96 15.89
CA SER B 735 21.75 -34.43 15.89
C SER B 735 21.98 -35.66 16.75
N SER B 736 21.05 -35.95 17.64
CA SER B 736 21.20 -37.13 18.51
C SER B 736 20.85 -38.41 17.77
N THR B 737 20.14 -38.29 16.65
CA THR B 737 19.74 -39.44 15.85
C THR B 737 20.88 -39.90 14.95
N PRO B 738 21.21 -41.20 14.97
CA PRO B 738 22.29 -41.68 14.10
C PRO B 738 22.11 -41.33 12.62
N LYS B 739 23.22 -41.05 11.94
CA LYS B 739 23.21 -40.66 10.53
C LYS B 739 22.38 -41.54 9.61
N ALA B 740 22.64 -42.84 9.63
CA ALA B 740 21.92 -43.78 8.77
C ALA B 740 20.44 -43.87 9.09
N VAL B 741 20.07 -43.60 10.34
CA VAL B 741 18.67 -43.64 10.74
C VAL B 741 17.98 -42.36 10.26
N GLN B 742 18.67 -41.23 10.36
CA GLN B 742 18.09 -39.98 9.88
C GLN B 742 17.77 -40.18 8.41
N LYS B 743 18.72 -40.78 7.71
CA LYS B 743 18.58 -41.04 6.28
C LYS B 743 17.42 -41.98 5.97
N ALA B 744 17.39 -43.12 6.64
CA ALA B 744 16.32 -44.10 6.41
C ALA B 744 14.96 -43.54 6.84
N LEU B 745 14.90 -42.92 8.01
CA LEU B 745 13.63 -42.34 8.46
C LEU B 745 13.15 -41.30 7.45
N LYS B 746 14.07 -40.54 6.87
CA LYS B 746 13.67 -39.53 5.89
C LYS B 746 13.11 -40.16 4.62
N GLU B 747 13.69 -41.27 4.19
CA GLU B 747 13.20 -41.96 2.99
C GLU B 747 11.82 -42.54 3.29
N CYS B 748 11.64 -43.06 4.50
CA CYS B 748 10.36 -43.61 4.92
C CYS B 748 9.28 -42.52 4.87
N ILE B 749 9.65 -41.33 5.31
CA ILE B 749 8.71 -40.22 5.30
C ILE B 749 8.40 -39.79 3.87
N ARG B 750 9.44 -39.67 3.04
CA ARG B 750 9.26 -39.28 1.64
C ARG B 750 8.27 -40.24 0.99
N ARG B 751 8.51 -41.53 1.18
CA ARG B 751 7.63 -42.54 0.61
C ARG B 751 6.21 -42.42 1.11
N MET B 752 6.05 -42.15 2.41
CA MET B 752 4.72 -41.99 2.97
C MET B 752 3.96 -40.85 2.30
N LEU B 753 4.59 -39.69 2.25
CA LEU B 753 3.99 -38.49 1.69
C LEU B 753 3.80 -38.47 0.16
N GLN B 754 4.74 -39.05 -0.57
CA GLN B 754 4.66 -39.04 -2.03
C GLN B 754 4.16 -40.33 -2.68
N GLU B 755 4.35 -41.46 -2.01
CA GLU B 755 3.95 -42.73 -2.61
C GLU B 755 2.86 -43.55 -1.93
N GLY B 756 2.94 -43.72 -0.62
CA GLY B 756 1.90 -44.49 0.04
C GLY B 756 2.36 -45.58 0.99
N GLU B 757 1.39 -46.17 1.67
CA GLU B 757 1.65 -47.22 2.64
C GLU B 757 2.47 -48.38 2.08
N GLU B 758 2.08 -48.87 0.90
CA GLU B 758 2.78 -49.97 0.27
C GLU B 758 4.26 -49.66 0.05
N SER B 759 4.56 -48.44 -0.41
CA SER B 759 5.95 -48.06 -0.62
C SER B 759 6.74 -48.05 0.69
N LEU B 760 6.09 -47.62 1.77
CA LEU B 760 6.73 -47.57 3.07
C LEU B 760 7.07 -48.97 3.56
N GLN B 761 6.08 -49.85 3.46
CA GLN B 761 6.24 -51.23 3.93
C GLN B 761 7.37 -51.94 3.22
N GLU B 762 7.51 -51.69 1.93
CA GLU B 762 8.56 -52.30 1.14
C GLU B 762 9.92 -51.84 1.63
N TYR B 763 10.11 -50.53 1.73
CA TYR B 763 11.38 -49.99 2.18
C TYR B 763 11.73 -50.40 3.61
N PHE B 764 10.75 -50.36 4.51
CA PHE B 764 10.97 -50.72 5.91
C PHE B 764 11.49 -52.15 6.01
N LYS B 765 10.88 -53.04 5.23
CA LYS B 765 11.27 -54.44 5.23
C LYS B 765 12.74 -54.55 4.83
N GLU B 766 13.11 -53.85 3.76
CA GLU B 766 14.48 -53.85 3.24
C GLU B 766 15.53 -53.31 4.19
N PHE B 767 15.22 -52.18 4.84
CA PHE B 767 16.15 -51.58 5.78
C PHE B 767 16.34 -52.48 7.00
N GLU B 768 15.27 -53.15 7.40
CA GLU B 768 15.35 -54.02 8.56
C GLU B 768 16.27 -55.21 8.30
N LYS B 769 16.29 -55.68 7.06
CA LYS B 769 17.14 -56.81 6.69
C LYS B 769 18.61 -56.43 6.48
N GLU B 770 18.86 -55.21 6.00
CA GLU B 770 20.22 -54.76 5.73
C GLU B 770 20.88 -54.02 6.90
N PHE B 771 20.08 -53.67 7.90
CA PHE B 771 20.56 -52.92 9.05
C PHE B 771 21.91 -53.33 9.61
N ARG B 772 22.05 -54.61 9.97
CA ARG B 772 23.28 -55.13 10.55
C ARG B 772 24.58 -54.93 9.76
N GLN B 773 24.47 -54.45 8.52
CA GLN B 773 25.64 -54.23 7.69
C GLN B 773 26.15 -52.78 7.73
N LEU B 774 25.35 -51.88 8.29
CA LEU B 774 25.72 -50.47 8.38
C LEU B 774 26.94 -50.23 9.25
N ASN B 775 27.75 -49.24 8.86
CA ASN B 775 28.95 -48.86 9.61
C ASN B 775 28.58 -48.51 11.05
N TYR B 776 29.36 -48.99 12.01
CA TYR B 776 29.07 -48.74 13.42
C TYR B 776 28.92 -47.27 13.79
N ILE B 777 29.64 -46.38 13.10
CA ILE B 777 29.53 -44.96 13.42
C ILE B 777 28.23 -44.38 12.86
N SER B 778 27.74 -44.95 11.78
CA SER B 778 26.52 -44.42 11.17
C SER B 778 25.25 -44.78 11.92
N ILE B 779 25.31 -45.80 12.77
CA ILE B 779 24.12 -46.18 13.53
C ILE B 779 24.30 -45.88 15.01
N ALA B 780 25.31 -45.07 15.30
CA ALA B 780 25.59 -44.67 16.67
C ALA B 780 24.79 -43.40 17.03
N SER B 781 24.27 -43.37 18.25
CA SER B 781 23.52 -42.20 18.70
C SER B 781 24.52 -41.16 19.16
N VAL B 782 24.07 -39.92 19.28
CA VAL B 782 24.93 -38.84 19.72
C VAL B 782 24.31 -38.09 20.90
N SER B 783 25.15 -37.58 21.78
CA SER B 783 24.66 -36.82 22.92
C SER B 783 25.73 -35.96 23.53
N SER B 784 25.34 -34.80 24.06
CA SER B 784 26.28 -33.92 24.74
C SER B 784 26.49 -34.62 26.07
N ALA B 785 27.66 -34.46 26.65
CA ALA B 785 27.93 -35.11 27.93
C ALA B 785 28.32 -34.08 29.00
N ASN B 786 27.35 -33.70 29.82
CA ASN B 786 27.59 -32.73 30.88
C ASN B 786 27.56 -33.43 32.23
N ASN B 787 28.32 -32.89 33.18
CA ASN B 787 28.36 -33.43 34.54
C ASN B 787 28.77 -34.91 34.62
N ILE B 788 29.85 -35.26 33.93
CA ILE B 788 30.32 -36.63 33.95
C ILE B 788 30.69 -37.04 35.38
N ALA B 789 31.55 -36.25 36.01
CA ALA B 789 32.01 -36.51 37.37
C ALA B 789 30.87 -36.67 38.39
N LYS B 790 29.81 -35.90 38.22
CA LYS B 790 28.67 -35.95 39.13
C LYS B 790 28.10 -37.36 39.29
N TYR B 791 28.15 -38.15 38.22
CA TYR B 791 27.63 -39.51 38.27
C TYR B 791 28.70 -40.59 38.26
N ASP B 792 29.95 -40.19 38.46
CA ASP B 792 31.05 -41.14 38.48
C ASP B 792 31.47 -41.51 39.90
N VAL B 793 31.02 -42.67 40.36
CA VAL B 793 31.35 -43.14 41.70
C VAL B 793 32.33 -44.31 41.65
N GLY B 794 33.60 -44.01 41.87
CA GLY B 794 34.62 -45.04 41.84
C GLY B 794 34.69 -45.69 40.46
N GLY B 795 34.51 -44.88 39.42
CA GLY B 795 34.55 -45.39 38.07
C GLY B 795 33.27 -46.09 37.64
N PHE B 796 32.29 -46.15 38.52
CA PHE B 796 31.02 -46.79 38.23
C PHE B 796 29.87 -45.80 38.35
N PRO B 797 28.82 -45.99 37.56
CA PRO B 797 27.64 -45.11 37.58
C PRO B 797 26.92 -44.98 38.92
N GLY B 798 26.69 -43.74 39.32
CA GLY B 798 26.00 -43.47 40.58
C GLY B 798 24.49 -43.32 40.34
N PRO B 799 23.73 -42.91 41.37
CA PRO B 799 22.27 -42.73 41.28
C PRO B 799 21.79 -41.83 40.13
N LYS B 800 20.80 -42.34 39.39
CA LYS B 800 20.20 -41.62 38.26
C LYS B 800 21.16 -41.31 37.11
N CYS B 801 22.22 -42.09 37.00
CA CYS B 801 23.20 -41.86 35.94
C CYS B 801 22.57 -41.97 34.55
N PRO B 802 22.69 -40.91 33.74
CA PRO B 802 22.13 -40.93 32.39
C PRO B 802 22.77 -42.03 31.53
N PHE B 803 22.00 -42.56 30.57
CA PHE B 803 22.46 -43.62 29.68
C PHE B 803 23.76 -43.29 28.92
N HIS B 804 23.92 -42.05 28.46
CA HIS B 804 25.13 -41.74 27.73
C HIS B 804 26.30 -41.57 28.69
N ILE B 805 26.03 -41.08 29.89
CA ILE B 805 27.08 -40.91 30.88
C ILE B 805 27.57 -42.31 31.30
N ARG B 806 26.63 -43.25 31.44
CA ARG B 806 26.98 -44.62 31.80
C ARG B 806 27.97 -45.13 30.76
N GLY B 807 27.68 -44.85 29.50
CA GLY B 807 28.53 -45.28 28.42
C GLY B 807 29.95 -44.73 28.51
N ILE B 808 30.07 -43.48 28.95
CA ILE B 808 31.38 -42.86 29.08
C ILE B 808 32.18 -43.50 30.23
N LEU B 809 31.50 -43.88 31.30
CA LEU B 809 32.18 -44.51 32.43
C LEU B 809 32.69 -45.88 31.97
N THR B 810 31.86 -46.59 31.21
CA THR B 810 32.24 -47.89 30.70
C THR B 810 33.49 -47.73 29.84
N TYR B 811 33.50 -46.70 29.00
CA TYR B 811 34.64 -46.43 28.14
C TYR B 811 35.88 -46.12 28.97
N ASN B 812 35.73 -45.25 29.96
CA ASN B 812 36.86 -44.88 30.81
C ASN B 812 37.50 -46.08 31.48
N ARG B 813 36.69 -46.95 32.09
CA ARG B 813 37.22 -48.14 32.75
C ARG B 813 37.93 -49.05 31.74
N ALA B 814 37.50 -48.99 30.49
CA ALA B 814 38.09 -49.82 29.44
C ALA B 814 39.46 -49.35 28.95
N ILE B 815 39.74 -48.06 29.08
CA ILE B 815 41.02 -47.52 28.62
C ILE B 815 41.97 -47.09 29.73
N LYS B 816 41.57 -47.30 30.99
CA LYS B 816 42.43 -46.94 32.10
C LYS B 816 43.78 -47.62 31.90
N GLY B 817 44.86 -46.96 32.30
CA GLY B 817 46.17 -47.56 32.14
C GLY B 817 46.82 -47.30 30.78
N ASN B 818 46.11 -46.59 29.91
CA ASN B 818 46.65 -46.26 28.60
C ASN B 818 46.69 -44.75 28.43
N ILE B 819 47.79 -44.15 28.85
CA ILE B 819 47.98 -42.71 28.79
C ILE B 819 47.88 -42.13 27.37
N ASP B 820 47.84 -42.99 26.37
CA ASP B 820 47.75 -42.52 24.99
C ASP B 820 46.35 -42.66 24.37
N ALA B 821 45.37 -43.06 25.17
CA ALA B 821 44.01 -43.23 24.67
C ALA B 821 43.20 -41.92 24.72
N PRO B 822 42.37 -41.68 23.70
CA PRO B 822 41.54 -40.47 23.62
C PRO B 822 40.51 -40.35 24.75
N GLN B 823 40.56 -39.24 25.46
CA GLN B 823 39.68 -38.98 26.59
C GLN B 823 38.37 -38.31 26.16
N VAL B 824 37.33 -38.49 26.97
CA VAL B 824 36.04 -37.88 26.71
C VAL B 824 36.05 -36.56 27.46
N VAL B 825 35.88 -35.46 26.73
CA VAL B 825 35.91 -34.13 27.34
C VAL B 825 34.57 -33.66 27.88
N GLU B 826 34.59 -33.23 29.14
CA GLU B 826 33.39 -32.71 29.80
C GLU B 826 32.71 -31.67 28.94
N GLY B 827 31.40 -31.79 28.78
CA GLY B 827 30.68 -30.81 27.98
C GLY B 827 30.68 -31.03 26.49
N GLU B 828 31.52 -31.93 25.98
CA GLU B 828 31.54 -32.17 24.54
C GLU B 828 30.55 -33.28 24.20
N LYS B 829 30.54 -33.74 22.94
CA LYS B 829 29.62 -34.78 22.51
C LYS B 829 30.27 -36.13 22.33
N VAL B 830 29.45 -37.17 22.36
CA VAL B 830 29.92 -38.54 22.20
C VAL B 830 28.98 -39.40 21.40
N TYR B 831 29.53 -40.47 20.83
CA TYR B 831 28.75 -41.45 20.09
C TYR B 831 28.37 -42.42 21.20
N VAL B 832 27.25 -43.12 21.03
CA VAL B 832 26.81 -44.08 22.04
C VAL B 832 26.30 -45.36 21.38
N LEU B 833 26.62 -46.50 21.98
CA LEU B 833 26.19 -47.77 21.44
C LEU B 833 25.79 -48.73 22.55
N PRO B 834 24.70 -49.48 22.32
CA PRO B 834 24.24 -50.45 23.33
C PRO B 834 25.04 -51.74 23.15
N LEU B 835 25.29 -52.45 24.25
CA LEU B 835 26.06 -53.70 24.21
C LEU B 835 25.24 -54.89 24.70
N ARG B 836 25.45 -56.05 24.08
CA ARG B 836 24.73 -57.25 24.47
C ARG B 836 25.20 -57.75 25.84
N GLU B 837 24.30 -58.39 26.58
CA GLU B 837 24.64 -58.89 27.91
C GLU B 837 25.78 -59.90 27.85
N GLY B 838 26.68 -59.81 28.81
CA GLY B 838 27.81 -60.71 28.85
C GLY B 838 29.06 -60.14 28.23
N ASN B 839 28.96 -58.93 27.68
CA ASN B 839 30.09 -58.27 27.06
C ASN B 839 31.21 -58.04 28.10
N PRO B 840 32.47 -58.06 27.65
CA PRO B 840 33.64 -57.87 28.52
C PRO B 840 33.79 -56.46 29.11
N PHE B 841 32.92 -55.53 28.74
CA PHE B 841 33.01 -54.17 29.26
C PHE B 841 32.27 -54.02 30.58
N GLY B 842 31.47 -55.02 30.93
CA GLY B 842 30.75 -54.98 32.18
C GLY B 842 29.55 -54.05 32.29
N ASP B 843 28.94 -53.68 31.16
CA ASP B 843 27.78 -52.80 31.21
C ASP B 843 27.00 -52.78 29.90
N LYS B 844 25.80 -52.21 29.95
CA LYS B 844 24.91 -52.17 28.79
C LYS B 844 25.21 -51.23 27.62
N CYS B 845 26.18 -50.34 27.77
CA CYS B 845 26.51 -49.41 26.70
C CYS B 845 27.90 -48.80 26.85
N ILE B 846 28.38 -48.18 25.78
CA ILE B 846 29.69 -47.54 25.78
C ILE B 846 29.65 -46.29 24.88
N ALA B 847 30.41 -45.27 25.25
CA ALA B 847 30.44 -44.02 24.49
C ALA B 847 31.87 -43.52 24.31
N TRP B 848 32.14 -42.85 23.20
CA TRP B 848 33.46 -42.32 22.94
C TRP B 848 33.32 -40.99 22.19
N PRO B 849 34.41 -40.21 22.09
CA PRO B 849 34.34 -38.92 21.41
C PRO B 849 33.66 -38.95 20.04
N SER B 850 32.64 -38.11 19.87
CA SER B 850 31.92 -38.06 18.60
C SER B 850 32.81 -37.52 17.49
N GLY B 851 32.48 -37.90 16.25
CA GLY B 851 33.25 -37.46 15.11
C GLY B 851 34.57 -38.20 14.97
N THR B 852 34.73 -39.30 15.71
CA THR B 852 35.97 -40.06 15.64
C THR B 852 35.73 -41.56 15.70
N GLU B 853 36.76 -42.31 15.32
CA GLU B 853 36.75 -43.76 15.37
C GLU B 853 37.09 -44.12 16.80
N ILE B 854 36.52 -45.20 17.32
CA ILE B 854 36.83 -45.60 18.69
C ILE B 854 38.25 -46.20 18.67
N THR B 855 39.03 -45.95 19.72
CA THR B 855 40.40 -46.45 19.80
C THR B 855 40.55 -47.94 19.47
N ASP B 856 41.64 -48.26 18.76
CA ASP B 856 41.94 -49.63 18.34
C ASP B 856 42.04 -50.65 19.45
N LEU B 857 42.35 -50.23 20.66
CA LEU B 857 42.48 -51.19 21.74
C LEU B 857 41.18 -51.86 22.20
N ILE B 858 40.05 -51.38 21.71
CA ILE B 858 38.76 -51.97 22.10
C ILE B 858 37.75 -51.94 20.96
N LYS B 859 38.17 -51.49 19.79
CA LYS B 859 37.26 -51.40 18.65
C LYS B 859 36.65 -52.73 18.20
N ASP B 860 37.47 -53.75 18.02
CA ASP B 860 36.96 -55.04 17.59
C ASP B 860 35.98 -55.63 18.59
N ASP B 861 36.28 -55.46 19.88
CA ASP B 861 35.40 -55.97 20.93
C ASP B 861 34.05 -55.26 20.86
N VAL B 862 34.09 -53.94 20.75
CA VAL B 862 32.85 -53.17 20.66
C VAL B 862 32.04 -53.64 19.46
N LEU B 863 32.70 -53.81 18.32
CA LEU B 863 32.00 -54.25 17.12
C LEU B 863 31.41 -55.64 17.30
N HIS B 864 32.08 -56.46 18.11
CA HIS B 864 31.62 -57.82 18.35
C HIS B 864 30.46 -57.89 19.34
N TRP B 865 30.34 -56.90 20.22
CA TRP B 865 29.28 -56.89 21.22
C TRP B 865 28.15 -55.88 21.06
N MET B 866 28.17 -55.11 19.97
CA MET B 866 27.13 -54.12 19.69
C MET B 866 25.75 -54.79 19.67
N ASP B 867 24.78 -54.22 20.35
CA ASP B 867 23.45 -54.81 20.36
C ASP B 867 22.62 -54.23 19.21
N TYR B 868 22.69 -54.88 18.06
CA TYR B 868 21.97 -54.44 16.85
C TYR B 868 20.46 -54.40 17.00
N THR B 869 19.90 -55.38 17.71
CA THR B 869 18.46 -55.47 17.90
C THR B 869 17.94 -54.27 18.66
N VAL B 870 18.59 -53.95 19.77
CA VAL B 870 18.18 -52.82 20.58
C VAL B 870 18.35 -51.53 19.77
N LEU B 871 19.51 -51.43 19.12
CA LEU B 871 19.80 -50.26 18.32
C LEU B 871 18.69 -50.02 17.31
N LEU B 872 18.33 -51.07 16.57
CA LEU B 872 17.28 -50.95 15.56
C LEU B 872 15.93 -50.56 16.17
N GLU B 873 15.52 -51.30 17.18
CA GLU B 873 14.25 -51.05 17.84
C GLU B 873 14.14 -49.64 18.43
N LYS B 874 15.16 -49.24 19.17
CA LYS B 874 15.19 -47.96 19.85
C LYS B 874 15.33 -46.71 18.97
N THR B 875 16.30 -46.72 18.07
CA THR B 875 16.54 -45.57 17.20
C THR B 875 15.71 -45.51 15.93
N PHE B 876 15.29 -46.67 15.41
CA PHE B 876 14.55 -46.68 14.14
C PHE B 876 13.06 -47.05 14.21
N ILE B 877 12.76 -48.23 14.73
CA ILE B 877 11.36 -48.68 14.79
C ILE B 877 10.47 -47.83 15.70
N LYS B 878 10.98 -47.48 16.89
CA LYS B 878 10.18 -46.70 17.81
C LYS B 878 9.74 -45.37 17.18
N PRO B 879 10.68 -44.58 16.66
CA PRO B 879 10.23 -43.32 16.04
C PRO B 879 9.37 -43.53 14.79
N LEU B 880 9.66 -44.55 14.00
CA LEU B 880 8.88 -44.83 12.79
C LEU B 880 7.44 -45.18 13.19
N GLU B 881 7.29 -45.94 14.27
CA GLU B 881 5.97 -46.32 14.75
C GLU B 881 5.19 -45.06 15.13
N GLY B 882 5.90 -44.09 15.68
CA GLY B 882 5.26 -42.84 16.05
C GLY B 882 4.76 -42.08 14.83
N PHE B 883 5.55 -42.07 13.75
CA PHE B 883 5.14 -41.37 12.53
C PHE B 883 3.89 -42.01 11.93
N THR B 884 3.96 -43.32 11.74
CA THR B 884 2.86 -44.08 11.13
C THR B 884 1.57 -44.07 11.95
N SER B 885 1.71 -44.20 13.26
CA SER B 885 0.53 -44.18 14.13
C SER B 885 -0.22 -42.89 13.93
N ALA B 886 0.49 -41.78 13.99
CA ALA B 886 -0.14 -40.47 13.81
C ALA B 886 -0.77 -40.38 12.43
N ALA B 887 -0.08 -40.90 11.42
CA ALA B 887 -0.56 -40.85 10.04
C ALA B 887 -1.61 -41.92 9.75
N LYS B 888 -1.92 -42.73 10.74
CA LYS B 888 -2.92 -43.79 10.56
C LYS B 888 -2.46 -44.76 9.49
N LEU B 889 -1.20 -45.20 9.57
CA LEU B 889 -0.65 -46.13 8.60
C LEU B 889 0.08 -47.30 9.27
N ASP B 890 0.37 -48.31 8.47
CA ASP B 890 1.08 -49.48 8.97
C ASP B 890 2.36 -49.65 8.18
N TYR B 891 3.48 -49.81 8.89
CA TYR B 891 4.75 -50.00 8.22
C TYR B 891 4.97 -51.49 7.99
N GLU B 892 3.99 -52.28 8.42
CA GLU B 892 3.98 -53.73 8.24
C GLU B 892 2.54 -54.17 7.96
N LYS B 893 2.32 -54.75 6.77
CA LYS B 893 0.99 -55.19 6.37
C LYS B 893 0.33 -56.08 7.43
N LYS B 894 -0.91 -55.74 7.78
CA LYS B 894 -1.67 -56.50 8.77
C LYS B 894 -2.15 -57.78 8.10
N ALA B 895 -2.47 -58.79 8.90
CA ALA B 895 -2.95 -60.06 8.36
C ALA B 895 -4.30 -59.93 7.67
N SER B 896 -5.28 -59.34 8.37
CA SER B 896 -6.62 -59.18 7.81
C SER B 896 -7.17 -57.77 7.95
N LEU B 897 -8.28 -57.52 7.24
CA LEU B 897 -8.93 -56.22 7.26
C LEU B 897 -9.40 -55.91 8.66
N PHE B 898 -9.73 -56.95 9.43
CA PHE B 898 -10.19 -56.77 10.80
C PHE B 898 -9.03 -56.33 11.68
N ASP B 899 -8.45 -55.19 11.31
CA ASP B 899 -7.32 -54.59 12.02
C ASP B 899 -7.79 -53.41 12.87
N MET B 900 -8.87 -53.61 13.60
CA MET B 900 -9.39 -52.57 14.47
C MET B 900 -8.88 -52.95 15.84
N PHE B 901 -9.31 -52.24 16.86
CA PHE B 901 -8.93 -52.58 18.22
C PHE B 901 -10.03 -53.55 18.64
N ASP B 902 -9.76 -54.85 18.54
CA ASP B 902 -10.74 -55.90 18.85
C ASP B 902 -11.72 -55.99 17.69
N PHE B 903 -11.18 -55.88 16.48
CA PHE B 903 -11.97 -55.95 15.24
C PHE B 903 -13.36 -55.36 15.42
P G35 C 4 -30.96 21.31 -2.98
C2 G35 C 4 -25.82 23.35 -7.37
N3 G35 C 4 -26.77 22.96 -6.52
C4 G35 C 4 -26.81 21.63 -5.90
C5 G35 C 4 -26.15 20.58 -6.79
O5 G35 C 4 -26.60 20.20 -7.88
N7 G35 C 4 -25.05 20.12 -6.21
C8 G35 C 4 -24.91 20.71 -5.02
O8 G35 C 4 -23.96 20.49 -4.28
N9 G35 C 4 -25.87 21.58 -4.77
C1' G35 C 4 -25.99 22.36 -3.55
N11 G35 C 4 -25.87 24.57 -7.89
N12 G35 C 4 -24.82 22.54 -7.69
C2' G35 C 4 -26.98 23.51 -3.63
C3' G35 C 4 -27.45 23.64 -2.19
O3' G35 C 4 -26.52 24.39 -1.45
C4' G35 C 4 -27.40 22.21 -1.67
O4' G35 C 4 -26.48 21.49 -2.54
C5' G35 C 4 -28.74 21.52 -1.62
O5' G35 C 4 -29.46 21.77 -2.83
OP2 G35 C 4 -31.41 21.64 -4.34
OP1 G35 C 4 -31.01 19.90 -2.49
P G35 E 4 23.63 -12.02 25.80
C2 G35 E 4 21.98 -17.36 22.79
N3 G35 E 4 21.08 -16.51 22.30
C4 G35 E 4 21.43 -15.11 22.05
C5 G35 E 4 21.61 -14.94 20.54
O5 G35 E 4 22.55 -15.38 19.88
N7 G35 E 4 20.63 -14.19 20.04
C8 G35 E 4 19.83 -13.81 21.03
O8 G35 E 4 18.81 -13.15 20.88
N9 G35 E 4 20.24 -14.28 22.21
C1' G35 E 4 19.59 -14.01 23.49
N11 G35 E 4 21.64 -18.63 23.02
N12 G35 E 4 23.20 -16.93 23.06
C2' G35 E 4 20.25 -14.70 24.67
C3' G35 E 4 19.91 -13.77 25.82
O3' G35 E 4 18.56 -14.03 26.22
C4' G35 E 4 19.91 -12.38 25.16
O4' G35 E 4 19.71 -12.62 23.75
C5' G35 E 4 21.09 -11.47 25.41
O5' G35 E 4 22.31 -12.02 24.90
OP2 G35 E 4 24.78 -12.37 24.93
OP1 G35 E 4 23.66 -10.76 26.56
S SO4 G . 59.82 -11.87 34.43
O1 SO4 G . 61.29 -11.72 34.40
O2 SO4 G . 59.46 -12.85 35.48
O3 SO4 G . 59.19 -10.57 34.70
O4 SO4 G . 59.33 -12.35 33.12
S SO4 H . 43.86 -17.37 0.40
O1 SO4 H . 43.66 -16.01 -0.14
O2 SO4 H . 45.07 -17.37 1.24
O3 SO4 H . 42.70 -17.75 1.22
O4 SO4 H . 44.02 -18.32 -0.72
#